data_6W8W
#
_entry.id   6W8W
#
_cell.length_a   89.794
_cell.length_b   152.593
_cell.length_c   95.631
_cell.angle_alpha   90.000
_cell.angle_beta   94.740
_cell.angle_gamma   90.000
#
_symmetry.space_group_name_H-M   'P 1 21 1'
#
loop_
_entity.id
_entity.type
_entity.pdbx_description
1 polymer 'DNA (cytosine-5)-methyltransferase 1'
2 polymer "CCG DNA (5'-D(*AP*CP*TP*TP*AP*(5CM)P*GP*GP*AP*AP*GP*G)-3')"
3 polymer "CCG DNA (5'-D(*CP*CP*TP*TP*CP*(C49)P*GP*TP*AP*AP*GP*T)-3')"
4 non-polymer S-ADENOSYL-L-HOMOCYSTEINE
5 non-polymer 'ZINC ION'
6 water water
#
loop_
_entity_poly.entity_id
_entity_poly.type
_entity_poly.pdbx_seq_one_letter_code
_entity_poly.pdbx_strand_id
1 'polypeptide(L)'
;SKDRISWLGQPMKIEENRTYYQKVSIDEEMLEVGDCVSVIPDDSSKPLYLARVTALWEDKNGQMMFHAHWFCAGTDTVLG
ATSDPLELFLVGECENMQLSYIHSKVKVIYKAPSENWAMEGGTDPETTLPGAEDGKTYFFQLWYNQEYARFESPPKTQPT
EDNKHKFCLSCIRLAELRQKEMPKVLEQIEEVDGRVYCSSITKNGVVYRLGDSVYLPPEAFTFNIKVASPVKRPKKDPVN
ETLYPEHYRKYSDYIKGSNLDAPEPYRIGRIKEIHCGKKKGKVNEADIKLRLYKFYRPENTHRSYNGSYHTDINMLYWSD
EEAVVNFSDVQGRCTVEYGEDLLESIQDYSQGGPDRFYFLEAYNSKTKNFEDPPNHARSPGNKGKGKGKGKGKGKHQVSE
PKEPEAAIKLPKLRTLDVFSGCGGLSEGFHQAGISETLWAIEMWDPAAQAFRLNNPGTTVFTEDCNVLLKLVMAGEVTNS
LGQRLPQKGDVEMLCGGPPCQGFSGMNRFNSRTYSKFKNSLVVSFLSYCDYYRPRFFLLENVRNFVSYRRSMVLKLTLRC
LVRMGYQCTFGVLQAGQYGVAQTRRRAIILAAAPGEKLPLFPEPLHVFAPRACQLSVVVDDKKFVSNITRLSSGPFRTIT
VRDTMSDLPEIQNGASNSEIPYNGEPLSWFQRQLRGSHYQPILRDHICKDMSPLVAARMRHIPLFPGSDWRDLPNIQVRL
GDGVIAHKLQYTFHDVKNGYSSTGALRGVCSCAEGKACDPESRQFSTLIPWCLPHTGNRHNHWAGLYGRLEWDGFFSTTV
TNPEPMGKQGRVLHPEQHRVVSVRECARSQGFPDSYRFFGNILDRHRQVGNAVPPPLAKAIGLEIKLCLLSSA
;
A,B
2 'polydeoxyribonucleotide' (DA)(DC)(DT)(DT)(DA)(5CM)(DG)(DG)(DA)(DA)(DG)(DG) C,E
3 'polydeoxyribonucleotide' (DC)(DC)(DT)(DT)(DC)(C49)(DG)(DT)(DA)(DA)(DG)(DT) D,F
#
loop_
_chem_comp.id
_chem_comp.type
_chem_comp.name
_chem_comp.formula
5CM DNA linking 5-METHYL-2'-DEOXY-CYTIDINE-5'-MONOPHOSPHATE 'C10 H16 N3 O7 P'
C49 DNA linking 4-THIO,5-FLUORO,5-METHYL-2'-DEOXY-CYTIDINE-5'-MONOPHOSPHATE 'C10 H15 F N3 O7 P S'
DA DNA linking 2'-DEOXYADENOSINE-5'-MONOPHOSPHATE 'C10 H14 N5 O6 P'
DC DNA linking 2'-DEOXYCYTIDINE-5'-MONOPHOSPHATE 'C9 H14 N3 O7 P'
DG DNA linking 2'-DEOXYGUANOSINE-5'-MONOPHOSPHATE 'C10 H14 N5 O7 P'
DT DNA linking THYMIDINE-5'-MONOPHOSPHATE 'C10 H15 N2 O8 P'
SAH non-polymer S-ADENOSYL-L-HOMOCYSTEINE 'C14 H20 N6 O5 S'
ZN non-polymer 'ZINC ION' 'Zn 2'
#
# COMPACT_ATOMS: atom_id res chain seq x y z
N ASP A 3 -36.00 22.69 -10.11
CA ASP A 3 -36.81 23.90 -10.00
C ASP A 3 -38.27 23.56 -9.70
N ARG A 4 -39.13 23.77 -10.70
CA ARG A 4 -40.53 23.40 -10.62
C ARG A 4 -40.77 22.19 -11.51
N ILE A 5 -41.48 21.20 -10.98
CA ILE A 5 -41.57 19.87 -11.57
C ILE A 5 -43.03 19.41 -11.56
N SER A 6 -43.62 19.22 -12.73
CA SER A 6 -45.04 18.88 -12.86
C SER A 6 -45.22 17.45 -13.34
N TRP A 7 -46.33 16.84 -12.91
CA TRP A 7 -46.63 15.46 -13.27
C TRP A 7 -47.31 15.38 -14.64
N LEU A 8 -47.12 14.25 -15.31
CA LEU A 8 -47.58 14.06 -16.68
C LEU A 8 -48.61 12.94 -16.73
N GLY A 9 -49.78 13.24 -17.28
CA GLY A 9 -50.80 12.23 -17.49
C GLY A 9 -51.49 11.81 -16.20
N GLN A 10 -52.41 10.86 -16.36
CA GLN A 10 -53.16 10.34 -15.23
C GLN A 10 -52.29 9.39 -14.41
N PRO A 11 -52.36 9.46 -13.08
CA PRO A 11 -51.57 8.55 -12.25
C PRO A 11 -52.02 7.10 -12.45
N MET A 12 -51.06 6.19 -12.41
CA MET A 12 -51.28 4.80 -12.76
C MET A 12 -51.10 3.90 -11.54
N LYS A 13 -52.04 2.99 -11.34
CA LYS A 13 -51.97 1.97 -10.28
C LYS A 13 -51.76 2.62 -8.90
N ILE A 14 -52.48 3.72 -8.67
CA ILE A 14 -52.37 4.43 -7.40
C ILE A 14 -52.91 3.55 -6.27
N GLU A 15 -52.21 3.57 -5.14
CA GLU A 15 -52.70 2.88 -3.97
C GLU A 15 -53.51 3.83 -3.11
N GLU A 16 -54.20 3.25 -2.12
CA GLU A 16 -55.07 4.07 -1.28
C GLU A 16 -54.28 5.12 -0.50
N ASN A 17 -52.95 4.96 -0.38
CA ASN A 17 -52.12 5.87 0.40
C ASN A 17 -50.86 6.33 -0.36
N ARG A 18 -50.76 6.05 -1.66
CA ARG A 18 -49.58 6.40 -2.44
C ARG A 18 -49.99 6.52 -3.90
N THR A 19 -49.47 7.54 -4.57
CA THR A 19 -49.97 7.99 -5.88
C THR A 19 -48.89 7.85 -6.94
N TYR A 20 -48.77 6.67 -7.56
CA TYR A 20 -47.81 6.46 -8.64
C TYR A 20 -48.27 7.15 -9.93
N TYR A 21 -47.31 7.72 -10.67
CA TYR A 21 -47.56 8.37 -11.95
C TYR A 21 -46.88 7.60 -13.08
N GLN A 22 -46.66 8.27 -14.21
CA GLN A 22 -46.22 7.59 -15.41
C GLN A 22 -45.07 8.35 -16.04
N LYS A 23 -45.17 9.68 -16.02
CA LYS A 23 -44.15 10.57 -16.56
C LYS A 23 -44.16 11.86 -15.77
N VAL A 24 -43.00 12.53 -15.73
CA VAL A 24 -42.81 13.81 -15.06
C VAL A 24 -41.83 14.65 -15.89
N SER A 25 -41.79 15.96 -15.61
CA SER A 25 -40.96 16.91 -16.35
C SER A 25 -40.15 17.76 -15.37
N ILE A 26 -38.83 17.69 -15.48
CA ILE A 26 -37.92 18.41 -14.59
C ILE A 26 -37.25 19.52 -15.37
N ASP A 27 -37.50 20.77 -14.97
CA ASP A 27 -36.90 21.93 -15.63
C ASP A 27 -37.19 21.91 -17.13
N GLU A 28 -38.43 21.57 -17.48
CA GLU A 28 -38.91 21.44 -18.87
C GLU A 28 -38.26 20.26 -19.59
N GLU A 29 -37.91 19.20 -18.87
CA GLU A 29 -37.35 17.98 -19.44
C GLU A 29 -38.46 16.93 -19.58
N MET A 30 -38.09 15.76 -20.05
CA MET A 30 -39.00 14.62 -20.18
C MET A 30 -38.41 13.43 -19.43
N LEU A 31 -39.22 12.84 -18.54
CA LEU A 31 -38.78 11.74 -17.69
C LEU A 31 -39.89 10.68 -17.66
N GLU A 32 -39.48 9.42 -17.75
CA GLU A 32 -40.45 8.32 -17.81
C GLU A 32 -39.79 7.03 -17.39
N VAL A 33 -40.62 6.05 -17.02
CA VAL A 33 -40.10 4.77 -16.53
C VAL A 33 -39.37 4.05 -17.67
N GLY A 34 -38.16 3.62 -17.38
CA GLY A 34 -37.24 3.11 -18.38
C GLY A 34 -35.95 3.90 -18.39
N ASP A 35 -36.06 5.23 -18.29
CA ASP A 35 -34.91 6.11 -18.43
C ASP A 35 -34.02 6.02 -17.18
N CYS A 36 -33.03 6.90 -17.09
CA CYS A 36 -32.09 6.91 -15.98
C CYS A 36 -31.66 8.34 -15.69
N VAL A 37 -31.12 8.57 -14.50
CA VAL A 37 -30.94 9.92 -13.97
C VAL A 37 -29.63 10.01 -13.20
N SER A 38 -29.01 11.19 -13.22
CA SER A 38 -27.81 11.48 -12.46
C SER A 38 -28.14 12.27 -11.20
N VAL A 39 -27.29 12.12 -10.18
CA VAL A 39 -27.46 12.81 -8.90
C VAL A 39 -26.10 12.96 -8.24
N ILE A 40 -25.91 14.07 -7.54
CA ILE A 40 -24.64 14.40 -6.91
C ILE A 40 -24.64 13.94 -5.46
N PRO A 41 -23.56 13.33 -4.98
CA PRO A 41 -23.57 12.74 -3.63
C PRO A 41 -23.43 13.76 -2.52
N ASP A 42 -23.81 13.33 -1.32
CA ASP A 42 -23.60 14.09 -0.09
C ASP A 42 -22.56 13.46 0.83
N ASP A 43 -22.19 12.21 0.60
CA ASP A 43 -21.52 11.41 1.63
C ASP A 43 -20.34 10.58 1.16
N SER A 44 -20.08 10.45 -0.14
CA SER A 44 -19.12 9.48 -0.62
C SER A 44 -17.95 10.17 -1.31
N SER A 45 -16.87 9.39 -1.49
CA SER A 45 -15.73 9.84 -2.26
C SER A 45 -16.05 9.96 -3.75
N LYS A 46 -17.17 9.37 -4.19
CA LYS A 46 -17.51 9.40 -5.60
C LYS A 46 -17.96 10.80 -6.01
N PRO A 47 -17.66 11.20 -7.26
CA PRO A 47 -18.07 12.52 -7.73
C PRO A 47 -19.51 12.60 -8.22
N LEU A 48 -20.15 11.47 -8.51
CA LEU A 48 -21.52 11.47 -9.02
C LEU A 48 -22.06 10.05 -8.97
N TYR A 49 -23.39 9.94 -8.88
CA TYR A 49 -24.09 8.66 -8.86
C TYR A 49 -24.98 8.52 -10.08
N LEU A 50 -25.26 7.27 -10.47
CA LEU A 50 -26.11 6.96 -11.60
C LEU A 50 -27.09 5.87 -11.20
N ALA A 51 -28.38 6.12 -11.42
CA ALA A 51 -29.44 5.20 -11.02
C ALA A 51 -30.42 5.01 -12.16
N ARG A 52 -31.39 4.13 -11.95
CA ARG A 52 -32.44 3.86 -12.91
C ARG A 52 -33.79 4.21 -12.28
N VAL A 53 -34.67 4.81 -13.09
CA VAL A 53 -36.03 5.09 -12.67
C VAL A 53 -36.73 3.78 -12.32
N THR A 54 -37.85 3.89 -11.62
CA THR A 54 -38.56 2.73 -11.10
C THR A 54 -40.04 3.04 -10.99
N ALA A 55 -40.35 4.03 -10.14
CA ALA A 55 -41.71 4.37 -9.77
C ALA A 55 -41.84 5.89 -9.75
N LEU A 56 -43.08 6.35 -9.64
CA LEU A 56 -43.43 7.72 -10.01
C LEU A 56 -44.46 8.29 -9.05
N TRP A 57 -44.21 8.22 -7.75
CA TRP A 57 -45.28 8.48 -6.80
C TRP A 57 -45.09 9.78 -6.03
N GLU A 58 -46.22 10.41 -5.71
CA GLU A 58 -46.29 11.62 -4.92
C GLU A 58 -46.96 11.28 -3.60
N ASP A 59 -46.26 11.50 -2.49
CA ASP A 59 -46.82 11.11 -1.21
C ASP A 59 -47.95 12.05 -0.80
N LYS A 60 -48.78 11.57 0.12
CA LYS A 60 -49.85 12.42 0.63
C LYS A 60 -49.32 13.53 1.52
N ASN A 61 -48.06 13.46 1.93
CA ASN A 61 -47.46 14.51 2.76
C ASN A 61 -47.17 15.78 1.97
N GLY A 62 -47.24 15.73 0.64
CA GLY A 62 -46.98 16.88 -0.20
C GLY A 62 -45.71 16.78 -1.01
N GLN A 63 -44.76 15.96 -0.58
CA GLN A 63 -43.51 15.80 -1.32
C GLN A 63 -43.76 15.01 -2.60
N MET A 64 -42.79 15.06 -3.51
CA MET A 64 -42.80 14.24 -4.70
C MET A 64 -41.48 13.49 -4.76
N MET A 65 -41.54 12.16 -4.67
CA MET A 65 -40.33 11.36 -4.65
C MET A 65 -40.41 10.28 -5.72
N PHE A 66 -39.28 9.61 -5.93
CA PHE A 66 -39.24 8.48 -6.85
C PHE A 66 -38.14 7.52 -6.40
N HIS A 67 -38.38 6.24 -6.67
CA HIS A 67 -37.47 5.17 -6.30
C HIS A 67 -36.42 5.00 -7.41
N ALA A 68 -35.22 4.58 -7.03
CA ALA A 68 -34.09 4.59 -7.94
C ALA A 68 -33.23 3.35 -7.73
N HIS A 69 -33.05 2.58 -8.81
CA HIS A 69 -32.16 1.42 -8.80
C HIS A 69 -30.78 1.89 -9.23
N TRP A 70 -29.87 2.06 -8.27
CA TRP A 70 -28.56 2.60 -8.56
C TRP A 70 -27.74 1.65 -9.42
N PHE A 71 -26.80 2.22 -10.17
CA PHE A 71 -25.86 1.48 -10.97
C PHE A 71 -24.52 1.36 -10.23
N CYS A 72 -23.50 0.92 -10.95
CA CYS A 72 -22.17 0.75 -10.37
C CYS A 72 -21.14 1.14 -11.43
N ALA A 73 -20.40 2.21 -11.17
CA ALA A 73 -19.27 2.54 -12.03
C ALA A 73 -18.23 1.41 -11.96
N GLY A 74 -17.52 1.22 -13.07
CA GLY A 74 -16.48 0.21 -13.08
C GLY A 74 -15.41 0.46 -12.04
N THR A 75 -15.20 1.73 -11.67
CA THR A 75 -14.27 2.02 -10.59
C THR A 75 -14.83 1.59 -9.25
N ASP A 76 -16.15 1.65 -9.07
CA ASP A 76 -16.76 1.17 -7.82
C ASP A 76 -16.58 -0.33 -7.65
N THR A 77 -16.29 -1.05 -8.73
CA THR A 77 -16.16 -2.50 -8.68
C THR A 77 -14.71 -2.89 -8.35
N VAL A 78 -14.43 -4.19 -8.43
CA VAL A 78 -13.07 -4.68 -8.25
C VAL A 78 -12.16 -4.24 -9.39
N LEU A 79 -12.75 -3.88 -10.54
CA LEU A 79 -11.94 -3.47 -11.68
C LEU A 79 -11.11 -2.23 -11.36
N GLY A 80 -11.74 -1.18 -10.82
CA GLY A 80 -11.07 0.06 -10.52
C GLY A 80 -10.77 0.94 -11.71
N ALA A 81 -9.52 1.44 -11.79
CA ALA A 81 -9.15 2.37 -12.86
C ALA A 81 -9.00 1.68 -14.20
N THR A 82 -8.77 0.36 -14.23
CA THR A 82 -8.68 -0.38 -15.49
C THR A 82 -10.03 -0.66 -16.10
N SER A 83 -11.12 -0.29 -15.44
CA SER A 83 -12.45 -0.56 -15.94
C SER A 83 -12.73 0.23 -17.21
N ASP A 84 -13.84 -0.09 -17.84
CA ASP A 84 -14.32 0.70 -18.96
C ASP A 84 -15.07 1.90 -18.43
N PRO A 85 -14.61 3.13 -18.68
CA PRO A 85 -15.30 4.31 -18.14
C PRO A 85 -16.70 4.48 -18.69
N LEU A 86 -17.02 3.85 -19.82
CA LEU A 86 -18.36 3.86 -20.39
C LEU A 86 -19.22 2.71 -19.89
N GLU A 87 -18.69 1.84 -19.03
CA GLU A 87 -19.37 0.62 -18.63
C GLU A 87 -19.90 0.75 -17.20
N LEU A 88 -21.14 0.31 -17.01
CA LEU A 88 -21.79 0.27 -15.71
C LEU A 88 -22.20 -1.17 -15.41
N PHE A 89 -22.62 -1.39 -14.16
CA PHE A 89 -23.06 -2.72 -13.73
C PHE A 89 -24.26 -2.58 -12.81
N LEU A 90 -25.11 -3.61 -12.79
CA LEU A 90 -26.27 -3.67 -11.92
C LEU A 90 -25.87 -4.18 -10.54
N VAL A 91 -26.44 -3.58 -9.51
CA VAL A 91 -26.12 -3.92 -8.12
C VAL A 91 -27.41 -3.93 -7.30
N GLY A 92 -27.29 -4.43 -6.07
CA GLY A 92 -28.42 -4.56 -5.19
C GLY A 92 -28.63 -3.39 -4.24
N GLU A 93 -28.27 -2.18 -4.69
CA GLU A 93 -28.52 -0.96 -3.93
C GLU A 93 -29.72 -0.23 -4.53
N CYS A 94 -30.61 0.23 -3.67
CA CYS A 94 -31.81 0.93 -4.12
C CYS A 94 -32.24 1.92 -3.03
N GLU A 95 -32.81 3.03 -3.48
CA GLU A 95 -33.22 4.12 -2.61
C GLU A 95 -34.51 4.73 -3.15
N ASN A 96 -35.23 5.43 -2.28
CA ASN A 96 -36.39 6.24 -2.65
C ASN A 96 -36.05 7.69 -2.36
N MET A 97 -36.26 8.55 -3.36
CA MET A 97 -35.57 9.83 -3.41
C MET A 97 -36.48 10.90 -4.01
N GLN A 98 -36.34 12.13 -3.51
CA GLN A 98 -37.09 13.25 -4.05
C GLN A 98 -36.50 13.70 -5.38
N LEU A 99 -37.38 14.12 -6.29
CA LEU A 99 -36.96 14.49 -7.64
C LEU A 99 -36.13 15.77 -7.68
N SER A 100 -36.04 16.51 -6.57
CA SER A 100 -35.23 17.72 -6.55
C SER A 100 -33.73 17.44 -6.56
N TYR A 101 -33.32 16.20 -6.30
CA TYR A 101 -31.92 15.81 -6.34
C TYR A 101 -31.47 15.35 -7.72
N ILE A 102 -32.36 15.40 -8.71
CA ILE A 102 -32.03 14.96 -10.06
C ILE A 102 -31.11 15.98 -10.72
N HIS A 103 -29.88 15.58 -11.02
CA HIS A 103 -28.99 16.41 -11.81
C HIS A 103 -29.60 16.61 -13.19
N SER A 104 -29.63 15.54 -14.00
CA SER A 104 -30.50 15.38 -15.16
C SER A 104 -30.20 14.09 -15.91
N LYS A 105 -30.84 13.92 -17.06
CA LYS A 105 -31.08 12.62 -17.65
C LYS A 105 -29.84 12.06 -18.34
N VAL A 106 -29.53 10.78 -18.07
CA VAL A 106 -28.45 10.07 -18.74
C VAL A 106 -29.04 9.09 -19.75
N LYS A 107 -28.18 8.32 -20.41
CA LYS A 107 -28.60 7.34 -21.41
C LYS A 107 -27.70 6.12 -21.30
N VAL A 108 -28.25 5.02 -20.80
CA VAL A 108 -27.52 3.77 -20.63
C VAL A 108 -28.20 2.70 -21.46
N ILE A 109 -27.42 1.99 -22.28
CA ILE A 109 -27.93 1.01 -23.23
C ILE A 109 -27.45 -0.37 -22.82
N TYR A 110 -28.32 -1.37 -22.98
CA TYR A 110 -28.02 -2.75 -22.58
C TYR A 110 -27.31 -3.46 -23.73
N LYS A 111 -26.03 -3.80 -23.51
CA LYS A 111 -25.24 -4.53 -24.49
C LYS A 111 -25.40 -6.02 -24.21
N ALA A 112 -26.39 -6.62 -24.87
CA ALA A 112 -26.65 -8.04 -24.70
C ALA A 112 -25.64 -8.86 -25.50
N PRO A 113 -25.25 -10.02 -24.99
CA PRO A 113 -24.34 -10.89 -25.75
C PRO A 113 -24.99 -11.35 -27.05
N SER A 114 -24.16 -11.49 -28.08
CA SER A 114 -24.66 -11.85 -29.40
C SER A 114 -25.27 -13.24 -29.39
N GLU A 115 -26.14 -13.50 -30.37
CA GLU A 115 -26.57 -14.86 -30.63
C GLU A 115 -25.45 -15.70 -31.23
N ASN A 116 -24.47 -15.05 -31.86
CA ASN A 116 -23.26 -15.68 -32.36
C ASN A 116 -22.07 -15.45 -31.43
N TRP A 117 -22.31 -15.39 -30.12
CA TRP A 117 -21.25 -15.03 -29.19
C TRP A 117 -20.17 -16.10 -29.11
N ALA A 118 -20.56 -17.38 -29.19
CA ALA A 118 -19.59 -18.46 -29.07
C ALA A 118 -18.69 -18.59 -30.29
N MET A 119 -18.97 -17.86 -31.37
CA MET A 119 -18.20 -17.95 -32.60
C MET A 119 -17.36 -16.73 -32.87
N GLU A 120 -17.42 -15.71 -32.02
CA GLU A 120 -16.62 -14.50 -32.20
C GLU A 120 -15.23 -14.71 -31.60
N GLY A 121 -14.44 -13.65 -31.56
CA GLY A 121 -13.09 -13.74 -31.01
C GLY A 121 -12.04 -14.02 -32.05
N GLY A 122 -11.85 -13.07 -32.97
CA GLY A 122 -10.86 -13.21 -34.02
C GLY A 122 -9.98 -11.98 -34.17
N GLY A 135 -22.00 13.82 -25.78
CA GLY A 135 -21.09 13.67 -24.65
C GLY A 135 -20.64 12.23 -24.42
N LYS A 136 -21.16 11.63 -23.35
CA LYS A 136 -20.79 10.28 -22.94
C LYS A 136 -22.03 9.41 -22.86
N THR A 137 -21.94 8.20 -23.41
CA THR A 137 -23.03 7.24 -23.43
C THR A 137 -22.60 5.97 -22.72
N TYR A 138 -23.28 5.63 -21.63
CA TYR A 138 -22.92 4.48 -20.82
C TYR A 138 -23.62 3.21 -21.32
N PHE A 139 -23.11 2.07 -20.86
CA PHE A 139 -23.70 0.78 -21.20
C PHE A 139 -23.45 -0.20 -20.06
N PHE A 140 -24.37 -1.14 -19.89
CA PHE A 140 -24.25 -2.18 -18.88
C PHE A 140 -24.49 -3.53 -19.54
N GLN A 141 -23.97 -4.57 -18.92
CA GLN A 141 -24.16 -5.93 -19.43
C GLN A 141 -24.33 -6.99 -18.35
N LEU A 142 -23.81 -6.80 -17.14
CA LEU A 142 -23.82 -7.85 -16.13
C LEU A 142 -24.10 -7.24 -14.76
N TRP A 143 -24.57 -8.09 -13.84
CA TRP A 143 -24.89 -7.70 -12.48
C TRP A 143 -23.68 -7.90 -11.57
N TYR A 144 -23.42 -6.93 -10.70
CA TYR A 144 -22.27 -6.94 -9.81
C TYR A 144 -22.73 -7.07 -8.36
N ASN A 145 -22.05 -7.91 -7.60
CA ASN A 145 -22.30 -8.11 -6.17
C ASN A 145 -21.00 -7.79 -5.44
N GLN A 146 -20.96 -6.64 -4.75
CA GLN A 146 -19.71 -6.14 -4.19
C GLN A 146 -19.17 -6.96 -3.04
N GLU A 147 -19.98 -7.86 -2.45
CA GLU A 147 -19.50 -8.59 -1.29
C GLU A 147 -18.51 -9.69 -1.69
N TYR A 148 -18.88 -10.52 -2.67
CA TYR A 148 -18.04 -11.62 -3.11
C TYR A 148 -17.42 -11.38 -4.48
N ALA A 149 -17.60 -10.18 -5.04
CA ALA A 149 -17.02 -9.80 -6.34
C ALA A 149 -17.38 -10.81 -7.43
N ARG A 150 -18.65 -10.77 -7.82
CA ARG A 150 -19.21 -11.71 -8.79
C ARG A 150 -19.91 -10.93 -9.89
N PHE A 151 -19.41 -11.08 -11.12
CA PHE A 151 -20.06 -10.52 -12.30
C PHE A 151 -21.00 -11.58 -12.87
N GLU A 152 -22.31 -11.38 -12.71
CA GLU A 152 -23.30 -12.35 -13.14
C GLU A 152 -24.19 -11.74 -14.22
N SER A 153 -24.71 -12.61 -15.08
CA SER A 153 -25.66 -12.16 -16.09
C SER A 153 -26.95 -11.69 -15.41
N PRO A 154 -27.55 -10.60 -15.88
CA PRO A 154 -28.70 -10.04 -15.17
C PRO A 154 -29.88 -11.00 -15.20
N PRO A 155 -30.76 -10.93 -14.19
CA PRO A 155 -31.94 -11.80 -14.18
C PRO A 155 -32.90 -11.45 -15.32
N LYS A 156 -33.75 -12.42 -15.66
CA LYS A 156 -34.63 -12.31 -16.81
C LYS A 156 -36.10 -12.22 -16.41
N THR A 157 -36.41 -11.96 -15.14
CA THR A 157 -37.80 -11.85 -14.71
C THR A 157 -38.38 -10.51 -15.15
N GLN A 158 -39.67 -10.51 -15.44
CA GLN A 158 -40.36 -9.41 -16.10
C GLN A 158 -41.41 -8.79 -15.19
N PRO A 159 -41.78 -7.53 -15.43
CA PRO A 159 -42.92 -6.94 -14.73
C PRO A 159 -44.24 -7.38 -15.32
N THR A 160 -45.27 -7.39 -14.47
CA THR A 160 -46.62 -7.70 -14.91
C THR A 160 -47.53 -6.54 -14.51
N GLU A 161 -48.84 -6.80 -14.43
CA GLU A 161 -49.79 -5.75 -14.07
C GLU A 161 -49.56 -5.28 -12.64
N ASP A 162 -49.35 -6.21 -11.70
CA ASP A 162 -49.05 -5.82 -10.33
C ASP A 162 -47.72 -5.08 -10.23
N ASN A 163 -46.78 -5.39 -11.12
CA ASN A 163 -45.39 -4.98 -10.95
C ASN A 163 -45.01 -3.72 -11.74
N LYS A 164 -45.77 -3.36 -12.78
CA LYS A 164 -45.28 -2.37 -13.74
C LYS A 164 -44.99 -1.02 -13.10
N HIS A 165 -45.71 -0.67 -12.03
CA HIS A 165 -45.47 0.60 -11.37
C HIS A 165 -44.45 0.51 -10.24
N LYS A 166 -44.21 -0.67 -9.69
CA LYS A 166 -43.31 -0.84 -8.56
C LYS A 166 -42.05 -1.62 -8.92
N PHE A 167 -41.83 -1.95 -10.18
CA PHE A 167 -40.82 -2.93 -10.55
C PHE A 167 -39.42 -2.44 -10.19
N CYS A 168 -38.82 -3.04 -9.18
CA CYS A 168 -37.45 -2.76 -8.77
C CYS A 168 -36.77 -4.10 -8.53
N LEU A 169 -35.84 -4.48 -9.42
CA LEU A 169 -35.16 -5.76 -9.30
C LEU A 169 -34.36 -5.85 -8.00
N SER A 170 -33.85 -4.72 -7.51
CA SER A 170 -33.12 -4.73 -6.25
C SER A 170 -34.03 -4.97 -5.07
N CYS A 171 -35.24 -4.40 -5.11
CA CYS A 171 -36.21 -4.66 -4.05
C CYS A 171 -36.63 -6.12 -4.05
N ILE A 172 -36.74 -6.73 -5.23
CA ILE A 172 -37.18 -8.12 -5.30
C ILE A 172 -36.10 -9.07 -4.80
N ARG A 173 -34.84 -8.83 -5.21
CA ARG A 173 -33.76 -9.65 -4.69
C ARG A 173 -33.61 -9.51 -3.19
N LEU A 174 -33.88 -8.32 -2.65
CA LEU A 174 -33.82 -8.13 -1.20
C LEU A 174 -34.96 -8.87 -0.51
N ALA A 175 -36.18 -8.76 -1.04
CA ALA A 175 -37.32 -9.41 -0.42
C ALA A 175 -37.21 -10.93 -0.49
N GLU A 176 -36.73 -11.46 -1.62
CA GLU A 176 -36.58 -12.90 -1.76
C GLU A 176 -35.46 -13.43 -0.90
N LEU A 177 -34.36 -12.67 -0.78
CA LEU A 177 -33.24 -13.12 0.05
C LEU A 177 -33.58 -13.03 1.54
N ARG A 178 -34.26 -11.96 1.94
CA ARG A 178 -34.58 -11.80 3.36
C ARG A 178 -35.65 -12.78 3.79
N GLN A 179 -36.66 -13.01 2.96
CA GLN A 179 -37.64 -14.06 3.26
C GLN A 179 -36.98 -15.42 3.29
N LYS A 180 -36.00 -15.65 2.42
CA LYS A 180 -35.22 -16.88 2.48
C LYS A 180 -34.47 -16.99 3.80
N GLU A 181 -33.83 -15.90 4.23
CA GLU A 181 -33.00 -15.95 5.43
C GLU A 181 -33.83 -16.01 6.70
N MET A 182 -35.07 -15.54 6.66
CA MET A 182 -35.90 -15.52 7.86
C MET A 182 -36.22 -16.94 8.31
N PRO A 183 -36.16 -17.21 9.61
CA PRO A 183 -36.72 -18.47 10.12
C PRO A 183 -38.23 -18.42 10.08
N LYS A 184 -38.84 -19.59 9.84
CA LYS A 184 -40.29 -19.66 9.73
C LYS A 184 -40.75 -21.02 10.20
N VAL A 185 -41.87 -21.04 10.93
CA VAL A 185 -42.52 -22.28 11.34
C VAL A 185 -43.49 -22.69 10.24
N LEU A 186 -43.34 -23.94 9.77
CA LEU A 186 -44.19 -24.43 8.68
C LEU A 186 -45.48 -25.04 9.21
N GLU A 187 -45.39 -26.12 9.98
CA GLU A 187 -46.56 -26.71 10.62
C GLU A 187 -46.30 -26.87 12.10
N GLN A 188 -47.29 -26.46 12.90
CA GLN A 188 -47.22 -26.43 14.35
C GLN A 188 -48.17 -27.46 14.93
N ILE A 189 -47.74 -28.14 15.99
CA ILE A 189 -48.48 -29.27 16.53
C ILE A 189 -49.56 -28.80 17.49
N GLU A 190 -49.18 -28.50 18.72
CA GLU A 190 -50.13 -28.06 19.74
C GLU A 190 -49.51 -26.97 20.60
N GLU A 191 -50.33 -26.00 20.98
CA GLU A 191 -49.92 -24.95 21.91
C GLU A 191 -50.24 -25.39 23.32
N VAL A 192 -49.28 -25.24 24.23
CA VAL A 192 -49.43 -25.66 25.62
C VAL A 192 -48.94 -24.54 26.52
N ASP A 193 -49.88 -23.86 27.18
CA ASP A 193 -49.59 -22.94 28.28
C ASP A 193 -48.51 -21.93 27.91
N GLY A 194 -48.71 -21.27 26.76
CA GLY A 194 -47.79 -20.26 26.29
C GLY A 194 -46.72 -20.74 25.34
N ARG A 195 -46.38 -22.02 25.37
CA ARG A 195 -45.37 -22.59 24.50
C ARG A 195 -46.05 -23.43 23.42
N VAL A 196 -45.69 -23.19 22.16
CA VAL A 196 -46.25 -23.90 21.03
C VAL A 196 -45.17 -24.82 20.46
N TYR A 197 -45.50 -26.11 20.35
CA TYR A 197 -44.59 -27.11 19.82
C TYR A 197 -44.78 -27.22 18.31
N CYS A 198 -43.68 -27.48 17.61
CA CYS A 198 -43.66 -27.44 16.15
C CYS A 198 -43.34 -28.80 15.55
N SER A 199 -43.66 -28.95 14.27
CA SER A 199 -43.35 -30.14 13.49
C SER A 199 -42.20 -29.93 12.52
N SER A 200 -42.21 -28.82 11.80
CA SER A 200 -41.25 -28.58 10.74
C SER A 200 -41.00 -27.08 10.64
N ILE A 201 -39.72 -26.70 10.60
CA ILE A 201 -39.32 -25.31 10.48
C ILE A 201 -38.36 -25.20 9.31
N THR A 202 -38.01 -23.97 8.95
CA THR A 202 -37.13 -23.75 7.82
C THR A 202 -36.45 -22.38 7.92
N LYS A 203 -35.25 -22.30 7.37
CA LYS A 203 -34.51 -21.06 7.23
C LYS A 203 -33.45 -21.26 6.15
N ASN A 204 -33.08 -20.15 5.49
CA ASN A 204 -32.03 -20.18 4.45
C ASN A 204 -32.32 -21.20 3.37
N GLY A 205 -33.60 -21.47 3.12
CA GLY A 205 -34.01 -22.43 2.12
C GLY A 205 -33.94 -23.89 2.53
N VAL A 206 -33.51 -24.18 3.75
CA VAL A 206 -33.39 -25.56 4.24
C VAL A 206 -34.62 -25.89 5.07
N VAL A 207 -35.24 -27.03 4.78
CA VAL A 207 -36.42 -27.50 5.50
C VAL A 207 -35.97 -28.48 6.57
N TYR A 208 -36.36 -28.22 7.81
CA TYR A 208 -36.01 -29.05 8.95
C TYR A 208 -37.28 -29.68 9.52
N ARG A 209 -37.23 -30.98 9.78
CA ARG A 209 -38.33 -31.71 10.38
C ARG A 209 -37.82 -32.55 11.53
N LEU A 210 -38.75 -33.07 12.34
CA LEU A 210 -38.39 -33.95 13.43
C LEU A 210 -37.80 -35.25 12.89
N GLY A 211 -36.73 -35.71 13.53
CA GLY A 211 -36.00 -36.87 13.05
C GLY A 211 -34.82 -36.54 12.15
N ASP A 212 -34.68 -35.29 11.73
CA ASP A 212 -33.51 -34.87 10.98
C ASP A 212 -32.36 -34.54 11.93
N SER A 213 -31.15 -34.73 11.44
CA SER A 213 -29.96 -34.28 12.15
C SER A 213 -29.55 -32.89 11.66
N VAL A 214 -28.73 -32.21 12.45
CA VAL A 214 -28.44 -30.81 12.20
C VAL A 214 -27.06 -30.47 12.72
N TYR A 215 -26.38 -29.57 12.00
CA TYR A 215 -25.06 -29.10 12.41
C TYR A 215 -25.19 -27.99 13.44
N LEU A 216 -24.38 -28.06 14.50
CA LEU A 216 -24.29 -26.98 15.48
C LEU A 216 -22.83 -26.68 15.79
N PRO A 217 -22.51 -25.43 16.12
CA PRO A 217 -21.12 -25.07 16.43
C PRO A 217 -20.63 -25.82 17.66
N PRO A 218 -19.31 -25.87 17.87
CA PRO A 218 -18.79 -26.67 19.00
C PRO A 218 -19.24 -26.17 20.37
N GLU A 219 -19.52 -24.88 20.52
CA GLU A 219 -19.95 -24.35 21.81
C GLU A 219 -21.44 -24.57 22.09
N ALA A 220 -22.13 -25.33 21.24
CA ALA A 220 -23.56 -25.53 21.44
C ALA A 220 -23.84 -26.34 22.70
N PHE A 221 -23.18 -27.49 22.84
CA PHE A 221 -23.36 -28.32 24.02
C PHE A 221 -22.09 -29.14 24.25
N THR A 222 -21.93 -29.58 25.50
CA THR A 222 -20.84 -30.45 25.90
C THR A 222 -21.33 -31.89 25.96
N PHE A 223 -20.42 -32.80 26.28
CA PHE A 223 -20.75 -34.18 26.55
C PHE A 223 -20.58 -34.48 28.04
N ASN A 224 -21.27 -35.50 28.52
CA ASN A 224 -21.24 -35.81 29.94
C ASN A 224 -19.95 -36.50 30.38
N ILE A 225 -19.16 -37.02 29.44
CA ILE A 225 -17.82 -37.51 29.80
C ILE A 225 -16.94 -36.33 30.12
N LYS A 226 -16.37 -36.32 31.32
CA LYS A 226 -15.59 -35.18 31.78
C LYS A 226 -14.31 -35.05 30.95
N VAL A 227 -14.03 -33.82 30.52
CA VAL A 227 -12.79 -33.56 29.79
C VAL A 227 -11.60 -33.82 30.70
N ALA A 228 -10.47 -34.18 30.10
CA ALA A 228 -9.22 -34.40 30.82
C ALA A 228 -8.27 -33.26 30.43
N SER A 229 -8.31 -32.18 31.22
CA SER A 229 -7.42 -31.05 30.98
C SER A 229 -6.52 -30.63 32.15
N PRO A 230 -6.38 -31.38 33.25
CA PRO A 230 -5.56 -30.86 34.35
C PRO A 230 -4.07 -30.86 34.06
N VAL A 231 -3.59 -31.80 33.24
CA VAL A 231 -2.16 -31.94 33.00
C VAL A 231 -1.63 -30.73 32.25
N LYS A 232 -0.51 -30.19 32.72
CA LYS A 232 0.18 -29.08 32.07
C LYS A 232 1.65 -29.42 31.92
N ARG A 233 2.23 -29.03 30.79
CA ARG A 233 3.60 -29.39 30.47
C ARG A 233 4.54 -28.25 30.79
N PRO A 234 5.36 -28.34 31.84
CA PRO A 234 6.35 -27.30 32.10
C PRO A 234 7.58 -27.49 31.22
N LYS A 235 8.49 -26.52 31.31
CA LYS A 235 9.74 -26.59 30.56
C LYS A 235 10.54 -27.81 31.00
N LYS A 236 10.96 -28.62 30.02
CA LYS A 236 11.64 -29.87 30.33
C LYS A 236 12.93 -29.63 31.08
N ASP A 237 13.77 -28.71 30.59
CA ASP A 237 15.06 -28.43 31.19
C ASP A 237 15.64 -27.14 30.61
N PRO A 238 16.66 -26.55 31.23
CA PRO A 238 17.38 -25.44 30.59
C PRO A 238 18.35 -25.97 29.56
N VAL A 239 18.16 -25.58 28.30
CA VAL A 239 18.98 -26.09 27.21
C VAL A 239 20.40 -25.56 27.34
N ASN A 240 21.37 -26.44 27.20
CA ASN A 240 22.77 -26.03 27.17
C ASN A 240 23.03 -25.18 25.94
N GLU A 241 23.72 -24.05 26.12
CA GLU A 241 23.90 -23.07 25.08
C GLU A 241 25.27 -23.15 24.42
N THR A 242 26.10 -24.13 24.78
CA THR A 242 27.30 -24.44 24.01
C THR A 242 27.21 -25.76 23.28
N LEU A 243 26.47 -26.74 23.82
CA LEU A 243 26.12 -27.92 23.05
C LEU A 243 25.07 -27.60 22.00
N TYR A 244 24.08 -26.78 22.37
CA TYR A 244 23.04 -26.30 21.47
C TYR A 244 23.10 -24.78 21.40
N PRO A 245 24.10 -24.23 20.72
CA PRO A 245 24.28 -22.77 20.70
C PRO A 245 23.32 -22.03 19.77
N GLU A 246 22.32 -22.70 19.22
CA GLU A 246 21.33 -22.04 18.37
C GLU A 246 19.89 -22.35 18.81
N HIS A 247 19.71 -22.92 20.00
CA HIS A 247 18.36 -23.15 20.51
C HIS A 247 17.70 -21.85 20.97
N TYR A 248 18.50 -20.83 21.29
CA TYR A 248 17.94 -19.57 21.79
C TYR A 248 17.07 -18.87 20.76
N ARG A 249 17.16 -19.25 19.49
CA ARG A 249 16.35 -18.65 18.44
C ARG A 249 14.92 -19.20 18.42
N LYS A 250 14.56 -20.03 19.40
CA LYS A 250 13.24 -20.66 19.44
C LYS A 250 12.37 -20.09 20.55
N TYR A 251 12.55 -18.81 20.88
CA TYR A 251 11.61 -18.13 21.79
C TYR A 251 10.28 -17.83 21.13
N SER A 252 10.14 -18.35 19.91
CA SER A 252 8.94 -18.11 19.11
C SER A 252 7.70 -18.71 19.77
N ASP A 253 7.84 -19.87 20.41
CA ASP A 253 6.71 -20.62 20.96
C ASP A 253 5.67 -20.93 19.88
N TYR A 254 6.13 -21.04 18.63
CA TYR A 254 5.27 -21.31 17.49
C TYR A 254 5.68 -22.62 16.85
N ILE A 255 4.72 -23.51 16.62
CA ILE A 255 4.96 -24.80 15.98
C ILE A 255 4.34 -24.74 14.59
N LYS A 256 5.18 -24.86 13.57
CA LYS A 256 4.72 -24.81 12.19
C LYS A 256 3.92 -26.06 11.85
N GLY A 257 2.75 -25.87 11.26
CA GLY A 257 1.93 -26.98 10.82
C GLY A 257 1.40 -27.88 11.92
N SER A 258 0.89 -27.30 13.01
CA SER A 258 0.33 -28.07 14.12
C SER A 258 -1.12 -27.68 14.35
N ASN A 259 -1.96 -28.68 14.58
CA ASN A 259 -3.39 -28.49 14.73
C ASN A 259 -3.82 -28.28 16.19
N LEU A 260 -2.97 -27.67 17.01
CA LEU A 260 -3.36 -27.40 18.39
C LEU A 260 -4.42 -26.30 18.44
N ASP A 261 -4.31 -25.30 17.57
CA ASP A 261 -5.32 -24.27 17.42
C ASP A 261 -6.40 -24.64 16.43
N ALA A 262 -6.38 -25.85 15.90
CA ALA A 262 -7.40 -26.27 14.94
C ALA A 262 -8.73 -26.46 15.66
N PRO A 263 -9.82 -25.85 15.18
CA PRO A 263 -11.09 -25.97 15.88
C PRO A 263 -11.67 -27.37 15.76
N GLU A 264 -12.60 -27.68 16.63
CA GLU A 264 -13.29 -28.96 16.55
C GLU A 264 -14.43 -28.87 15.54
N PRO A 265 -14.72 -29.96 14.82
CA PRO A 265 -15.74 -29.91 13.78
C PRO A 265 -17.15 -29.64 14.29
N TYR A 266 -18.13 -29.66 13.39
CA TYR A 266 -19.50 -29.37 13.75
C TYR A 266 -20.01 -30.32 14.81
N ARG A 267 -20.87 -29.81 15.69
CA ARG A 267 -21.67 -30.66 16.56
C ARG A 267 -22.89 -31.15 15.79
N ILE A 268 -23.26 -32.40 16.04
CA ILE A 268 -24.36 -33.04 15.33
C ILE A 268 -25.35 -33.58 16.35
N GLY A 269 -26.64 -33.26 16.17
CA GLY A 269 -27.67 -33.72 17.07
C GLY A 269 -28.90 -34.13 16.29
N ARG A 270 -29.68 -35.00 16.91
CA ARG A 270 -30.90 -35.54 16.31
C ARG A 270 -32.10 -34.78 16.88
N ILE A 271 -32.83 -34.08 16.01
CA ILE A 271 -33.94 -33.25 16.47
C ILE A 271 -34.98 -34.07 17.19
N LYS A 272 -34.90 -34.09 18.52
CA LYS A 272 -35.95 -34.68 19.34
C LYS A 272 -37.25 -33.90 19.21
N GLU A 273 -37.20 -32.57 19.38
CA GLU A 273 -38.43 -31.79 19.34
C GLU A 273 -38.10 -30.31 19.17
N ILE A 274 -39.13 -29.56 18.77
CA ILE A 274 -39.05 -28.14 18.45
C ILE A 274 -40.14 -27.43 19.24
N HIS A 275 -39.76 -26.44 20.03
CA HIS A 275 -40.71 -25.57 20.72
C HIS A 275 -40.19 -24.15 20.65
N CYS A 276 -41.09 -23.19 20.91
CA CYS A 276 -40.71 -21.79 20.88
C CYS A 276 -41.58 -20.99 21.84
N GLY A 277 -41.94 -19.77 21.45
CA GLY A 277 -42.79 -18.94 22.27
C GLY A 277 -43.86 -18.23 21.47
N LYS A 278 -44.45 -17.19 22.05
CA LYS A 278 -45.45 -16.39 21.38
C LYS A 278 -45.04 -14.92 21.43
N LYS A 279 -45.56 -14.15 20.48
CA LYS A 279 -45.26 -12.72 20.39
C LYS A 279 -46.43 -12.03 19.71
N LYS A 280 -47.19 -11.25 20.48
CA LYS A 280 -48.32 -10.47 19.97
C LYS A 280 -49.38 -11.38 19.34
N GLY A 281 -49.75 -12.43 20.07
CA GLY A 281 -50.81 -13.32 19.63
C GLY A 281 -50.35 -14.39 18.67
N LYS A 282 -49.37 -14.06 17.83
CA LYS A 282 -48.85 -15.00 16.86
C LYS A 282 -47.64 -15.74 17.43
N VAL A 283 -47.17 -16.73 16.68
CA VAL A 283 -46.02 -17.54 17.09
C VAL A 283 -44.75 -16.73 16.87
N ASN A 284 -43.87 -16.73 17.87
CA ASN A 284 -42.60 -16.01 17.80
C ASN A 284 -41.60 -16.88 17.05
N GLU A 285 -41.63 -16.75 15.71
CA GLU A 285 -40.74 -17.56 14.87
C GLU A 285 -39.29 -17.13 14.98
N ALA A 286 -39.02 -15.94 15.52
CA ALA A 286 -37.65 -15.45 15.59
C ALA A 286 -36.80 -16.23 16.60
N ASP A 287 -37.42 -16.80 17.62
CA ASP A 287 -36.72 -17.53 18.67
C ASP A 287 -37.31 -18.93 18.76
N ILE A 288 -36.80 -19.84 17.94
CA ILE A 288 -37.21 -21.23 17.93
C ILE A 288 -36.17 -22.04 18.68
N LYS A 289 -36.63 -22.96 19.54
CA LYS A 289 -35.74 -23.81 20.32
C LYS A 289 -35.77 -25.23 19.79
N LEU A 290 -34.62 -25.89 19.86
CA LEU A 290 -34.47 -27.29 19.45
C LEU A 290 -33.81 -28.07 20.57
N ARG A 291 -34.44 -29.15 21.01
CA ARG A 291 -33.82 -30.11 21.91
C ARG A 291 -33.48 -31.35 21.09
N LEU A 292 -32.25 -31.85 21.26
CA LEU A 292 -31.75 -32.93 20.43
C LEU A 292 -31.11 -34.01 21.29
N TYR A 293 -30.80 -35.14 20.65
CA TYR A 293 -29.94 -36.16 21.22
C TYR A 293 -28.53 -35.92 20.69
N LYS A 294 -27.57 -35.78 21.61
CA LYS A 294 -26.19 -35.55 21.19
C LYS A 294 -25.66 -36.74 20.42
N PHE A 295 -24.94 -36.46 19.34
CA PHE A 295 -24.20 -37.49 18.61
C PHE A 295 -22.74 -37.44 19.04
N TYR A 296 -22.13 -38.61 19.14
CA TYR A 296 -20.77 -38.73 19.63
C TYR A 296 -19.83 -39.01 18.46
N ARG A 297 -18.99 -38.04 18.13
CA ARG A 297 -17.85 -38.33 17.28
C ARG A 297 -16.92 -39.28 18.02
N PRO A 298 -16.25 -40.20 17.33
CA PRO A 298 -15.38 -41.15 18.04
C PRO A 298 -14.30 -40.46 18.87
N GLU A 299 -13.87 -39.27 18.47
CA GLU A 299 -12.89 -38.51 19.24
C GLU A 299 -13.52 -37.81 20.45
N ASN A 300 -14.83 -37.94 20.65
CA ASN A 300 -15.48 -37.40 21.84
C ASN A 300 -15.73 -38.44 22.92
N THR A 301 -15.58 -39.72 22.60
CA THR A 301 -15.72 -40.78 23.58
C THR A 301 -14.46 -40.86 24.45
N HIS A 302 -14.44 -41.83 25.37
CA HIS A 302 -13.26 -42.01 26.21
C HIS A 302 -12.05 -42.44 25.39
N ARG A 303 -12.27 -43.05 24.23
CA ARG A 303 -11.19 -43.30 23.29
C ARG A 303 -10.53 -42.00 22.87
N SER A 304 -11.34 -41.02 22.49
CA SER A 304 -10.89 -39.67 22.11
C SER A 304 -9.95 -39.80 20.90
N TYR A 305 -8.88 -38.99 20.84
CA TYR A 305 -8.08 -38.91 19.63
C TYR A 305 -7.24 -40.16 19.40
N ASN A 306 -6.81 -40.84 20.46
CA ASN A 306 -5.88 -41.95 20.28
C ASN A 306 -6.56 -43.21 19.78
N GLY A 307 -7.89 -43.29 19.86
CA GLY A 307 -8.65 -44.27 19.13
C GLY A 307 -9.23 -43.74 17.84
N SER A 308 -8.98 -42.47 17.54
CA SER A 308 -9.59 -41.79 16.41
C SER A 308 -8.82 -41.97 15.11
N TYR A 309 -7.90 -42.94 15.03
CA TYR A 309 -7.00 -42.99 13.88
C TYR A 309 -7.53 -43.85 12.73
N HIS A 310 -8.12 -45.01 13.04
CA HIS A 310 -8.59 -45.92 12.02
C HIS A 310 -10.03 -45.64 11.58
N THR A 311 -10.82 -44.97 12.41
CA THR A 311 -12.24 -44.81 12.15
C THR A 311 -12.47 -43.93 10.93
N ASP A 312 -13.63 -44.13 10.30
CA ASP A 312 -14.07 -43.25 9.22
C ASP A 312 -14.32 -41.86 9.77
N ILE A 313 -14.31 -40.87 8.87
CA ILE A 313 -14.56 -39.49 9.28
C ILE A 313 -16.04 -39.16 9.39
N ASN A 314 -16.92 -40.06 8.94
CA ASN A 314 -18.36 -39.83 9.00
C ASN A 314 -19.07 -40.84 9.89
N MET A 315 -18.35 -41.59 10.71
CA MET A 315 -18.98 -42.51 11.66
C MET A 315 -19.23 -41.78 12.97
N LEU A 316 -20.43 -41.94 13.51
CA LEU A 316 -20.81 -41.34 14.77
C LEU A 316 -21.20 -42.43 15.76
N TYR A 317 -21.54 -42.01 16.97
CA TYR A 317 -22.02 -42.92 18.01
C TYR A 317 -23.29 -42.34 18.60
N TRP A 318 -24.37 -43.10 18.56
CA TRP A 318 -25.63 -42.63 19.11
C TRP A 318 -25.54 -42.48 20.62
N SER A 319 -26.21 -41.45 21.13
CA SER A 319 -26.33 -41.23 22.57
C SER A 319 -27.80 -40.98 22.91
N ASP A 320 -28.10 -41.12 24.18
CA ASP A 320 -29.39 -40.70 24.72
C ASP A 320 -29.29 -39.43 25.54
N GLU A 321 -28.10 -38.83 25.64
CA GLU A 321 -27.97 -37.53 26.27
C GLU A 321 -28.77 -36.48 25.48
N GLU A 322 -29.22 -35.45 26.19
CA GLU A 322 -30.06 -34.43 25.60
C GLU A 322 -29.44 -33.06 25.83
N ALA A 323 -29.82 -32.11 24.97
CA ALA A 323 -29.36 -30.74 25.08
C ALA A 323 -30.29 -29.85 24.27
N VAL A 324 -30.57 -28.66 24.80
CA VAL A 324 -31.43 -27.68 24.13
C VAL A 324 -30.54 -26.60 23.52
N VAL A 325 -30.77 -26.31 22.24
CA VAL A 325 -30.00 -25.31 21.52
C VAL A 325 -30.95 -24.42 20.73
N ASN A 326 -30.45 -23.25 20.35
CA ASN A 326 -31.25 -22.29 19.60
C ASN A 326 -31.25 -22.65 18.11
N PHE A 327 -32.37 -22.35 17.46
CA PHE A 327 -32.47 -22.54 16.02
C PHE A 327 -31.56 -21.57 15.27
N SER A 328 -31.11 -20.49 15.92
CA SER A 328 -30.24 -19.53 15.26
C SER A 328 -28.85 -20.12 14.99
N ASP A 329 -28.40 -21.06 15.82
CA ASP A 329 -27.07 -21.63 15.70
C ASP A 329 -27.00 -22.79 14.71
N VAL A 330 -28.11 -23.12 14.06
CA VAL A 330 -28.10 -24.17 13.04
C VAL A 330 -27.32 -23.68 11.83
N GLN A 331 -26.21 -24.36 11.52
CA GLN A 331 -25.51 -24.06 10.27
C GLN A 331 -26.15 -24.78 9.09
N GLY A 332 -26.55 -26.03 9.27
CA GLY A 332 -27.10 -26.80 8.17
C GLY A 332 -27.61 -28.14 8.64
N ARG A 333 -28.19 -28.88 7.71
CA ARG A 333 -28.80 -30.18 7.96
C ARG A 333 -27.97 -31.29 7.35
N CYS A 334 -27.77 -32.36 8.09
CA CYS A 334 -27.02 -33.52 7.64
C CYS A 334 -27.88 -34.77 7.76
N THR A 335 -27.45 -35.83 7.06
CA THR A 335 -28.16 -37.11 7.03
C THR A 335 -27.39 -38.13 7.86
N VAL A 336 -28.01 -38.65 8.90
CA VAL A 336 -27.42 -39.67 9.75
C VAL A 336 -28.39 -40.85 9.84
N GLU A 337 -27.92 -42.03 9.47
CA GLU A 337 -28.73 -43.23 9.47
C GLU A 337 -28.02 -44.33 10.25
N TYR A 338 -28.81 -45.28 10.76
CA TYR A 338 -28.26 -46.45 11.43
C TYR A 338 -27.82 -47.48 10.40
N GLY A 339 -26.86 -48.31 10.80
CA GLY A 339 -26.13 -49.14 9.83
C GLY A 339 -27.01 -50.15 9.13
N GLU A 340 -27.82 -50.90 9.88
CA GLU A 340 -28.52 -52.05 9.32
C GLU A 340 -29.75 -51.67 8.51
N ASP A 341 -30.14 -50.40 8.48
CA ASP A 341 -31.35 -49.98 7.79
C ASP A 341 -31.11 -49.54 6.35
N LEU A 342 -29.88 -49.54 5.87
CA LEU A 342 -29.55 -48.95 4.58
C LEU A 342 -29.59 -50.01 3.48
N LEU A 343 -30.28 -49.69 2.38
CA LEU A 343 -30.44 -50.62 1.27
C LEU A 343 -29.16 -50.83 0.47
N GLU A 344 -28.12 -50.03 0.71
CA GLU A 344 -26.84 -50.17 0.04
C GLU A 344 -25.74 -50.29 1.10
N SER A 345 -24.51 -50.44 0.62
CA SER A 345 -23.37 -50.55 1.52
C SER A 345 -23.14 -49.23 2.26
N ILE A 346 -22.15 -49.21 3.16
CA ILE A 346 -21.79 -47.96 3.80
C ILE A 346 -20.81 -47.16 2.96
N GLN A 347 -19.99 -47.84 2.15
CA GLN A 347 -19.10 -47.14 1.22
C GLN A 347 -19.89 -46.47 0.12
N ASP A 348 -20.87 -47.17 -0.46
CA ASP A 348 -21.70 -46.57 -1.50
C ASP A 348 -22.67 -45.54 -0.94
N TYR A 349 -23.03 -45.64 0.35
CA TYR A 349 -23.90 -44.64 0.95
C TYR A 349 -23.14 -43.35 1.29
N SER A 350 -21.92 -43.48 1.81
CA SER A 350 -21.14 -42.30 2.15
C SER A 350 -20.71 -41.54 0.90
N GLN A 351 -20.45 -42.24 -0.19
CA GLN A 351 -20.01 -41.63 -1.44
C GLN A 351 -21.16 -41.23 -2.35
N GLY A 352 -22.40 -41.27 -1.84
CA GLY A 352 -23.56 -40.93 -2.65
C GLY A 352 -24.06 -39.52 -2.45
N GLY A 353 -23.49 -38.81 -1.48
CA GLY A 353 -23.89 -37.46 -1.20
C GLY A 353 -23.09 -36.84 -0.07
N PRO A 354 -23.18 -35.52 0.06
CA PRO A 354 -22.47 -34.83 1.14
C PRO A 354 -23.25 -34.88 2.45
N ASP A 355 -22.56 -34.52 3.53
CA ASP A 355 -23.16 -34.40 4.86
C ASP A 355 -23.79 -35.70 5.32
N ARG A 356 -23.31 -36.83 4.80
CA ARG A 356 -23.87 -38.14 5.11
C ARG A 356 -23.02 -38.82 6.18
N PHE A 357 -23.62 -39.09 7.32
CA PHE A 357 -22.98 -39.77 8.43
C PHE A 357 -23.67 -41.10 8.69
N TYR A 358 -23.07 -41.91 9.56
CA TYR A 358 -23.63 -43.20 9.90
C TYR A 358 -23.17 -43.60 11.30
N PHE A 359 -23.88 -44.54 11.90
CA PHE A 359 -23.51 -45.08 13.20
C PHE A 359 -23.98 -46.52 13.29
N LEU A 360 -23.12 -47.37 13.85
CA LEU A 360 -23.44 -48.78 14.04
C LEU A 360 -23.75 -49.14 15.48
N GLU A 361 -23.16 -48.43 16.44
CA GLU A 361 -23.33 -48.69 17.86
C GLU A 361 -23.89 -47.44 18.54
N ALA A 362 -23.98 -47.51 19.87
CA ALA A 362 -24.40 -46.38 20.69
C ALA A 362 -23.48 -46.31 21.90
N TYR A 363 -23.35 -45.11 22.45
CA TYR A 363 -22.35 -44.84 23.49
C TYR A 363 -23.04 -44.34 24.75
N ASN A 364 -22.83 -45.05 25.85
CA ASN A 364 -23.32 -44.63 27.15
C ASN A 364 -22.22 -43.90 27.89
N SER A 365 -22.53 -42.72 28.43
CA SER A 365 -21.51 -41.93 29.11
C SER A 365 -21.01 -42.62 30.37
N LYS A 366 -21.89 -43.31 31.08
CA LYS A 366 -21.54 -43.94 32.34
C LYS A 366 -20.95 -45.33 32.17
N THR A 367 -21.50 -46.12 31.24
CA THR A 367 -21.00 -47.48 31.03
C THR A 367 -19.65 -47.51 30.33
N LYS A 368 -19.39 -46.52 29.46
CA LYS A 368 -18.17 -46.48 28.65
C LYS A 368 -18.04 -47.73 27.78
N ASN A 369 -19.20 -48.23 27.31
CA ASN A 369 -19.26 -49.36 26.41
C ASN A 369 -20.16 -49.00 25.24
N PHE A 370 -20.17 -49.88 24.23
CA PHE A 370 -20.90 -49.63 23.00
C PHE A 370 -22.02 -50.65 22.86
N GLU A 371 -23.22 -50.17 22.53
CA GLU A 371 -24.43 -50.95 22.55
C GLU A 371 -24.95 -51.23 21.14
N ASP A 372 -26.08 -51.92 21.10
CA ASP A 372 -27.04 -51.78 20.02
C ASP A 372 -27.92 -50.58 20.33
N PRO A 373 -28.03 -49.59 19.46
CA PRO A 373 -28.81 -48.41 19.79
C PRO A 373 -30.27 -48.77 19.97
N PRO A 374 -30.99 -48.05 20.83
CA PRO A 374 -32.42 -48.31 21.01
C PRO A 374 -33.18 -48.09 19.70
N ASN A 375 -34.44 -48.52 19.70
CA ASN A 375 -35.23 -48.52 18.47
C ASN A 375 -35.72 -47.12 18.10
N HIS A 376 -35.71 -46.17 19.03
CA HIS A 376 -36.15 -44.82 18.71
C HIS A 376 -35.11 -44.03 17.91
N ALA A 377 -33.90 -44.56 17.75
CA ALA A 377 -32.89 -43.95 16.90
C ALA A 377 -32.96 -44.44 15.46
N ARG A 378 -33.64 -45.56 15.22
CA ARG A 378 -33.75 -46.10 13.87
C ARG A 378 -34.83 -45.36 13.08
N SER A 379 -34.56 -45.17 11.79
CA SER A 379 -35.41 -44.39 10.92
C SER A 379 -36.61 -45.22 10.48
N PRO A 380 -37.63 -44.59 9.80
CA PRO A 380 -38.82 -45.33 9.33
C PRO A 380 -38.60 -46.78 8.95
N GLY A 381 -39.24 -47.68 9.69
CA GLY A 381 -39.00 -49.10 9.57
C GLY A 381 -38.38 -49.64 10.85
N ASN A 382 -38.93 -49.21 11.98
CA ASN A 382 -38.34 -49.53 13.28
C ASN A 382 -39.07 -50.69 13.97
N ILE A 408 -30.95 -40.27 -14.85
CA ILE A 408 -30.45 -39.16 -15.65
C ILE A 408 -28.94 -39.30 -15.85
N LYS A 409 -28.53 -39.44 -17.10
CA LYS A 409 -27.11 -39.60 -17.44
C LYS A 409 -26.47 -38.23 -17.63
N LEU A 410 -25.45 -37.94 -16.82
CA LEU A 410 -24.80 -36.64 -16.86
C LEU A 410 -23.77 -36.59 -17.99
N PRO A 411 -23.92 -35.70 -18.96
CA PRO A 411 -22.91 -35.59 -20.02
C PRO A 411 -21.64 -34.92 -19.51
N LYS A 412 -20.53 -35.65 -19.55
CA LYS A 412 -19.24 -35.06 -19.23
C LYS A 412 -18.90 -33.99 -20.27
N LEU A 413 -18.20 -32.95 -19.83
CA LEU A 413 -17.87 -31.82 -20.68
C LEU A 413 -16.47 -32.00 -21.28
N ARG A 414 -16.38 -31.82 -22.59
CA ARG A 414 -15.10 -31.89 -23.29
C ARG A 414 -14.19 -30.78 -22.80
N THR A 415 -13.09 -31.14 -22.14
CA THR A 415 -12.26 -30.19 -21.42
C THR A 415 -10.86 -30.12 -22.04
N LEU A 416 -10.34 -28.90 -22.13
CA LEU A 416 -8.98 -28.64 -22.57
C LEU A 416 -8.19 -28.13 -21.37
N ASP A 417 -7.14 -28.87 -20.97
CA ASP A 417 -6.35 -28.55 -19.79
C ASP A 417 -5.00 -27.99 -20.25
N VAL A 418 -4.93 -26.67 -20.38
CA VAL A 418 -3.66 -26.01 -20.64
C VAL A 418 -2.81 -26.05 -19.37
N PHE A 419 -1.50 -26.22 -19.53
CA PHE A 419 -0.59 -26.46 -18.41
C PHE A 419 -1.13 -27.61 -17.55
N SER A 420 -1.12 -28.80 -18.15
CA SER A 420 -1.75 -29.96 -17.53
C SER A 420 -0.91 -30.54 -16.40
N GLY A 421 0.41 -30.43 -16.49
CA GLY A 421 1.26 -31.05 -15.49
C GLY A 421 1.06 -32.55 -15.48
N CYS A 422 1.09 -33.14 -14.29
CA CYS A 422 0.72 -34.55 -14.19
C CYS A 422 -0.77 -34.75 -14.40
N GLY A 423 -1.57 -33.72 -14.15
CA GLY A 423 -3.01 -33.84 -14.35
C GLY A 423 -3.78 -33.88 -13.05
N GLY A 424 -3.23 -33.26 -12.01
CA GLY A 424 -3.95 -33.18 -10.75
C GLY A 424 -5.23 -32.38 -10.85
N LEU A 425 -5.25 -31.36 -11.71
CA LEU A 425 -6.44 -30.55 -11.90
C LEU A 425 -7.51 -31.29 -12.70
N SER A 426 -7.09 -31.99 -13.76
CA SER A 426 -8.04 -32.75 -14.57
C SER A 426 -8.49 -34.03 -13.89
N GLU A 427 -7.66 -34.61 -13.02
CA GLU A 427 -8.07 -35.80 -12.28
C GLU A 427 -9.18 -35.47 -11.31
N GLY A 428 -9.07 -34.34 -10.60
CA GLY A 428 -10.12 -33.95 -9.69
C GLY A 428 -11.44 -33.67 -10.38
N PHE A 429 -11.37 -33.04 -11.56
CA PHE A 429 -12.59 -32.82 -12.34
C PHE A 429 -13.23 -34.14 -12.75
N HIS A 430 -12.41 -35.16 -13.01
CA HIS A 430 -12.98 -36.47 -13.33
C HIS A 430 -13.64 -37.09 -12.10
N GLN A 431 -13.03 -36.90 -10.92
CA GLN A 431 -13.63 -37.41 -9.69
C GLN A 431 -14.98 -36.78 -9.42
N ALA A 432 -15.20 -35.55 -9.89
CA ALA A 432 -16.52 -34.94 -9.86
C ALA A 432 -17.43 -35.48 -10.96
N GLY A 433 -16.89 -36.20 -11.93
CA GLY A 433 -17.71 -36.80 -12.97
C GLY A 433 -18.41 -35.80 -13.86
N ILE A 434 -17.74 -34.71 -14.23
CA ILE A 434 -18.31 -33.68 -15.07
C ILE A 434 -17.51 -33.42 -16.33
N SER A 435 -16.38 -34.10 -16.52
CA SER A 435 -15.50 -33.73 -17.62
C SER A 435 -14.65 -34.91 -18.05
N GLU A 436 -14.49 -35.05 -19.36
CA GLU A 436 -13.47 -35.90 -19.97
C GLU A 436 -12.49 -34.97 -20.67
N THR A 437 -11.27 -34.87 -20.13
CA THR A 437 -10.26 -33.97 -20.68
C THR A 437 -9.72 -34.58 -21.97
N LEU A 438 -10.12 -34.01 -23.11
CA LEU A 438 -9.75 -34.56 -24.41
C LEU A 438 -8.36 -34.10 -24.86
N TRP A 439 -8.00 -32.85 -24.59
CA TRP A 439 -6.72 -32.30 -25.01
C TRP A 439 -5.99 -31.73 -23.81
N ALA A 440 -4.65 -31.73 -23.90
CA ALA A 440 -3.82 -31.18 -22.86
C ALA A 440 -2.56 -30.59 -23.49
N ILE A 441 -2.10 -29.48 -22.93
CA ILE A 441 -0.89 -28.80 -23.39
C ILE A 441 0.09 -28.75 -22.23
N GLU A 442 1.28 -29.31 -22.42
CA GLU A 442 2.29 -29.35 -21.37
C GLU A 442 3.65 -29.38 -22.04
N MET A 443 4.34 -28.24 -22.01
CA MET A 443 5.64 -28.15 -22.70
C MET A 443 6.69 -29.04 -22.04
N TRP A 444 6.64 -29.19 -20.73
CA TRP A 444 7.60 -30.06 -20.04
C TRP A 444 7.30 -31.51 -20.38
N ASP A 445 8.32 -32.22 -20.88
CA ASP A 445 8.10 -33.58 -21.36
C ASP A 445 7.72 -34.56 -20.26
N PRO A 446 8.45 -34.66 -19.13
CA PRO A 446 8.05 -35.64 -18.11
C PRO A 446 6.64 -35.43 -17.58
N ALA A 447 6.14 -34.20 -17.62
CA ALA A 447 4.78 -33.96 -17.14
C ALA A 447 3.75 -34.44 -18.14
N ALA A 448 4.02 -34.25 -19.44
CA ALA A 448 3.07 -34.71 -20.46
C ALA A 448 3.00 -36.24 -20.51
N GLN A 449 4.15 -36.90 -20.33
CA GLN A 449 4.16 -38.36 -20.31
C GLN A 449 3.37 -38.90 -19.13
N ALA A 450 3.60 -38.36 -17.94
CA ALA A 450 2.84 -38.77 -16.76
C ALA A 450 1.36 -38.48 -16.95
N PHE A 451 1.02 -37.43 -17.68
CA PHE A 451 -0.39 -37.16 -17.97
C PHE A 451 -0.99 -38.25 -18.85
N ARG A 452 -0.26 -38.67 -19.89
CA ARG A 452 -0.75 -39.73 -20.76
C ARG A 452 -0.89 -41.05 -20.01
N LEU A 453 -0.06 -41.27 -18.99
CA LEU A 453 -0.13 -42.51 -18.23
C LEU A 453 -1.45 -42.64 -17.49
N ASN A 454 -2.02 -41.53 -17.04
CA ASN A 454 -3.24 -41.56 -16.23
C ASN A 454 -4.49 -41.18 -17.01
N ASN A 455 -4.36 -40.66 -18.24
CA ASN A 455 -5.50 -40.31 -19.07
C ASN A 455 -5.29 -40.92 -20.45
N PRO A 456 -5.75 -42.15 -20.67
CA PRO A 456 -5.47 -42.84 -21.94
C PRO A 456 -6.26 -42.31 -23.12
N GLY A 457 -7.17 -41.37 -22.92
CA GLY A 457 -7.96 -40.84 -24.02
C GLY A 457 -7.78 -39.35 -24.25
N THR A 458 -6.60 -38.84 -23.88
CA THR A 458 -6.30 -37.42 -24.02
C THR A 458 -5.19 -37.23 -25.05
N THR A 459 -5.40 -36.33 -25.99
CA THR A 459 -4.36 -35.93 -26.94
C THR A 459 -3.52 -34.85 -26.27
N VAL A 460 -2.33 -35.23 -25.82
CA VAL A 460 -1.47 -34.34 -25.05
C VAL A 460 -0.45 -33.69 -25.99
N PHE A 461 -0.49 -32.37 -26.06
CA PHE A 461 0.47 -31.61 -26.85
C PHE A 461 1.61 -31.15 -25.97
N THR A 462 2.84 -31.39 -26.40
CA THR A 462 4.01 -30.84 -25.75
C THR A 462 4.46 -29.53 -26.37
N GLU A 463 3.63 -28.94 -27.23
CA GLU A 463 3.99 -27.70 -27.90
C GLU A 463 4.04 -26.54 -26.91
N ASP A 464 4.49 -25.39 -27.41
CA ASP A 464 4.31 -24.13 -26.71
C ASP A 464 2.88 -23.68 -26.93
N CYS A 465 2.20 -23.30 -25.85
CA CYS A 465 0.77 -23.02 -25.92
C CYS A 465 0.45 -21.96 -26.97
N ASN A 466 1.32 -20.96 -27.09
CA ASN A 466 1.07 -19.90 -28.07
C ASN A 466 1.45 -20.33 -29.49
N VAL A 467 2.44 -21.21 -29.62
CA VAL A 467 2.73 -21.79 -30.94
C VAL A 467 1.54 -22.61 -31.41
N LEU A 468 0.92 -23.36 -30.50
CA LEU A 468 -0.18 -24.23 -30.89
C LEU A 468 -1.44 -23.45 -31.22
N LEU A 469 -1.74 -22.41 -30.44
CA LEU A 469 -2.93 -21.60 -30.73
C LEU A 469 -2.82 -20.93 -32.09
N LYS A 470 -1.62 -20.45 -32.44
CA LYS A 470 -1.43 -19.83 -33.75
C LYS A 470 -1.66 -20.84 -34.87
N LEU A 471 -1.32 -22.11 -34.64
CA LEU A 471 -1.61 -23.16 -35.63
C LEU A 471 -3.10 -23.22 -35.96
N VAL A 472 -3.97 -23.18 -34.94
CA VAL A 472 -5.40 -23.26 -35.18
C VAL A 472 -5.92 -21.97 -35.79
N MET A 473 -5.32 -20.82 -35.44
CA MET A 473 -5.72 -19.56 -36.08
C MET A 473 -5.39 -19.56 -37.56
N ALA A 474 -4.38 -20.33 -37.98
CA ALA A 474 -4.03 -20.46 -39.39
C ALA A 474 -4.93 -21.43 -40.13
N GLY A 475 -5.84 -22.11 -39.43
CA GLY A 475 -6.76 -23.04 -40.06
C GLY A 475 -6.24 -24.45 -40.20
N GLU A 476 -5.05 -24.75 -39.71
CA GLU A 476 -4.48 -26.09 -39.84
C GLU A 476 -5.23 -27.08 -38.96
N VAL A 477 -5.33 -28.31 -39.45
CA VAL A 477 -6.10 -29.36 -38.79
C VAL A 477 -5.29 -30.08 -37.72
N THR A 478 -4.06 -30.47 -38.06
CA THR A 478 -3.20 -31.21 -37.15
C THR A 478 -1.83 -30.54 -37.07
N ASN A 479 -1.03 -30.98 -36.12
CA ASN A 479 0.34 -30.50 -36.00
C ASN A 479 1.25 -31.38 -36.87
N SER A 480 2.55 -31.29 -36.66
CA SER A 480 3.50 -32.04 -37.49
C SER A 480 3.44 -33.54 -37.20
N LEU A 481 3.05 -33.92 -35.98
CA LEU A 481 2.95 -35.33 -35.62
C LEU A 481 1.61 -35.96 -35.96
N GLY A 482 0.65 -35.17 -36.42
CA GLY A 482 -0.65 -35.69 -36.81
C GLY A 482 -1.73 -35.64 -35.77
N GLN A 483 -1.50 -34.96 -34.64
CA GLN A 483 -2.50 -34.84 -33.59
C GLN A 483 -3.56 -33.82 -33.99
N ARG A 484 -4.82 -34.22 -33.91
CA ARG A 484 -5.91 -33.34 -34.30
C ARG A 484 -6.02 -32.16 -33.34
N LEU A 485 -6.13 -30.96 -33.90
CA LEU A 485 -6.25 -29.74 -33.11
C LEU A 485 -7.72 -29.47 -32.77
N PRO A 486 -8.02 -29.09 -31.53
CA PRO A 486 -9.40 -28.76 -31.19
C PRO A 486 -9.83 -27.46 -31.85
N GLN A 487 -11.08 -27.44 -32.32
CA GLN A 487 -11.64 -26.29 -33.02
C GLN A 487 -12.74 -25.66 -32.18
N LYS A 488 -13.30 -24.56 -32.69
CA LYS A 488 -14.40 -23.88 -32.00
C LYS A 488 -15.60 -24.80 -31.91
N GLY A 489 -16.17 -24.90 -30.71
CA GLY A 489 -17.29 -25.77 -30.45
C GLY A 489 -16.92 -27.10 -29.84
N ASP A 490 -15.67 -27.54 -30.01
CA ASP A 490 -15.25 -28.83 -29.46
C ASP A 490 -15.03 -28.75 -27.95
N VAL A 491 -14.23 -27.80 -27.50
CA VAL A 491 -14.01 -27.64 -26.06
C VAL A 491 -15.21 -26.95 -25.44
N GLU A 492 -15.69 -27.49 -24.32
CA GLU A 492 -16.77 -26.88 -23.56
C GLU A 492 -16.32 -26.26 -22.26
N MET A 493 -15.19 -26.73 -21.71
CA MET A 493 -14.58 -26.14 -20.52
C MET A 493 -13.10 -25.96 -20.76
N LEU A 494 -12.56 -24.82 -20.31
CA LEU A 494 -11.13 -24.54 -20.37
C LEU A 494 -10.62 -24.36 -18.95
N CYS A 495 -9.54 -25.08 -18.61
CA CYS A 495 -8.96 -25.00 -17.28
C CYS A 495 -7.45 -25.05 -17.38
N GLY A 496 -6.77 -24.47 -16.40
CA GLY A 496 -5.33 -24.48 -16.42
C GLY A 496 -4.75 -23.81 -15.18
N GLY A 497 -3.48 -24.12 -14.93
CA GLY A 497 -2.72 -23.50 -13.88
C GLY A 497 -1.37 -23.02 -14.39
N PRO A 498 -1.31 -21.77 -14.84
CA PRO A 498 -0.08 -21.24 -15.45
C PRO A 498 1.06 -21.23 -14.45
N PRO A 499 2.30 -21.01 -14.91
CA PRO A 499 3.45 -21.05 -14.00
C PRO A 499 3.31 -20.05 -12.87
N CYS A 500 3.78 -20.46 -11.69
CA CYS A 500 3.66 -19.70 -10.45
C CYS A 500 4.96 -19.01 -10.05
N GLN A 501 6.08 -19.35 -10.68
CA GLN A 501 7.38 -18.84 -10.24
C GLN A 501 7.48 -17.33 -10.35
N GLY A 502 6.63 -16.70 -11.17
CA GLY A 502 6.64 -15.24 -11.26
C GLY A 502 5.95 -14.55 -10.10
N PHE A 503 4.87 -15.14 -9.58
CA PHE A 503 4.13 -14.57 -8.46
C PHE A 503 4.36 -15.32 -7.17
N SER A 504 5.11 -16.42 -7.19
CA SER A 504 5.45 -17.12 -5.96
C SER A 504 6.19 -16.17 -5.01
N GLY A 505 5.68 -16.07 -3.78
CA GLY A 505 6.25 -15.17 -2.81
C GLY A 505 7.53 -15.68 -2.18
N MET A 506 8.35 -16.38 -2.94
CA MET A 506 9.56 -17.03 -2.43
C MET A 506 10.85 -16.60 -3.09
N ASN A 507 10.83 -16.13 -4.34
CA ASN A 507 12.04 -15.94 -5.13
C ASN A 507 12.45 -14.47 -5.13
N ARG A 508 13.76 -14.24 -4.98
CA ARG A 508 14.26 -12.88 -4.74
C ARG A 508 14.08 -11.99 -5.96
N PHE A 509 14.40 -12.50 -7.14
CA PHE A 509 14.37 -11.69 -8.36
C PHE A 509 13.02 -11.85 -9.07
N TYR A 514 3.33 -2.90 -19.18
CA TYR A 514 2.00 -3.43 -19.45
C TYR A 514 2.04 -4.62 -20.41
N SER A 515 2.88 -4.51 -21.45
CA SER A 515 2.98 -5.55 -22.46
C SER A 515 3.73 -6.79 -21.97
N LYS A 516 4.44 -6.69 -20.84
CA LYS A 516 4.90 -7.90 -20.18
C LYS A 516 3.71 -8.77 -19.81
N PHE A 517 2.62 -8.16 -19.36
CA PHE A 517 1.36 -8.87 -19.21
C PHE A 517 0.77 -9.27 -20.55
N LYS A 518 0.95 -8.44 -21.59
CA LYS A 518 0.39 -8.76 -22.90
C LYS A 518 1.14 -9.88 -23.61
N ASN A 519 2.40 -10.11 -23.26
CA ASN A 519 3.15 -11.25 -23.77
C ASN A 519 3.18 -12.42 -22.79
N SER A 520 2.54 -12.27 -21.63
CA SER A 520 2.66 -13.25 -20.56
C SER A 520 1.99 -14.56 -20.96
N LEU A 521 2.08 -15.56 -20.08
CA LEU A 521 1.43 -16.83 -20.31
C LEU A 521 -0.03 -16.81 -19.86
N VAL A 522 -0.38 -15.94 -18.92
CA VAL A 522 -1.76 -15.86 -18.46
C VAL A 522 -2.65 -15.20 -19.51
N VAL A 523 -2.09 -14.27 -20.28
CA VAL A 523 -2.85 -13.70 -21.39
C VAL A 523 -2.95 -14.70 -22.53
N SER A 524 -1.93 -15.55 -22.69
CA SER A 524 -2.03 -16.64 -23.65
C SER A 524 -3.18 -17.57 -23.30
N PHE A 525 -3.33 -17.88 -22.01
CA PHE A 525 -4.44 -18.70 -21.53
C PHE A 525 -5.77 -17.99 -21.68
N LEU A 526 -5.78 -16.66 -21.77
CA LEU A 526 -7.01 -15.90 -21.95
C LEU A 526 -7.48 -15.83 -23.40
N SER A 527 -6.56 -15.85 -24.37
CA SER A 527 -6.95 -15.88 -25.76
C SER A 527 -7.46 -17.25 -26.19
N TYR A 528 -7.07 -18.32 -25.47
CA TYR A 528 -7.71 -19.61 -25.67
C TYR A 528 -9.20 -19.53 -25.32
N CYS A 529 -9.52 -18.89 -24.20
CA CYS A 529 -10.92 -18.67 -23.85
C CYS A 529 -11.56 -17.65 -24.78
N ASP A 530 -10.77 -16.70 -25.31
CA ASP A 530 -11.29 -15.76 -26.29
C ASP A 530 -11.62 -16.45 -27.61
N TYR A 531 -10.76 -17.39 -28.03
CA TYR A 531 -10.96 -18.06 -29.31
C TYR A 531 -12.07 -19.12 -29.22
N TYR A 532 -11.95 -20.03 -28.25
CA TYR A 532 -12.83 -21.19 -28.21
C TYR A 532 -14.20 -20.86 -27.65
N ARG A 533 -14.29 -19.84 -26.81
CA ARG A 533 -15.52 -19.49 -26.11
C ARG A 533 -16.16 -20.69 -25.41
N PRO A 534 -15.44 -21.30 -24.46
CA PRO A 534 -16.01 -22.46 -23.76
C PRO A 534 -17.14 -22.02 -22.82
N ARG A 535 -17.89 -23.02 -22.36
CA ARG A 535 -18.98 -22.77 -21.43
C ARG A 535 -18.50 -22.51 -20.00
N PHE A 536 -17.31 -23.01 -19.64
CA PHE A 536 -16.78 -22.84 -18.30
C PHE A 536 -15.28 -22.59 -18.37
N PHE A 537 -14.79 -21.81 -17.41
CA PHE A 537 -13.41 -21.34 -17.40
C PHE A 537 -12.89 -21.34 -15.97
N LEU A 538 -11.71 -21.90 -15.76
CA LEU A 538 -11.12 -21.98 -14.43
C LEU A 538 -9.62 -21.74 -14.53
N LEU A 539 -9.13 -20.77 -13.75
CA LEU A 539 -7.71 -20.46 -13.69
C LEU A 539 -7.24 -20.57 -12.25
N GLU A 540 -6.14 -21.29 -12.04
CA GLU A 540 -5.57 -21.52 -10.72
C GLU A 540 -4.16 -20.94 -10.66
N ASN A 541 -3.82 -20.38 -9.51
CA ASN A 541 -2.48 -19.86 -9.25
C ASN A 541 -2.31 -19.74 -7.75
N VAL A 542 -1.11 -19.36 -7.31
CA VAL A 542 -0.87 -19.21 -5.89
C VAL A 542 -1.64 -18.01 -5.34
N ARG A 543 -1.86 -18.01 -4.02
CA ARG A 543 -2.64 -16.96 -3.39
C ARG A 543 -2.08 -15.57 -3.71
N ASN A 544 -0.76 -15.46 -3.84
CA ASN A 544 -0.18 -14.15 -4.13
C ASN A 544 -0.40 -13.73 -5.57
N PHE A 545 -1.09 -14.52 -6.38
CA PHE A 545 -1.46 -14.08 -7.73
C PHE A 545 -2.32 -12.83 -7.68
N VAL A 546 -3.11 -12.65 -6.62
CA VAL A 546 -4.05 -11.53 -6.52
C VAL A 546 -3.51 -10.41 -5.63
N SER A 547 -2.24 -10.47 -5.24
CA SER A 547 -1.56 -9.35 -4.61
C SER A 547 -0.32 -8.93 -5.40
N TYR A 548 -0.09 -9.55 -6.55
CA TYR A 548 1.11 -9.29 -7.34
C TYR A 548 0.97 -7.97 -8.09
N ARG A 549 2.05 -7.18 -8.05
CA ARG A 549 2.12 -5.87 -8.71
C ARG A 549 0.96 -4.98 -8.27
N ARG A 550 0.80 -4.86 -6.95
CA ARG A 550 -0.32 -4.14 -6.34
C ARG A 550 -1.64 -4.60 -6.94
N SER A 551 -1.80 -5.92 -7.02
CA SER A 551 -3.02 -6.60 -7.43
C SER A 551 -3.38 -6.40 -8.89
N MET A 552 -2.45 -5.93 -9.72
CA MET A 552 -2.83 -5.52 -11.08
C MET A 552 -3.20 -6.72 -11.96
N VAL A 553 -2.50 -7.84 -11.80
CA VAL A 553 -2.62 -8.94 -12.77
C VAL A 553 -4.05 -9.46 -12.82
N LEU A 554 -4.68 -9.61 -11.65
CA LEU A 554 -6.07 -10.04 -11.56
C LEU A 554 -7.04 -8.94 -12.00
N LYS A 555 -6.74 -7.67 -11.67
CA LYS A 555 -7.56 -6.55 -12.13
C LYS A 555 -7.77 -6.58 -13.64
N LEU A 556 -6.75 -6.97 -14.39
CA LEU A 556 -6.87 -7.10 -15.84
C LEU A 556 -7.25 -8.50 -16.28
N THR A 557 -7.07 -9.51 -15.43
CA THR A 557 -7.48 -10.86 -15.79
C THR A 557 -9.00 -10.96 -15.88
N LEU A 558 -9.71 -10.38 -14.90
CA LEU A 558 -11.15 -10.25 -14.97
C LEU A 558 -11.60 -9.11 -15.87
N ARG A 559 -10.73 -8.11 -16.07
CA ARG A 559 -11.06 -7.03 -17.01
C ARG A 559 -11.27 -7.57 -18.41
N CYS A 560 -10.55 -8.63 -18.78
CA CYS A 560 -10.68 -9.15 -20.13
C CYS A 560 -11.89 -10.08 -20.24
N LEU A 561 -12.14 -10.89 -19.20
CA LEU A 561 -13.28 -11.80 -19.23
C LEU A 561 -14.59 -11.04 -19.36
N VAL A 562 -14.70 -9.88 -18.71
CA VAL A 562 -15.95 -9.14 -18.76
C VAL A 562 -16.12 -8.44 -20.11
N ARG A 563 -15.02 -8.01 -20.74
CA ARG A 563 -15.12 -7.54 -22.11
C ARG A 563 -15.51 -8.67 -23.05
N MET A 564 -15.18 -9.91 -22.71
CA MET A 564 -15.70 -11.03 -23.51
C MET A 564 -17.18 -11.31 -23.26
N GLY A 565 -17.82 -10.55 -22.37
CA GLY A 565 -19.17 -10.86 -21.97
C GLY A 565 -19.29 -12.01 -20.99
N TYR A 566 -18.17 -12.48 -20.44
CA TYR A 566 -18.18 -13.62 -19.54
C TYR A 566 -18.61 -13.21 -18.13
N GLN A 567 -19.45 -14.04 -17.52
CA GLN A 567 -19.59 -14.02 -16.07
C GLN A 567 -18.28 -14.50 -15.45
N CYS A 568 -17.95 -13.93 -14.29
CA CYS A 568 -16.65 -14.24 -13.71
C CYS A 568 -16.65 -13.86 -12.24
N THR A 569 -15.68 -14.43 -11.52
CA THR A 569 -15.50 -14.20 -10.09
C THR A 569 -14.14 -14.77 -9.69
N PHE A 570 -13.70 -14.44 -8.49
CA PHE A 570 -12.41 -14.93 -8.00
C PHE A 570 -12.50 -15.19 -6.50
N GLY A 571 -11.44 -15.79 -5.97
CA GLY A 571 -11.36 -16.11 -4.56
C GLY A 571 -10.18 -17.00 -4.23
N VAL A 572 -9.78 -17.04 -2.96
CA VAL A 572 -8.66 -17.85 -2.50
C VAL A 572 -9.21 -19.01 -1.68
N LEU A 573 -8.73 -20.22 -1.97
CA LEU A 573 -9.20 -21.43 -1.31
C LEU A 573 -8.03 -22.16 -0.67
N GLN A 574 -8.27 -22.75 0.49
CA GLN A 574 -7.27 -23.54 1.20
C GLN A 574 -7.52 -25.01 0.89
N ALA A 575 -6.54 -25.65 0.23
CA ALA A 575 -6.69 -27.05 -0.13
C ALA A 575 -6.89 -27.93 1.11
N GLY A 576 -6.22 -27.58 2.21
CA GLY A 576 -6.37 -28.33 3.44
C GLY A 576 -7.79 -28.38 3.97
N GLN A 577 -8.65 -27.46 3.53
CA GLN A 577 -10.06 -27.48 3.90
C GLN A 577 -10.88 -28.47 3.10
N TYR A 578 -10.25 -29.26 2.22
CA TYR A 578 -11.01 -30.15 1.34
C TYR A 578 -10.45 -31.56 1.32
N GLY A 579 -9.64 -31.94 2.32
CA GLY A 579 -9.33 -33.34 2.47
C GLY A 579 -7.88 -33.76 2.61
N VAL A 580 -6.94 -32.84 2.42
CA VAL A 580 -5.52 -33.18 2.49
C VAL A 580 -4.90 -32.54 3.72
N ALA A 581 -3.73 -33.03 4.10
CA ALA A 581 -2.99 -32.53 5.26
C ALA A 581 -1.88 -31.59 4.82
N GLN A 582 -2.28 -30.51 4.14
CA GLN A 582 -1.34 -29.54 3.61
C GLN A 582 -2.01 -28.19 3.52
N THR A 583 -1.35 -27.16 4.03
CA THR A 583 -1.82 -25.79 3.83
C THR A 583 -1.36 -25.32 2.46
N ARG A 584 -2.30 -25.07 1.56
CA ARG A 584 -1.99 -24.74 0.17
C ARG A 584 -3.06 -23.78 -0.35
N ARG A 585 -2.86 -22.50 -0.08
CA ARG A 585 -3.79 -21.48 -0.54
C ARG A 585 -3.51 -21.16 -2.00
N ARG A 586 -4.54 -21.30 -2.84
CA ARG A 586 -4.43 -21.05 -4.26
C ARG A 586 -5.57 -20.15 -4.72
N ALA A 587 -5.25 -19.17 -5.56
CA ALA A 587 -6.25 -18.26 -6.09
C ALA A 587 -7.00 -18.92 -7.25
N ILE A 588 -8.33 -18.87 -7.19
CA ILE A 588 -9.18 -19.51 -8.19
C ILE A 588 -9.98 -18.43 -8.90
N ILE A 589 -9.95 -18.44 -10.23
CA ILE A 589 -10.73 -17.52 -11.05
C ILE A 589 -11.72 -18.36 -11.84
N LEU A 590 -13.00 -18.21 -11.54
CA LEU A 590 -14.06 -18.90 -12.25
C LEU A 590 -14.70 -17.99 -13.28
N ALA A 591 -15.25 -18.60 -14.32
CA ALA A 591 -15.94 -17.85 -15.36
C ALA A 591 -16.93 -18.78 -16.05
N ALA A 592 -18.08 -18.22 -16.43
CA ALA A 592 -19.15 -19.00 -17.06
C ALA A 592 -19.71 -18.23 -18.24
N ALA A 593 -20.04 -18.96 -19.30
CA ALA A 593 -20.65 -18.35 -20.48
C ALA A 593 -21.98 -17.70 -20.09
N PRO A 594 -22.39 -16.65 -20.81
CA PRO A 594 -23.64 -15.95 -20.45
C PRO A 594 -24.85 -16.86 -20.39
N GLY A 595 -24.91 -17.90 -21.21
CA GLY A 595 -26.04 -18.81 -21.18
C GLY A 595 -26.05 -19.77 -20.00
N GLU A 596 -24.91 -19.91 -19.33
CA GLU A 596 -24.78 -20.81 -18.19
C GLU A 596 -25.02 -20.06 -16.89
N LYS A 597 -24.78 -20.73 -15.76
CA LYS A 597 -24.85 -20.14 -14.45
C LYS A 597 -23.47 -20.15 -13.80
N LEU A 598 -23.08 -19.03 -13.23
CA LEU A 598 -21.75 -18.90 -12.64
C LEU A 598 -21.65 -19.75 -11.38
N PRO A 599 -20.68 -20.65 -11.29
CA PRO A 599 -20.56 -21.49 -10.10
C PRO A 599 -20.14 -20.69 -8.87
N LEU A 600 -20.54 -21.18 -7.71
CA LEU A 600 -20.09 -20.67 -6.44
C LEU A 600 -18.94 -21.52 -5.91
N PHE A 601 -18.21 -20.97 -4.96
CA PHE A 601 -17.03 -21.67 -4.48
C PHE A 601 -17.41 -22.78 -3.49
N PRO A 602 -16.64 -23.87 -3.47
CA PRO A 602 -16.99 -25.00 -2.59
C PRO A 602 -16.83 -24.63 -1.12
N GLU A 603 -17.82 -25.03 -0.32
CA GLU A 603 -17.70 -24.72 1.09
C GLU A 603 -16.86 -25.78 1.80
N PRO A 604 -16.07 -25.36 2.79
CA PRO A 604 -15.08 -26.28 3.39
C PRO A 604 -15.73 -27.51 3.98
N LEU A 605 -15.04 -28.65 3.82
CA LEU A 605 -15.46 -29.93 4.36
C LEU A 605 -14.77 -30.28 5.67
N HIS A 606 -13.48 -30.01 5.77
CA HIS A 606 -12.70 -30.30 6.97
C HIS A 606 -12.31 -29.01 7.66
N VAL A 607 -12.30 -29.02 8.99
CA VAL A 607 -11.73 -27.91 9.73
C VAL A 607 -10.22 -27.85 9.46
N PHE A 608 -9.63 -26.70 9.75
CA PHE A 608 -8.21 -26.51 9.52
C PHE A 608 -7.70 -25.43 10.47
N ALA A 609 -6.38 -25.40 10.63
CA ALA A 609 -5.76 -24.39 11.48
C ALA A 609 -6.16 -23.00 11.01
N PRO A 610 -6.67 -22.14 11.91
CA PRO A 610 -7.25 -20.87 11.44
C PRO A 610 -6.23 -19.92 10.83
N ARG A 611 -4.98 -19.96 11.28
CA ARG A 611 -3.97 -19.04 10.77
C ARG A 611 -3.64 -19.29 9.31
N ALA A 612 -4.09 -20.40 8.72
CA ALA A 612 -3.83 -20.71 7.33
C ALA A 612 -5.06 -20.58 6.44
N CYS A 613 -6.25 -20.38 7.01
CA CYS A 613 -7.48 -20.24 6.25
C CYS A 613 -7.91 -18.78 6.12
N GLN A 614 -6.96 -17.85 6.22
CA GLN A 614 -7.25 -16.45 5.98
C GLN A 614 -7.41 -16.21 4.49
N LEU A 615 -8.63 -16.34 3.98
CA LEU A 615 -8.90 -16.37 2.54
C LEU A 615 -9.31 -15.02 1.98
N SER A 616 -9.34 -13.97 2.80
CA SER A 616 -9.72 -12.66 2.30
C SER A 616 -8.69 -12.15 1.29
N VAL A 617 -9.10 -11.17 0.50
CA VAL A 617 -8.24 -10.56 -0.52
C VAL A 617 -8.54 -9.07 -0.58
N VAL A 618 -7.50 -8.26 -0.44
CA VAL A 618 -7.62 -6.81 -0.42
C VAL A 618 -7.11 -6.26 -1.75
N VAL A 619 -7.96 -5.50 -2.44
CA VAL A 619 -7.55 -4.78 -3.64
C VAL A 619 -8.13 -3.37 -3.56
N ASP A 620 -7.25 -2.37 -3.49
CA ASP A 620 -7.65 -0.95 -3.41
C ASP A 620 -8.57 -0.69 -2.22
N ASP A 621 -8.15 -1.19 -1.05
CA ASP A 621 -8.80 -0.94 0.23
C ASP A 621 -10.22 -1.50 0.32
N LYS A 622 -10.68 -2.18 -0.72
CA LYS A 622 -11.94 -2.92 -0.67
C LYS A 622 -11.62 -4.39 -0.43
N LYS A 623 -12.13 -4.94 0.66
CA LYS A 623 -11.91 -6.34 0.99
C LYS A 623 -12.99 -7.19 0.35
N PHE A 624 -12.58 -8.26 -0.32
CA PHE A 624 -13.49 -9.16 -1.00
C PHE A 624 -13.36 -10.56 -0.39
N VAL A 625 -14.51 -11.22 -0.23
CA VAL A 625 -14.55 -12.56 0.35
C VAL A 625 -15.16 -13.51 -0.67
N SER A 626 -14.96 -14.80 -0.44
CA SER A 626 -15.66 -15.80 -1.23
C SER A 626 -17.06 -16.02 -0.65
N ASN A 627 -17.93 -16.63 -1.47
CA ASN A 627 -19.28 -16.95 -1.03
C ASN A 627 -19.32 -17.98 0.10
N ILE A 628 -18.16 -18.50 0.51
CA ILE A 628 -18.10 -19.51 1.56
C ILE A 628 -18.69 -18.96 2.86
N THR A 629 -19.48 -19.79 3.53
CA THR A 629 -20.13 -19.41 4.78
C THR A 629 -19.56 -20.14 6.00
N ARG A 630 -18.66 -21.10 5.82
CA ARG A 630 -18.12 -21.88 6.91
C ARG A 630 -16.77 -21.31 7.32
N LEU A 631 -16.78 -20.49 8.38
CA LEU A 631 -15.57 -19.99 9.01
C LEU A 631 -15.31 -20.63 10.36
N SER A 632 -16.36 -20.72 11.19
CA SER A 632 -16.35 -21.39 12.48
C SER A 632 -15.67 -22.76 12.41
N SER A 633 -16.36 -23.75 11.88
CA SER A 633 -15.82 -25.10 11.76
C SER A 633 -16.48 -25.76 10.56
N GLY A 634 -16.30 -27.07 10.45
CA GLY A 634 -16.84 -27.82 9.33
C GLY A 634 -17.39 -29.16 9.75
N PRO A 635 -17.95 -29.90 8.79
CA PRO A 635 -18.55 -31.20 9.13
C PRO A 635 -17.54 -32.27 9.53
N PHE A 636 -16.31 -32.21 9.02
CA PHE A 636 -15.37 -33.30 9.18
C PHE A 636 -14.11 -32.85 9.91
N ARG A 637 -13.53 -33.80 10.65
CA ARG A 637 -12.27 -33.59 11.36
C ARG A 637 -11.15 -33.29 10.36
N THR A 638 -10.14 -32.56 10.83
CA THR A 638 -9.03 -32.18 9.97
C THR A 638 -8.18 -33.40 9.62
N ILE A 639 -7.65 -33.41 8.40
CA ILE A 639 -6.78 -34.48 7.94
C ILE A 639 -5.35 -34.17 8.39
N THR A 640 -4.68 -35.16 8.95
CA THR A 640 -3.36 -34.98 9.55
C THR A 640 -2.33 -35.88 8.90
N VAL A 641 -1.07 -35.71 9.33
CA VAL A 641 0.05 -36.43 8.71
C VAL A 641 -0.04 -37.92 8.99
N ARG A 642 -0.56 -38.31 10.15
CA ARG A 642 -0.67 -39.74 10.43
C ARG A 642 -1.74 -40.39 9.56
N ASP A 643 -2.88 -39.73 9.37
CA ASP A 643 -3.82 -40.20 8.35
C ASP A 643 -3.22 -40.19 6.96
N THR A 644 -2.08 -39.52 6.77
CA THR A 644 -1.44 -39.33 5.49
C THR A 644 -0.34 -40.35 5.20
N MET A 645 0.45 -40.73 6.21
CA MET A 645 1.64 -41.55 5.94
C MET A 645 1.86 -42.70 6.92
N SER A 646 0.93 -42.97 7.84
CA SER A 646 1.19 -43.95 8.89
C SER A 646 1.25 -45.38 8.38
N ASP A 647 0.78 -45.64 7.16
CA ASP A 647 0.79 -47.00 6.62
C ASP A 647 2.03 -47.31 5.79
N LEU A 648 2.81 -46.30 5.45
CA LEU A 648 3.95 -46.52 4.57
C LEU A 648 5.11 -47.15 5.34
N PRO A 649 5.85 -48.06 4.70
CA PRO A 649 6.92 -48.76 5.40
C PRO A 649 8.15 -47.88 5.60
N GLU A 650 8.92 -48.24 6.62
CA GLU A 650 10.12 -47.49 6.98
C GLU A 650 11.19 -47.69 5.93
N ILE A 651 11.69 -46.59 5.37
CA ILE A 651 12.76 -46.61 4.38
C ILE A 651 13.88 -45.71 4.87
N GLN A 652 15.10 -46.05 4.50
CA GLN A 652 16.27 -45.23 4.83
C GLN A 652 16.48 -44.17 3.75
N ASN A 653 17.31 -43.18 4.08
CA ASN A 653 17.53 -42.07 3.17
C ASN A 653 18.14 -42.54 1.86
N GLY A 654 17.62 -42.03 0.75
CA GLY A 654 18.10 -42.40 -0.55
C GLY A 654 17.47 -43.64 -1.14
N ALA A 655 16.18 -43.87 -0.89
CA ALA A 655 15.52 -45.06 -1.40
C ALA A 655 15.42 -45.01 -2.92
N SER A 656 15.69 -46.15 -3.56
CA SER A 656 15.61 -46.26 -5.00
C SER A 656 14.68 -47.36 -5.49
N ASN A 657 14.22 -48.24 -4.61
CA ASN A 657 13.29 -49.30 -5.01
C ASN A 657 11.94 -48.68 -5.34
N SER A 658 11.62 -48.64 -6.63
CA SER A 658 10.41 -47.96 -7.09
C SER A 658 9.15 -48.75 -6.83
N GLU A 659 9.26 -50.05 -6.57
CA GLU A 659 8.09 -50.90 -6.32
C GLU A 659 8.42 -51.82 -5.14
N ILE A 660 7.93 -51.45 -3.97
CA ILE A 660 8.09 -52.27 -2.77
C ILE A 660 6.71 -52.61 -2.22
N PRO A 661 6.55 -53.72 -1.50
CA PRO A 661 5.22 -54.11 -1.02
C PRO A 661 4.80 -53.32 0.21
N TYR A 662 3.50 -53.07 0.29
CA TYR A 662 2.91 -52.68 1.57
C TYR A 662 3.14 -53.79 2.57
N ASN A 663 3.59 -53.43 3.77
CA ASN A 663 3.64 -54.42 4.83
C ASN A 663 2.50 -54.15 5.80
N GLY A 664 1.28 -54.22 5.29
CA GLY A 664 0.10 -53.91 6.06
C GLY A 664 -1.00 -53.41 5.16
N GLU A 665 -2.14 -53.11 5.78
CA GLU A 665 -3.33 -52.61 5.14
C GLU A 665 -3.57 -51.15 5.55
N PRO A 666 -4.46 -50.44 4.86
CA PRO A 666 -4.70 -49.02 5.21
C PRO A 666 -5.03 -48.83 6.68
N LEU A 667 -4.42 -47.79 7.27
CA LEU A 667 -4.53 -47.52 8.69
C LEU A 667 -5.46 -46.34 9.02
N SER A 668 -6.09 -45.74 8.03
CA SER A 668 -6.95 -44.59 8.27
C SER A 668 -8.01 -44.50 7.18
N TRP A 669 -9.02 -43.66 7.43
CA TRP A 669 -10.01 -43.40 6.40
C TRP A 669 -9.36 -42.77 5.16
N PHE A 670 -8.40 -41.88 5.38
CA PHE A 670 -7.77 -41.18 4.27
C PHE A 670 -6.98 -42.13 3.38
N GLN A 671 -6.26 -43.07 3.98
CA GLN A 671 -5.50 -44.04 3.20
C GLN A 671 -6.44 -45.01 2.48
N ARG A 672 -7.53 -45.42 3.14
CA ARG A 672 -8.51 -46.28 2.48
C ARG A 672 -9.11 -45.60 1.25
N GLN A 673 -9.18 -44.26 1.26
CA GLN A 673 -9.74 -43.56 0.11
C GLN A 673 -8.79 -43.59 -1.09
N LEU A 674 -7.49 -43.53 -0.84
CA LEU A 674 -6.51 -43.44 -1.91
C LEU A 674 -6.01 -44.80 -2.39
N ARG A 675 -6.14 -45.85 -1.58
CA ARG A 675 -5.68 -47.17 -1.94
C ARG A 675 -6.77 -48.06 -2.50
N GLY A 676 -8.02 -47.59 -2.48
CA GLY A 676 -9.12 -48.43 -2.88
C GLY A 676 -9.32 -49.61 -1.93
N SER A 677 -10.33 -50.41 -2.24
CA SER A 677 -10.64 -51.61 -1.48
C SER A 677 -10.16 -52.88 -2.17
N HIS A 678 -9.84 -52.81 -3.46
CA HIS A 678 -9.32 -53.97 -4.16
C HIS A 678 -7.90 -54.29 -3.70
N TYR A 679 -7.53 -55.56 -3.77
CA TYR A 679 -6.23 -56.00 -3.31
C TYR A 679 -5.13 -55.44 -4.19
N GLN A 680 -4.24 -54.65 -3.61
CA GLN A 680 -3.07 -54.13 -4.30
C GLN A 680 -1.88 -54.11 -3.35
N PRO A 681 -0.90 -54.98 -3.54
CA PRO A 681 0.22 -55.06 -2.59
C PRO A 681 1.40 -54.15 -2.91
N ILE A 682 1.47 -53.59 -4.10
CA ILE A 682 2.65 -52.86 -4.55
C ILE A 682 2.47 -51.38 -4.25
N LEU A 683 3.34 -50.84 -3.41
CA LEU A 683 3.43 -49.40 -3.18
C LEU A 683 4.46 -48.81 -4.13
N ARG A 684 4.10 -47.73 -4.80
CA ARG A 684 4.94 -47.14 -5.83
C ARG A 684 5.32 -45.71 -5.47
N ASP A 685 6.47 -45.28 -6.00
CA ASP A 685 6.97 -43.91 -5.82
C ASP A 685 7.23 -43.57 -4.36
N HIS A 686 7.57 -44.57 -3.57
CA HIS A 686 7.96 -44.36 -2.17
C HIS A 686 9.49 -44.35 -2.04
N ILE A 687 10.10 -43.39 -2.73
CA ILE A 687 11.54 -43.31 -2.85
C ILE A 687 12.04 -41.98 -2.30
N CYS A 688 13.21 -42.02 -1.68
CA CYS A 688 13.80 -40.89 -1.01
C CYS A 688 14.95 -40.31 -1.84
N LYS A 689 15.23 -39.02 -1.62
CA LYS A 689 16.39 -38.40 -2.23
C LYS A 689 17.66 -38.84 -1.50
N ASP A 690 18.73 -39.06 -2.26
CA ASP A 690 20.00 -39.50 -1.70
C ASP A 690 20.79 -38.25 -1.26
N MET A 691 20.78 -37.98 0.03
CA MET A 691 21.40 -36.78 0.57
C MET A 691 22.87 -37.04 0.92
N SER A 692 23.61 -35.95 1.05
CA SER A 692 25.03 -36.04 1.34
C SER A 692 25.24 -36.58 2.76
N PRO A 693 26.39 -37.21 3.02
CA PRO A 693 26.67 -37.68 4.38
C PRO A 693 26.65 -36.57 5.42
N LEU A 694 26.91 -35.33 5.02
CA LEU A 694 26.79 -34.21 5.95
C LEU A 694 25.32 -33.90 6.21
N VAL A 695 24.53 -33.75 5.14
CA VAL A 695 23.09 -33.52 5.31
C VAL A 695 22.46 -34.69 6.04
N ALA A 696 22.87 -35.92 5.71
CA ALA A 696 22.35 -37.10 6.40
C ALA A 696 22.62 -37.02 7.89
N ALA A 697 23.85 -36.67 8.27
CA ALA A 697 24.19 -36.55 9.69
C ALA A 697 23.35 -35.47 10.36
N ARG A 698 23.05 -34.39 9.63
CA ARG A 698 22.21 -33.33 10.20
C ARG A 698 20.83 -33.86 10.56
N MET A 699 20.25 -34.69 9.70
CA MET A 699 18.87 -35.14 9.91
C MET A 699 18.77 -36.16 11.02
N ARG A 700 19.84 -36.95 11.24
CA ARG A 700 19.83 -37.89 12.36
C ARG A 700 19.78 -37.16 13.69
N HIS A 701 20.35 -35.96 13.76
CA HIS A 701 20.42 -35.18 15.00
C HIS A 701 19.28 -34.17 15.12
N ILE A 702 18.28 -34.23 14.26
CA ILE A 702 17.08 -33.42 14.43
C ILE A 702 16.16 -34.15 15.40
N PRO A 703 15.81 -33.55 16.55
CA PRO A 703 14.96 -34.24 17.53
C PRO A 703 13.60 -34.60 16.95
N LEU A 704 12.96 -35.60 17.56
CA LEU A 704 11.70 -36.13 17.06
C LEU A 704 10.49 -35.31 17.50
N PHE A 705 10.64 -34.45 18.50
CA PHE A 705 9.50 -33.78 19.10
C PHE A 705 8.97 -32.66 18.20
N PRO A 706 7.67 -32.44 18.20
CA PRO A 706 7.06 -31.51 17.24
C PRO A 706 7.64 -30.11 17.33
N GLY A 707 7.89 -29.52 16.16
CA GLY A 707 8.49 -28.20 16.08
C GLY A 707 9.98 -28.18 15.94
N SER A 708 10.64 -29.35 15.96
CA SER A 708 12.08 -29.40 15.83
C SER A 708 12.53 -28.95 14.44
N ASP A 709 13.69 -28.32 14.40
CA ASP A 709 14.32 -27.95 13.13
C ASP A 709 15.82 -27.75 13.38
N TRP A 710 16.48 -27.00 12.50
CA TRP A 710 17.93 -26.88 12.55
C TRP A 710 18.40 -26.23 13.84
N ARG A 711 17.58 -25.36 14.43
CA ARG A 711 17.96 -24.66 15.65
C ARG A 711 18.16 -25.59 16.84
N ASP A 712 17.85 -26.88 16.69
CA ASP A 712 18.09 -27.88 17.72
C ASP A 712 19.33 -28.71 17.45
N LEU A 713 20.06 -28.44 16.36
CA LEU A 713 21.23 -29.23 16.03
C LEU A 713 22.36 -28.98 17.03
N PRO A 714 23.07 -30.01 17.46
CA PRO A 714 24.20 -29.81 18.36
C PRO A 714 25.44 -29.34 17.62
N ASN A 715 26.25 -28.53 18.32
CA ASN A 715 27.51 -28.06 17.78
C ASN A 715 28.61 -29.08 18.12
N ILE A 716 28.51 -30.23 17.47
CA ILE A 716 29.38 -31.36 17.75
C ILE A 716 30.27 -31.62 16.53
N GLN A 717 31.24 -32.51 16.71
CA GLN A 717 32.02 -33.05 15.62
C GLN A 717 31.60 -34.50 15.40
N VAL A 718 31.12 -34.79 14.19
CA VAL A 718 30.83 -36.16 13.77
C VAL A 718 31.65 -36.46 12.52
N ARG A 719 32.22 -37.66 12.46
CA ARG A 719 32.91 -38.11 11.27
C ARG A 719 31.96 -38.94 10.41
N LEU A 720 32.03 -38.75 9.10
CA LEU A 720 31.04 -39.25 8.16
C LEU A 720 31.58 -40.47 7.42
N GLY A 721 31.13 -40.68 6.18
CA GLY A 721 31.66 -41.76 5.37
C GLY A 721 33.10 -41.51 4.97
N ASP A 722 33.83 -42.61 4.76
CA ASP A 722 35.28 -42.58 4.49
C ASP A 722 35.93 -41.86 5.66
N GLY A 723 36.82 -40.89 5.43
CA GLY A 723 37.47 -40.19 6.53
C GLY A 723 37.06 -38.74 6.65
N VAL A 724 35.85 -38.42 6.17
CA VAL A 724 35.36 -37.04 6.22
C VAL A 724 34.90 -36.72 7.63
N ILE A 725 35.15 -35.47 8.04
CA ILE A 725 34.86 -35.01 9.40
C ILE A 725 33.99 -33.76 9.31
N ALA A 726 32.91 -33.74 10.10
CA ALA A 726 32.05 -32.56 10.18
C ALA A 726 32.51 -31.69 11.35
N HIS A 727 32.92 -30.47 11.03
CA HIS A 727 33.56 -29.60 12.03
C HIS A 727 32.51 -28.88 12.86
N LYS A 728 32.94 -28.38 14.01
CA LYS A 728 32.11 -27.54 14.85
C LYS A 728 32.08 -26.12 14.30
N LEU A 729 31.05 -25.37 14.70
CA LEU A 729 30.87 -24.00 14.25
C LEU A 729 31.51 -23.05 15.27
N GLN A 730 32.37 -22.16 14.78
CA GLN A 730 33.10 -21.23 15.62
C GLN A 730 32.38 -19.88 15.64
N TYR A 731 32.13 -19.37 16.84
CA TYR A 731 31.47 -18.07 17.02
C TYR A 731 32.53 -17.06 17.43
N THR A 732 33.12 -16.41 16.43
CA THR A 732 34.23 -15.48 16.63
C THR A 732 33.84 -14.04 16.36
N PHE A 733 32.55 -13.73 16.43
CA PHE A 733 32.06 -12.39 16.16
C PHE A 733 30.96 -12.03 17.14
N HIS A 734 30.87 -10.75 17.47
CA HIS A 734 29.77 -10.26 18.29
C HIS A 734 28.50 -10.18 17.44
N ASP A 735 27.37 -10.50 18.05
CA ASP A 735 26.06 -10.27 17.44
C ASP A 735 25.42 -9.10 18.18
N VAL A 736 25.44 -7.93 17.54
CA VAL A 736 25.00 -6.70 18.21
C VAL A 736 23.56 -6.82 18.67
N LYS A 737 22.73 -7.52 17.89
CA LYS A 737 21.32 -7.66 18.23
C LYS A 737 21.06 -8.84 19.15
N ASN A 738 21.77 -9.95 18.97
CA ASN A 738 21.49 -11.17 19.72
C ASN A 738 22.32 -11.28 21.00
N GLY A 739 23.33 -10.44 21.18
CA GLY A 739 24.07 -10.42 22.42
C GLY A 739 24.84 -11.70 22.73
N TYR A 740 25.30 -11.77 23.97
CA TYR A 740 26.07 -12.92 24.45
C TYR A 740 25.14 -14.04 24.89
N SER A 741 25.73 -15.20 25.15
CA SER A 741 24.98 -16.39 25.51
C SER A 741 24.84 -16.51 27.03
N SER A 742 24.24 -17.62 27.46
CA SER A 742 24.23 -17.94 28.88
C SER A 742 25.63 -18.25 29.39
N THR A 743 26.51 -18.75 28.53
CA THR A 743 27.87 -19.12 28.90
C THR A 743 28.87 -18.01 28.61
N GLY A 744 28.41 -16.83 28.23
CA GLY A 744 29.31 -15.76 27.83
C GLY A 744 29.90 -15.92 26.45
N ALA A 745 29.50 -16.94 25.70
CA ALA A 745 30.00 -17.15 24.35
C ALA A 745 29.30 -16.21 23.38
N LEU A 746 29.87 -16.07 22.20
CA LEU A 746 29.34 -15.17 21.18
C LEU A 746 28.35 -15.91 20.29
N ARG A 747 27.54 -15.13 19.58
CA ARG A 747 26.47 -15.68 18.75
C ARG A 747 26.56 -15.22 17.30
N GLY A 748 27.73 -14.75 16.87
CA GLY A 748 27.92 -14.33 15.49
C GLY A 748 28.99 -15.17 14.82
N VAL A 749 28.84 -15.34 13.51
CA VAL A 749 29.79 -16.11 12.71
C VAL A 749 30.42 -15.28 11.61
N CYS A 750 30.06 -14.00 11.47
CA CYS A 750 30.65 -13.15 10.46
C CYS A 750 30.68 -11.71 10.96
N SER A 751 31.36 -10.85 10.20
CA SER A 751 31.53 -9.46 10.58
C SER A 751 30.27 -8.62 10.42
N CYS A 752 29.27 -9.09 9.68
CA CYS A 752 28.01 -8.35 9.59
C CYS A 752 27.25 -8.40 10.91
N ALA A 753 27.48 -9.44 11.71
CA ALA A 753 26.85 -9.52 13.03
C ALA A 753 27.32 -8.40 13.94
N GLU A 754 28.40 -7.73 13.60
CA GLU A 754 28.88 -6.55 14.32
C GLU A 754 28.52 -5.25 13.61
N GLY A 755 27.71 -5.32 12.56
CA GLY A 755 27.35 -4.14 11.80
C GLY A 755 28.29 -3.79 10.67
N LYS A 756 29.37 -4.54 10.48
CA LYS A 756 30.34 -4.27 9.43
C LYS A 756 29.90 -4.92 8.12
N ALA A 757 30.72 -4.75 7.08
CA ALA A 757 30.49 -5.46 5.84
C ALA A 757 30.92 -6.92 5.98
N CYS A 758 30.15 -7.81 5.36
CA CYS A 758 30.45 -9.24 5.43
C CYS A 758 31.83 -9.53 4.88
N ASP A 759 32.64 -10.22 5.67
CA ASP A 759 34.02 -10.51 5.29
C ASP A 759 34.12 -11.93 4.74
N PRO A 760 34.53 -12.11 3.48
CA PRO A 760 34.84 -13.45 3.00
C PRO A 760 36.05 -14.02 3.73
N GLU A 761 36.15 -15.35 3.69
CA GLU A 761 37.12 -16.19 4.39
C GLU A 761 36.76 -16.36 5.86
N SER A 762 35.77 -15.63 6.38
CA SER A 762 35.16 -15.98 7.66
C SER A 762 34.06 -17.02 7.50
N ARG A 763 33.81 -17.46 6.27
CA ARG A 763 32.81 -18.47 5.99
C ARG A 763 33.33 -19.85 6.36
N GLN A 764 32.51 -20.63 7.05
CA GLN A 764 32.88 -21.95 7.53
C GLN A 764 32.20 -23.03 6.69
N PHE A 765 32.88 -24.15 6.53
CA PHE A 765 32.44 -25.23 5.65
C PHE A 765 32.35 -26.54 6.43
N SER A 766 31.54 -27.45 5.90
CA SER A 766 31.38 -28.81 6.44
C SER A 766 30.99 -28.77 7.91
N THR A 767 30.26 -27.74 8.31
CA THR A 767 29.76 -27.64 9.67
C THR A 767 28.44 -28.39 9.80
N LEU A 768 28.20 -28.95 11.00
CA LEU A 768 26.92 -29.61 11.22
C LEU A 768 25.80 -28.60 11.39
N ILE A 769 26.06 -27.53 12.12
CA ILE A 769 25.16 -26.38 12.15
C ILE A 769 25.49 -25.55 10.91
N PRO A 770 24.62 -25.54 9.90
CA PRO A 770 24.96 -24.88 8.64
C PRO A 770 25.36 -23.43 8.86
N TRP A 771 26.40 -23.00 8.16
CA TRP A 771 26.99 -21.68 8.42
C TRP A 771 26.07 -20.56 7.98
N CYS A 772 25.33 -20.75 6.89
CA CYS A 772 24.56 -19.66 6.31
C CYS A 772 23.31 -19.31 7.09
N LEU A 773 22.86 -20.16 8.01
CA LEU A 773 21.59 -19.92 8.67
C LEU A 773 21.73 -18.96 9.85
N PRO A 774 22.71 -19.14 10.76
CA PRO A 774 22.99 -18.05 11.71
C PRO A 774 23.57 -16.81 11.05
N HIS A 775 24.11 -16.95 9.84
CA HIS A 775 24.69 -15.81 9.14
C HIS A 775 23.64 -14.75 8.85
N THR A 776 22.55 -15.14 8.20
CA THR A 776 21.46 -14.22 7.85
C THR A 776 20.16 -14.57 8.58
N GLY A 777 20.27 -15.16 9.76
CA GLY A 777 19.08 -15.62 10.47
C GLY A 777 18.25 -14.49 11.05
N ASN A 778 18.90 -13.39 11.46
CA ASN A 778 18.18 -12.32 12.15
C ASN A 778 17.08 -11.73 11.27
N ARG A 779 17.34 -11.59 9.97
CA ARG A 779 16.39 -10.97 9.05
C ARG A 779 15.67 -11.99 8.18
N HIS A 780 15.63 -13.25 8.60
CA HIS A 780 14.83 -14.27 7.92
C HIS A 780 14.09 -15.11 8.95
N ASN A 781 13.66 -14.47 10.03
CA ASN A 781 12.98 -15.11 11.16
C ASN A 781 13.70 -16.39 11.59
N HIS A 782 15.03 -16.28 11.68
CA HIS A 782 15.90 -17.36 12.16
C HIS A 782 15.77 -18.63 11.32
N TRP A 783 15.32 -18.50 10.08
CA TRP A 783 15.15 -19.62 9.16
C TRP A 783 14.36 -20.75 9.79
N ALA A 784 13.18 -20.39 10.33
CA ALA A 784 12.33 -21.37 10.99
C ALA A 784 11.86 -22.43 9.99
N GLY A 785 11.79 -23.67 10.48
CA GLY A 785 11.29 -24.77 9.68
C GLY A 785 12.36 -25.54 8.92
N LEU A 786 13.51 -24.93 8.64
CA LEU A 786 14.53 -25.60 7.86
C LEU A 786 15.13 -26.77 8.64
N TYR A 787 15.31 -27.89 7.95
CA TYR A 787 15.65 -29.17 8.59
C TYR A 787 14.61 -29.54 9.63
N GLY A 788 13.38 -29.08 9.44
CA GLY A 788 12.32 -29.33 10.38
C GLY A 788 11.54 -30.60 10.06
N ARG A 789 10.96 -31.18 11.10
CA ARG A 789 10.17 -32.39 10.96
C ARG A 789 8.69 -32.06 11.01
N LEU A 790 7.92 -32.75 10.16
CA LEU A 790 6.48 -32.78 10.35
C LEU A 790 6.15 -33.56 11.61
N GLU A 791 5.01 -33.24 12.21
CA GLU A 791 4.54 -33.97 13.37
C GLU A 791 3.31 -34.79 12.99
N TRP A 792 3.14 -35.92 13.66
CA TRP A 792 2.03 -36.82 13.34
C TRP A 792 0.69 -36.12 13.52
N ASP A 793 0.52 -35.42 14.64
CA ASP A 793 -0.71 -34.69 14.92
C ASP A 793 -0.83 -33.39 14.13
N GLY A 794 0.06 -33.14 13.18
CA GLY A 794 0.03 -31.91 12.43
C GLY A 794 -0.22 -32.11 10.95
N PHE A 795 0.35 -31.25 10.12
CA PHE A 795 0.11 -31.31 8.68
C PHE A 795 1.32 -30.78 7.94
N PHE A 796 1.32 -30.99 6.63
CA PHE A 796 2.40 -30.49 5.78
C PHE A 796 2.30 -28.98 5.62
N SER A 797 3.43 -28.36 5.31
CA SER A 797 3.40 -27.04 4.72
C SER A 797 3.06 -27.19 3.24
N THR A 798 3.11 -26.09 2.50
CA THR A 798 2.86 -26.14 1.07
C THR A 798 3.90 -27.04 0.41
N THR A 799 3.48 -28.22 -0.05
CA THR A 799 4.44 -29.19 -0.59
C THR A 799 5.04 -28.68 -1.89
N VAL A 800 6.35 -28.80 -2.01
CA VAL A 800 7.14 -28.10 -3.02
C VAL A 800 7.43 -28.98 -4.23
N THR A 801 8.20 -28.46 -5.18
CA THR A 801 8.66 -29.26 -6.31
C THR A 801 10.01 -29.91 -6.07
N ASN A 802 10.78 -29.41 -5.10
CA ASN A 802 12.03 -30.06 -4.72
C ASN A 802 12.23 -29.95 -3.22
N PRO A 803 12.07 -31.04 -2.48
CA PRO A 803 12.14 -31.00 -1.01
C PRO A 803 13.59 -30.96 -0.53
N GLU A 804 14.01 -29.80 -0.01
CA GLU A 804 15.36 -29.60 0.49
C GLU A 804 15.28 -29.00 1.90
N PRO A 805 15.93 -29.62 2.89
CA PRO A 805 15.80 -29.13 4.27
C PRO A 805 16.45 -27.79 4.53
N MET A 806 17.27 -27.28 3.62
CA MET A 806 17.86 -25.95 3.76
C MET A 806 17.32 -24.97 2.70
N GLY A 807 16.13 -25.24 2.17
CA GLY A 807 15.43 -24.28 1.34
C GLY A 807 14.39 -23.51 2.15
N LYS A 808 13.80 -22.49 1.51
CA LYS A 808 12.94 -21.55 2.24
C LYS A 808 11.78 -22.26 2.92
N GLN A 809 11.24 -23.31 2.30
CA GLN A 809 10.27 -24.21 2.94
C GLN A 809 10.99 -25.53 3.15
N GLY A 810 11.65 -25.67 4.30
CA GLY A 810 12.49 -26.81 4.57
C GLY A 810 11.98 -27.72 5.68
N ARG A 811 10.67 -27.77 5.86
CA ARG A 811 10.04 -28.68 6.83
C ARG A 811 9.68 -29.98 6.11
N VAL A 812 10.72 -30.73 5.74
CA VAL A 812 10.52 -31.85 4.84
C VAL A 812 11.17 -33.12 5.39
N LEU A 813 11.55 -33.10 6.66
CA LEU A 813 12.03 -34.32 7.32
C LEU A 813 10.85 -35.16 7.80
N HIS A 814 11.03 -36.48 7.75
CA HIS A 814 10.01 -37.39 8.24
C HIS A 814 9.83 -37.18 9.75
N PRO A 815 8.60 -37.36 10.25
CA PRO A 815 8.36 -37.19 11.70
C PRO A 815 9.29 -38.00 12.59
N GLU A 816 9.75 -39.17 12.15
CA GLU A 816 10.61 -40.01 12.98
C GLU A 816 11.83 -40.48 12.21
N GLN A 817 11.65 -40.80 10.94
CA GLN A 817 12.76 -41.32 10.15
C GLN A 817 13.73 -40.19 9.81
N HIS A 818 14.99 -40.58 9.62
CA HIS A 818 16.05 -39.63 9.33
C HIS A 818 16.23 -39.46 7.82
N ARG A 819 15.20 -38.92 7.17
CA ARG A 819 15.20 -38.86 5.73
C ARG A 819 14.25 -37.78 5.24
N VAL A 820 14.46 -37.40 3.97
CA VAL A 820 13.53 -36.50 3.30
C VAL A 820 12.25 -37.25 2.98
N VAL A 821 11.15 -36.49 2.82
CA VAL A 821 9.87 -37.05 2.43
C VAL A 821 10.00 -37.67 1.03
N SER A 822 9.27 -38.75 0.79
CA SER A 822 9.32 -39.47 -0.47
C SER A 822 8.30 -38.91 -1.45
N VAL A 823 8.39 -39.40 -2.69
CA VAL A 823 7.50 -38.92 -3.76
C VAL A 823 6.05 -39.28 -3.45
N ARG A 824 5.82 -40.48 -2.92
CA ARG A 824 4.46 -40.88 -2.60
C ARG A 824 3.91 -40.08 -1.42
N GLU A 825 4.77 -39.76 -0.44
CA GLU A 825 4.31 -38.97 0.70
C GLU A 825 3.90 -37.56 0.29
N CYS A 826 4.46 -37.05 -0.80
CA CYS A 826 4.11 -35.70 -1.25
C CYS A 826 2.76 -35.68 -1.95
N ALA A 827 2.51 -36.65 -2.83
CA ALA A 827 1.21 -36.81 -3.46
C ALA A 827 0.15 -37.31 -2.49
N ARG A 828 0.55 -38.00 -1.42
CA ARG A 828 -0.37 -38.23 -0.31
C ARG A 828 -0.81 -36.90 0.29
N SER A 829 0.14 -36.01 0.57
CA SER A 829 -0.20 -34.68 1.04
C SER A 829 -0.85 -33.83 -0.04
N GLN A 830 -0.69 -34.21 -1.30
CA GLN A 830 -1.36 -33.54 -2.41
C GLN A 830 -2.69 -34.19 -2.78
N GLY A 831 -3.09 -35.24 -2.08
CA GLY A 831 -4.36 -35.90 -2.32
C GLY A 831 -4.40 -36.84 -3.50
N PHE A 832 -3.24 -37.20 -4.06
CA PHE A 832 -3.25 -38.11 -5.20
C PHE A 832 -3.54 -39.53 -4.74
N PRO A 833 -4.37 -40.27 -5.48
CA PRO A 833 -4.55 -41.70 -5.17
C PRO A 833 -3.24 -42.45 -5.34
N ASP A 834 -3.11 -43.55 -4.59
CA ASP A 834 -1.95 -44.42 -4.78
C ASP A 834 -1.95 -45.10 -6.14
N SER A 835 -3.06 -45.03 -6.87
CA SER A 835 -3.11 -45.54 -8.24
C SER A 835 -2.48 -44.57 -9.24
N TYR A 836 -2.40 -43.29 -8.91
CA TYR A 836 -1.88 -42.31 -9.84
C TYR A 836 -0.38 -42.53 -10.05
N ARG A 837 0.06 -42.36 -11.28
CA ARG A 837 1.43 -42.65 -11.67
C ARG A 837 2.09 -41.40 -12.22
N PHE A 838 3.41 -41.33 -12.05
CA PHE A 838 4.21 -40.21 -12.50
C PHE A 838 5.29 -40.72 -13.45
N PHE A 839 6.18 -39.82 -13.88
CA PHE A 839 7.16 -40.18 -14.89
C PHE A 839 8.50 -39.52 -14.61
N GLY A 840 9.57 -40.24 -14.95
CA GLY A 840 10.91 -39.69 -14.91
C GLY A 840 11.70 -40.06 -13.68
N ASN A 841 12.76 -39.28 -13.44
CA ASN A 841 13.61 -39.49 -12.29
C ASN A 841 12.96 -38.93 -11.03
N ILE A 842 13.63 -39.12 -9.89
CA ILE A 842 13.05 -38.76 -8.60
C ILE A 842 12.67 -37.29 -8.56
N LEU A 843 13.57 -36.42 -9.06
CA LEU A 843 13.27 -34.99 -9.07
C LEU A 843 12.13 -34.67 -10.03
N ASP A 844 12.12 -35.31 -11.20
CA ASP A 844 11.08 -35.05 -12.19
C ASP A 844 9.70 -35.33 -11.61
N ARG A 845 9.49 -36.52 -11.04
CA ARG A 845 8.19 -36.83 -10.49
C ARG A 845 7.87 -36.05 -9.21
N HIS A 846 8.90 -35.54 -8.51
CA HIS A 846 8.63 -34.65 -7.39
C HIS A 846 7.98 -33.35 -7.87
N ARG A 847 8.59 -32.71 -8.88
CA ARG A 847 8.03 -31.48 -9.43
C ARG A 847 6.64 -31.70 -10.01
N GLN A 848 6.37 -32.88 -10.56
CA GLN A 848 5.04 -33.19 -11.07
C GLN A 848 4.00 -33.13 -9.95
N VAL A 849 4.37 -33.62 -8.77
CA VAL A 849 3.46 -33.57 -7.63
C VAL A 849 3.33 -32.14 -7.11
N GLY A 850 4.45 -31.42 -7.03
CA GLY A 850 4.42 -30.08 -6.47
C GLY A 850 3.62 -29.11 -7.31
N ASN A 851 3.79 -29.18 -8.64
CA ASN A 851 3.09 -28.27 -9.54
C ASN A 851 1.60 -28.55 -9.65
N ALA A 852 1.10 -29.60 -9.02
CA ALA A 852 -0.22 -30.13 -9.31
C ALA A 852 -1.30 -29.48 -8.44
N VAL A 853 -2.46 -29.27 -9.03
CA VAL A 853 -3.66 -28.93 -8.25
C VAL A 853 -4.09 -30.15 -7.45
N PRO A 854 -4.29 -30.04 -6.15
CA PRO A 854 -4.79 -31.19 -5.37
C PRO A 854 -6.12 -31.65 -5.91
N PRO A 855 -6.24 -32.92 -6.30
CA PRO A 855 -7.50 -33.45 -6.82
C PRO A 855 -8.66 -33.22 -5.85
N PRO A 856 -8.47 -33.34 -4.53
CA PRO A 856 -9.56 -32.96 -3.62
C PRO A 856 -10.06 -31.53 -3.84
N LEU A 857 -9.15 -30.57 -4.02
CA LEU A 857 -9.57 -29.21 -4.31
C LEU A 857 -10.25 -29.12 -5.66
N ALA A 858 -9.75 -29.86 -6.66
CA ALA A 858 -10.36 -29.85 -7.97
C ALA A 858 -11.70 -30.59 -7.96
N LYS A 859 -11.79 -31.69 -7.21
CA LYS A 859 -13.07 -32.37 -7.06
C LYS A 859 -14.08 -31.48 -6.34
N ALA A 860 -13.63 -30.76 -5.31
CA ALA A 860 -14.52 -29.85 -4.60
C ALA A 860 -15.07 -28.78 -5.54
N ILE A 861 -14.19 -28.13 -6.31
CA ILE A 861 -14.64 -27.15 -7.29
C ILE A 861 -15.48 -27.81 -8.37
N GLY A 862 -15.08 -29.01 -8.81
CA GLY A 862 -15.78 -29.66 -9.91
C GLY A 862 -17.23 -29.97 -9.58
N LEU A 863 -17.51 -30.32 -8.32
CA LEU A 863 -18.89 -30.60 -7.94
C LEU A 863 -19.76 -29.35 -8.03
N GLU A 864 -19.20 -28.19 -7.66
CA GLU A 864 -19.97 -26.95 -7.76
C GLU A 864 -20.28 -26.60 -9.21
N ILE A 865 -19.41 -26.99 -10.15
CA ILE A 865 -19.70 -26.74 -11.55
C ILE A 865 -20.80 -27.65 -12.04
N LYS A 866 -20.90 -28.87 -11.50
CA LYS A 866 -21.95 -29.79 -11.92
C LYS A 866 -23.33 -29.25 -11.54
N LEU A 867 -23.45 -28.64 -10.36
CA LEU A 867 -24.74 -28.12 -9.92
C LEU A 867 -25.35 -27.15 -10.92
N CYS A 868 -24.51 -26.39 -11.63
CA CYS A 868 -25.00 -25.47 -12.65
C CYS A 868 -25.32 -26.18 -13.96
N LEU A 869 -24.73 -27.36 -14.20
CA LEU A 869 -25.10 -28.12 -15.39
C LEU A 869 -26.57 -28.53 -15.37
N LEU A 870 -27.14 -28.67 -14.18
CA LEU A 870 -28.55 -29.02 -14.02
C LEU A 870 -29.39 -27.74 -14.04
N SER A 871 -30.48 -27.77 -14.81
CA SER A 871 -31.38 -26.63 -14.94
C SER A 871 -30.65 -25.36 -15.38
N ASP B 3 -13.08 2.94 -42.44
CA ASP B 3 -13.03 2.05 -43.60
C ASP B 3 -12.37 2.75 -44.78
N ARG B 4 -13.18 3.42 -45.60
CA ARG B 4 -12.70 4.22 -46.71
C ARG B 4 -12.67 5.69 -46.28
N ILE B 5 -11.56 6.37 -46.58
CA ILE B 5 -11.32 7.73 -46.12
C ILE B 5 -11.10 8.62 -47.34
N SER B 6 -11.88 9.69 -47.43
CA SER B 6 -11.81 10.61 -48.55
C SER B 6 -11.70 12.04 -48.01
N TRP B 7 -10.87 12.84 -48.68
CA TRP B 7 -10.77 14.26 -48.35
C TRP B 7 -11.99 15.02 -48.87
N LEU B 8 -12.35 16.09 -48.18
CA LEU B 8 -13.44 16.95 -48.60
C LEU B 8 -13.04 18.40 -48.41
N GLY B 9 -13.17 19.18 -49.48
CA GLY B 9 -12.76 20.58 -49.48
C GLY B 9 -11.45 20.77 -50.21
N GLN B 10 -11.07 22.04 -50.32
CA GLN B 10 -9.79 22.33 -50.94
C GLN B 10 -8.65 22.09 -49.95
N PRO B 11 -7.55 21.50 -50.40
CA PRO B 11 -6.42 21.25 -49.48
C PRO B 11 -5.81 22.56 -49.00
N MET B 12 -5.30 22.53 -47.78
CA MET B 12 -4.65 23.70 -47.19
C MET B 12 -3.20 23.73 -47.67
N LYS B 13 -2.39 24.62 -47.08
CA LYS B 13 -1.00 24.77 -47.49
C LYS B 13 -0.27 23.43 -47.40
N ILE B 14 0.32 23.02 -48.52
CA ILE B 14 0.90 21.69 -48.67
C ILE B 14 2.41 21.80 -48.64
N GLU B 15 3.05 21.01 -47.78
CA GLU B 15 4.50 21.01 -47.67
C GLU B 15 5.11 20.12 -48.76
N GLU B 16 6.43 19.95 -48.71
CA GLU B 16 7.12 19.18 -49.74
C GLU B 16 6.63 17.73 -49.75
N ASN B 17 6.43 17.14 -48.58
CA ASN B 17 5.99 15.77 -48.47
C ASN B 17 4.68 15.60 -47.71
N ARG B 18 4.03 16.69 -47.31
CA ARG B 18 2.83 16.63 -46.48
C ARG B 18 1.71 17.46 -47.10
N THR B 19 0.53 16.86 -47.22
CA THR B 19 -0.60 17.47 -47.90
C THR B 19 -1.69 17.82 -46.87
N TYR B 20 -1.64 19.03 -46.35
CA TYR B 20 -2.58 19.43 -45.32
C TYR B 20 -3.99 19.61 -45.87
N TYR B 21 -4.98 19.18 -45.10
CA TYR B 21 -6.38 19.34 -45.42
C TYR B 21 -7.12 19.94 -44.21
N GLN B 22 -8.34 20.41 -44.46
CA GLN B 22 -9.18 20.98 -43.43
C GLN B 22 -10.27 20.02 -42.94
N LYS B 23 -10.90 19.27 -43.85
CA LYS B 23 -11.95 18.34 -43.50
C LYS B 23 -11.71 17.00 -44.18
N VAL B 24 -12.39 15.97 -43.67
CA VAL B 24 -12.21 14.61 -44.14
C VAL B 24 -13.34 13.74 -43.57
N SER B 25 -13.73 12.71 -44.30
CA SER B 25 -14.86 11.84 -43.91
C SER B 25 -14.40 10.38 -43.87
N ILE B 26 -14.38 9.80 -42.68
CA ILE B 26 -14.05 8.40 -42.48
C ILE B 26 -15.28 7.70 -41.91
N ASP B 27 -15.83 6.75 -42.67
CA ASP B 27 -16.94 5.90 -42.25
C ASP B 27 -18.15 6.75 -41.81
N GLU B 28 -18.74 7.43 -42.80
CA GLU B 28 -19.99 8.18 -42.72
C GLU B 28 -19.93 9.39 -41.81
N GLU B 29 -18.83 9.68 -41.14
CA GLU B 29 -18.72 10.88 -40.32
C GLU B 29 -17.88 11.92 -41.02
N MET B 30 -18.10 13.18 -40.67
CA MET B 30 -17.32 14.30 -41.19
C MET B 30 -16.54 14.93 -40.05
N LEU B 31 -15.24 15.14 -40.27
CA LEU B 31 -14.33 15.62 -39.24
C LEU B 31 -13.76 16.98 -39.63
N GLU B 32 -13.76 17.91 -38.69
CA GLU B 32 -13.14 19.22 -38.87
C GLU B 32 -12.01 19.39 -37.86
N VAL B 33 -10.98 20.14 -38.27
CA VAL B 33 -9.88 20.42 -37.36
C VAL B 33 -10.40 21.21 -36.17
N GLY B 34 -10.05 20.75 -34.97
CA GLY B 34 -10.61 21.26 -33.74
C GLY B 34 -11.56 20.29 -33.05
N ASP B 35 -12.15 19.37 -33.80
CA ASP B 35 -12.98 18.34 -33.21
C ASP B 35 -12.12 17.33 -32.45
N CYS B 36 -12.78 16.46 -31.71
CA CYS B 36 -12.11 15.47 -30.87
C CYS B 36 -12.50 14.06 -31.31
N VAL B 37 -11.60 13.12 -31.11
CA VAL B 37 -11.81 11.74 -31.53
C VAL B 37 -11.40 10.79 -30.40
N SER B 38 -12.00 9.61 -30.40
CA SER B 38 -11.65 8.54 -29.48
C SER B 38 -10.93 7.44 -30.25
N VAL B 39 -9.87 6.90 -29.64
CA VAL B 39 -9.10 5.81 -30.23
C VAL B 39 -8.83 4.77 -29.14
N ILE B 40 -8.69 3.52 -29.56
CA ILE B 40 -8.50 2.41 -28.63
C ILE B 40 -7.01 2.17 -28.42
N PRO B 41 -6.56 1.96 -27.19
CA PRO B 41 -5.13 1.75 -26.93
C PRO B 41 -4.77 0.27 -26.98
N ASP B 42 -3.45 0.03 -27.05
CA ASP B 42 -2.93 -1.33 -27.06
C ASP B 42 -1.71 -1.54 -26.18
N ASP B 43 -1.10 -0.48 -25.65
CA ASP B 43 0.10 -0.61 -24.83
C ASP B 43 -0.05 -0.01 -23.45
N SER B 44 -1.17 0.62 -23.14
CA SER B 44 -1.40 1.24 -21.83
C SER B 44 -2.49 0.49 -21.08
N SER B 45 -2.37 0.48 -19.75
CA SER B 45 -3.41 -0.11 -18.91
C SER B 45 -4.71 0.67 -18.99
N LYS B 46 -4.64 1.97 -19.31
CA LYS B 46 -5.84 2.75 -19.57
C LYS B 46 -6.58 2.14 -20.77
N PRO B 47 -7.91 2.14 -20.74
CA PRO B 47 -8.71 1.41 -21.75
C PRO B 47 -9.23 2.25 -22.91
N LEU B 48 -8.97 3.56 -22.93
CA LEU B 48 -9.36 4.42 -24.04
C LEU B 48 -8.57 5.71 -23.96
N TYR B 49 -8.24 6.27 -25.10
CA TYR B 49 -7.59 7.56 -25.19
C TYR B 49 -8.42 8.50 -26.04
N LEU B 50 -8.36 9.79 -25.71
CA LEU B 50 -9.11 10.82 -26.41
C LEU B 50 -8.18 11.97 -26.76
N ALA B 51 -8.36 12.54 -27.95
CA ALA B 51 -7.47 13.59 -28.42
C ALA B 51 -8.24 14.53 -29.34
N ARG B 52 -7.66 15.71 -29.54
CA ARG B 52 -8.19 16.70 -30.47
C ARG B 52 -7.31 16.73 -31.71
N VAL B 53 -7.94 16.74 -32.88
CA VAL B 53 -7.20 16.71 -34.14
C VAL B 53 -6.70 18.11 -34.45
N THR B 54 -5.43 18.21 -34.84
CA THR B 54 -4.78 19.49 -35.11
C THR B 54 -4.34 19.66 -36.56
N ALA B 55 -3.99 18.57 -37.23
CA ALA B 55 -3.60 18.60 -38.64
C ALA B 55 -4.25 17.43 -39.36
N LEU B 56 -4.35 17.55 -40.68
CA LEU B 56 -4.98 16.53 -41.51
C LEU B 56 -4.19 16.38 -42.82
N TRP B 57 -2.93 15.99 -42.71
CA TRP B 57 -2.10 15.85 -43.90
C TRP B 57 -2.18 14.42 -44.44
N GLU B 58 -1.66 14.25 -45.64
CA GLU B 58 -1.49 12.94 -46.26
C GLU B 58 -0.03 12.81 -46.67
N ASP B 59 0.60 11.69 -46.30
CA ASP B 59 2.03 11.58 -46.50
C ASP B 59 2.35 11.34 -47.98
N LYS B 60 3.64 11.44 -48.31
CA LYS B 60 4.08 11.15 -49.68
C LYS B 60 4.10 9.66 -49.98
N ASN B 61 4.10 8.81 -48.96
CA ASN B 61 4.12 7.38 -49.16
C ASN B 61 2.76 6.81 -49.56
N GLY B 62 1.68 7.57 -49.34
CA GLY B 62 0.38 7.14 -49.81
C GLY B 62 -0.72 7.18 -48.76
N GLN B 63 -0.37 7.02 -47.49
CA GLN B 63 -1.36 6.98 -46.42
C GLN B 63 -1.79 8.39 -46.03
N MET B 64 -2.91 8.47 -45.30
CA MET B 64 -3.47 9.74 -44.86
C MET B 64 -3.44 9.76 -43.33
N MET B 65 -2.77 10.76 -42.75
CA MET B 65 -2.50 10.81 -41.32
C MET B 65 -3.06 12.09 -40.71
N PHE B 66 -2.96 12.19 -39.39
CA PHE B 66 -3.46 13.36 -38.69
C PHE B 66 -2.74 13.49 -37.35
N HIS B 67 -2.65 14.72 -36.86
CA HIS B 67 -1.97 15.02 -35.60
C HIS B 67 -2.99 15.15 -34.49
N ALA B 68 -2.74 14.47 -33.37
CA ALA B 68 -3.70 14.36 -32.28
C ALA B 68 -3.07 14.87 -30.99
N HIS B 69 -3.65 15.92 -30.42
CA HIS B 69 -3.25 16.44 -29.13
C HIS B 69 -4.04 15.69 -28.06
N TRP B 70 -3.37 14.80 -27.33
CA TRP B 70 -4.05 13.93 -26.38
C TRP B 70 -4.64 14.72 -25.23
N PHE B 71 -5.70 14.18 -24.65
CA PHE B 71 -6.31 14.71 -23.43
C PHE B 71 -5.84 13.90 -22.23
N CYS B 72 -6.28 14.32 -21.04
CA CYS B 72 -5.91 13.67 -19.80
C CYS B 72 -7.18 13.32 -19.04
N ALA B 73 -7.46 12.03 -18.91
CA ALA B 73 -8.57 11.61 -18.07
C ALA B 73 -8.30 12.00 -16.63
N GLY B 74 -9.38 12.33 -15.91
CA GLY B 74 -9.23 12.67 -14.52
C GLY B 74 -8.64 11.55 -13.69
N THR B 75 -8.83 10.31 -14.13
CA THR B 75 -8.19 9.17 -13.45
C THR B 75 -6.71 9.09 -13.78
N ASP B 76 -6.31 9.55 -14.98
CA ASP B 76 -4.89 9.62 -15.31
C ASP B 76 -4.14 10.57 -14.38
N THR B 77 -4.83 11.53 -13.78
CA THR B 77 -4.18 12.59 -13.01
C THR B 77 -3.85 12.12 -11.60
N VAL B 78 -3.41 13.06 -10.76
CA VAL B 78 -3.28 12.81 -9.33
C VAL B 78 -4.64 12.62 -8.68
N LEU B 79 -5.69 13.14 -9.32
CA LEU B 79 -7.04 13.02 -8.75
C LEU B 79 -7.49 11.56 -8.71
N GLY B 80 -7.26 10.81 -9.77
CA GLY B 80 -7.63 9.41 -9.76
C GLY B 80 -9.14 9.22 -9.80
N ALA B 81 -9.65 8.36 -8.92
CA ALA B 81 -11.06 7.97 -8.96
C ALA B 81 -12.00 9.07 -8.50
N THR B 82 -11.52 10.02 -7.69
CA THR B 82 -12.39 11.08 -7.21
C THR B 82 -12.75 12.08 -8.30
N SER B 83 -11.98 12.11 -9.39
CA SER B 83 -12.16 13.13 -10.42
C SER B 83 -13.56 13.08 -11.03
N ASP B 84 -14.04 14.24 -11.44
CA ASP B 84 -15.25 14.35 -12.22
C ASP B 84 -15.10 13.53 -13.49
N PRO B 85 -15.92 12.48 -13.70
CA PRO B 85 -15.64 11.54 -14.80
C PRO B 85 -15.77 12.14 -16.19
N LEU B 86 -16.53 13.21 -16.38
CA LEU B 86 -16.56 13.88 -17.67
C LEU B 86 -15.59 15.04 -17.74
N GLU B 87 -14.70 15.19 -16.76
CA GLU B 87 -13.66 16.22 -16.79
C GLU B 87 -12.36 15.64 -17.34
N LEU B 88 -11.78 16.35 -18.30
CA LEU B 88 -10.49 16.03 -18.85
C LEU B 88 -9.59 17.26 -18.76
N PHE B 89 -8.30 17.03 -18.90
CA PHE B 89 -7.32 18.10 -18.80
C PHE B 89 -6.36 18.02 -19.99
N LEU B 90 -5.73 19.15 -20.29
CA LEU B 90 -4.79 19.24 -21.40
C LEU B 90 -3.40 18.81 -20.95
N VAL B 91 -2.69 18.10 -21.81
CA VAL B 91 -1.36 17.61 -21.52
C VAL B 91 -0.44 17.96 -22.69
N GLY B 92 0.86 17.86 -22.44
CA GLY B 92 1.86 18.10 -23.46
C GLY B 92 2.16 16.85 -24.27
N GLU B 93 1.18 15.97 -24.39
CA GLU B 93 1.32 14.72 -25.12
C GLU B 93 0.69 14.86 -26.50
N CYS B 94 1.39 14.42 -27.53
CA CYS B 94 0.88 14.47 -28.89
C CYS B 94 1.67 13.50 -29.76
N GLU B 95 1.01 12.96 -30.77
CA GLU B 95 1.65 12.07 -31.72
C GLU B 95 0.86 12.08 -33.01
N ASN B 96 1.51 11.67 -34.09
CA ASN B 96 0.91 11.57 -35.41
C ASN B 96 0.46 10.14 -35.65
N MET B 97 -0.70 9.98 -36.27
CA MET B 97 -1.31 8.66 -36.36
C MET B 97 -2.12 8.53 -37.65
N GLN B 98 -2.47 7.30 -37.97
CA GLN B 98 -3.35 7.02 -39.09
C GLN B 98 -4.80 7.35 -38.71
N LEU B 99 -5.58 7.68 -39.73
CA LEU B 99 -7.02 7.82 -39.54
C LEU B 99 -7.73 6.48 -39.44
N SER B 100 -6.98 5.37 -39.58
CA SER B 100 -7.56 4.05 -39.43
C SER B 100 -7.82 3.67 -37.98
N TYR B 101 -7.18 4.37 -37.04
CA TYR B 101 -7.36 4.09 -35.62
C TYR B 101 -8.47 4.91 -34.98
N ILE B 102 -9.12 5.80 -35.73
CA ILE B 102 -10.19 6.62 -35.18
C ILE B 102 -11.40 5.74 -34.89
N HIS B 103 -11.81 5.69 -33.62
CA HIS B 103 -12.97 4.91 -33.22
C HIS B 103 -14.25 5.76 -33.27
N SER B 104 -14.24 6.93 -32.63
CA SER B 104 -15.44 7.75 -32.52
C SER B 104 -15.06 9.22 -32.69
N LYS B 105 -16.08 10.06 -32.79
CA LYS B 105 -15.91 11.51 -32.85
C LYS B 105 -16.60 12.11 -31.64
N VAL B 106 -15.81 12.52 -30.66
CA VAL B 106 -16.33 13.09 -29.42
C VAL B 106 -16.39 14.61 -29.57
N LYS B 107 -17.20 15.25 -28.72
CA LYS B 107 -17.34 16.71 -28.70
C LYS B 107 -16.99 17.22 -27.30
N VAL B 108 -15.86 17.90 -27.18
CA VAL B 108 -15.39 18.48 -25.94
C VAL B 108 -15.41 19.99 -26.05
N ILE B 109 -15.94 20.68 -25.04
CA ILE B 109 -16.11 22.13 -25.08
C ILE B 109 -15.41 22.77 -23.89
N TYR B 110 -14.91 23.98 -24.13
CA TYR B 110 -14.13 24.74 -23.16
C TYR B 110 -15.06 25.44 -22.17
N LYS B 111 -14.84 25.20 -20.87
CA LYS B 111 -15.64 25.80 -19.80
C LYS B 111 -14.76 26.87 -19.13
N ALA B 112 -14.92 28.12 -19.56
CA ALA B 112 -14.12 29.25 -19.08
C ALA B 112 -14.74 29.85 -17.83
N PRO B 113 -13.91 30.42 -16.95
CA PRO B 113 -14.45 31.12 -15.79
C PRO B 113 -15.24 32.36 -16.20
N SER B 114 -16.33 32.60 -15.49
CA SER B 114 -17.19 33.74 -15.79
C SER B 114 -16.49 35.05 -15.45
N GLU B 115 -17.02 36.14 -16.02
CA GLU B 115 -16.56 37.47 -15.61
C GLU B 115 -16.99 37.79 -14.18
N ASN B 116 -18.00 37.09 -13.66
CA ASN B 116 -18.43 37.23 -12.28
C ASN B 116 -18.06 35.97 -11.50
N TRP B 117 -16.82 35.52 -11.65
CA TRP B 117 -16.39 34.28 -11.01
C TRP B 117 -16.02 34.48 -9.55
N ALA B 118 -15.42 35.62 -9.21
CA ALA B 118 -14.99 35.88 -7.84
C ALA B 118 -16.15 36.16 -6.90
N MET B 119 -17.35 36.43 -7.42
CA MET B 119 -18.52 36.70 -6.59
C MET B 119 -19.42 35.47 -6.45
N GLU B 120 -18.98 34.31 -6.94
CA GLU B 120 -19.75 33.08 -6.84
C GLU B 120 -19.41 32.39 -5.52
N GLY B 121 -19.71 31.10 -5.41
CA GLY B 121 -19.39 30.35 -4.21
C GLY B 121 -20.45 30.46 -3.13
N GLY B 122 -21.60 29.84 -3.35
CA GLY B 122 -22.68 29.86 -2.38
C GLY B 122 -23.51 28.58 -2.38
N TYR B 138 -18.32 16.03 -22.46
CA TYR B 138 -17.03 16.30 -21.82
C TYR B 138 -16.76 17.79 -21.68
N PHE B 139 -15.86 18.14 -20.77
CA PHE B 139 -15.43 19.52 -20.61
C PHE B 139 -13.97 19.53 -20.19
N PHE B 140 -13.33 20.68 -20.41
CA PHE B 140 -11.96 20.90 -19.98
C PHE B 140 -11.81 22.35 -19.57
N GLN B 141 -10.99 22.58 -18.54
CA GLN B 141 -10.75 23.93 -18.05
C GLN B 141 -9.30 24.23 -17.70
N LEU B 142 -8.47 23.22 -17.38
CA LEU B 142 -7.12 23.45 -16.93
C LEU B 142 -6.14 22.56 -17.71
N TRP B 143 -4.86 22.90 -17.60
CA TRP B 143 -3.77 22.15 -18.20
C TRP B 143 -3.05 21.36 -17.12
N TYR B 144 -2.72 20.10 -17.42
CA TYR B 144 -2.16 19.19 -16.44
C TYR B 144 -0.71 18.86 -16.81
N ASN B 145 0.18 18.99 -15.83
CA ASN B 145 1.60 18.66 -15.98
C ASN B 145 1.88 17.42 -15.12
N GLN B 146 2.04 16.27 -15.77
CA GLN B 146 2.16 15.00 -15.05
C GLN B 146 3.37 14.94 -14.14
N GLU B 147 4.43 15.69 -14.43
CA GLU B 147 5.66 15.57 -13.66
C GLU B 147 5.56 16.29 -12.32
N TYR B 148 4.97 17.49 -12.31
CA TYR B 148 4.90 18.32 -11.12
C TYR B 148 3.50 18.37 -10.50
N ALA B 149 2.52 17.71 -11.11
CA ALA B 149 1.14 17.71 -10.64
C ALA B 149 0.61 19.14 -10.48
N ARG B 150 0.61 19.86 -11.60
CA ARG B 150 0.22 21.27 -11.64
C ARG B 150 -0.95 21.44 -12.59
N PHE B 151 -2.09 21.86 -12.05
CA PHE B 151 -3.24 22.25 -12.85
C PHE B 151 -3.14 23.74 -13.13
N GLU B 152 -2.82 24.10 -14.37
CA GLU B 152 -2.65 25.49 -14.77
C GLU B 152 -3.70 25.88 -15.79
N SER B 153 -3.95 27.19 -15.88
CA SER B 153 -4.87 27.69 -16.88
C SER B 153 -4.31 27.47 -18.28
N PRO B 154 -5.16 27.18 -19.27
CA PRO B 154 -4.65 26.87 -20.61
C PRO B 154 -3.95 28.07 -21.21
N PRO B 155 -2.97 27.85 -22.07
CA PRO B 155 -2.24 28.98 -22.66
C PRO B 155 -3.11 29.77 -23.63
N LYS B 156 -2.88 31.08 -23.67
CA LYS B 156 -3.63 31.99 -24.52
C LYS B 156 -3.02 32.11 -25.92
N THR B 157 -2.16 31.19 -26.31
CA THR B 157 -1.61 31.20 -27.65
C THR B 157 -2.69 30.82 -28.65
N GLN B 158 -2.73 31.56 -29.77
CA GLN B 158 -3.81 31.45 -30.75
C GLN B 158 -3.24 31.37 -32.15
N PRO B 159 -3.97 30.80 -33.10
CA PRO B 159 -3.40 30.57 -34.43
C PRO B 159 -3.52 31.77 -35.37
N THR B 160 -2.54 31.87 -36.26
CA THR B 160 -2.55 32.79 -37.40
C THR B 160 -2.35 31.97 -38.67
N GLU B 161 -2.50 32.62 -39.83
CA GLU B 161 -2.66 31.91 -41.10
C GLU B 161 -1.58 30.86 -41.34
N ASP B 162 -0.31 31.20 -41.07
CA ASP B 162 0.78 30.26 -41.34
C ASP B 162 0.62 28.98 -40.53
N ASN B 163 0.29 29.11 -39.25
CA ASN B 163 0.33 27.98 -38.33
C ASN B 163 -0.98 27.21 -38.24
N LYS B 164 -2.04 27.69 -38.90
CA LYS B 164 -3.39 27.19 -38.63
C LYS B 164 -3.62 25.75 -39.08
N HIS B 165 -2.77 25.23 -39.97
CA HIS B 165 -2.99 23.87 -40.46
C HIS B 165 -2.37 22.80 -39.58
N LYS B 166 -1.32 23.14 -38.82
CA LYS B 166 -0.69 22.19 -37.90
C LYS B 166 -0.57 22.77 -36.50
N PHE B 167 -1.55 23.57 -36.09
CA PHE B 167 -1.47 24.27 -34.81
C PHE B 167 -1.68 23.29 -33.67
N CYS B 168 -0.59 22.94 -32.98
CA CYS B 168 -0.63 22.05 -31.84
C CYS B 168 0.07 22.74 -30.67
N LEU B 169 -0.70 23.08 -29.63
CA LEU B 169 -0.11 23.72 -28.46
C LEU B 169 0.91 22.82 -27.77
N SER B 170 0.72 21.50 -27.87
CA SER B 170 1.68 20.57 -27.27
C SER B 170 3.05 20.68 -27.94
N CYS B 171 3.07 20.91 -29.26
CA CYS B 171 4.34 20.93 -29.99
C CYS B 171 5.11 22.22 -29.81
N ILE B 172 4.42 23.36 -29.67
CA ILE B 172 5.16 24.61 -29.49
C ILE B 172 5.63 24.76 -28.05
N ARG B 173 4.90 24.18 -27.08
CA ARG B 173 5.42 24.11 -25.72
C ARG B 173 6.59 23.14 -25.64
N LEU B 174 6.60 22.13 -26.50
CA LEU B 174 7.73 21.22 -26.58
C LEU B 174 8.93 21.88 -27.27
N ALA B 175 8.67 22.60 -28.37
CA ALA B 175 9.76 23.22 -29.12
C ALA B 175 10.41 24.35 -28.33
N GLU B 176 9.60 25.19 -27.68
CA GLU B 176 10.15 26.29 -26.88
C GLU B 176 10.87 25.76 -25.65
N LEU B 177 10.43 24.62 -25.11
CA LEU B 177 11.08 24.04 -23.94
C LEU B 177 12.49 23.59 -24.28
N ARG B 178 12.62 22.74 -25.30
CA ARG B 178 13.92 22.18 -25.66
C ARG B 178 14.88 23.22 -26.23
N GLN B 179 14.36 24.30 -26.82
CA GLN B 179 15.25 25.33 -27.33
C GLN B 179 15.73 26.26 -26.22
N LYS B 180 14.89 26.52 -25.23
CA LYS B 180 15.36 27.20 -24.03
C LYS B 180 16.34 26.33 -23.25
N GLU B 181 16.13 25.01 -23.26
CA GLU B 181 16.99 24.11 -22.50
C GLU B 181 18.35 23.92 -23.17
N MET B 182 18.41 23.98 -24.49
CA MET B 182 19.66 23.64 -25.17
C MET B 182 20.67 24.77 -25.04
N PRO B 183 21.96 24.45 -24.91
CA PRO B 183 22.98 25.50 -24.93
C PRO B 183 23.12 26.11 -26.32
N LYS B 184 23.48 27.39 -26.34
CA LYS B 184 23.63 28.11 -27.60
C LYS B 184 24.72 29.16 -27.45
N VAL B 185 25.57 29.27 -28.47
CA VAL B 185 26.57 30.32 -28.52
C VAL B 185 25.91 31.57 -29.10
N LEU B 186 26.13 32.71 -28.46
CA LEU B 186 25.57 33.96 -28.94
C LEU B 186 26.59 34.76 -29.73
N GLU B 187 27.60 35.29 -29.05
CA GLU B 187 28.62 36.13 -29.65
C GLU B 187 29.93 35.35 -29.72
N GLN B 188 30.44 35.16 -30.93
CA GLN B 188 31.71 34.50 -31.14
C GLN B 188 32.82 35.54 -31.30
N ILE B 189 34.04 35.10 -31.01
CA ILE B 189 35.19 35.98 -30.93
C ILE B 189 36.15 35.69 -32.08
N GLU B 190 37.08 34.76 -31.85
CA GLU B 190 38.09 34.38 -32.83
C GLU B 190 38.13 32.87 -32.92
N GLU B 191 38.47 32.37 -34.09
CA GLU B 191 38.54 30.93 -34.34
C GLU B 191 40.00 30.57 -34.56
N VAL B 192 40.52 29.69 -33.72
CA VAL B 192 41.95 29.41 -33.66
C VAL B 192 42.17 27.91 -33.76
N ASP B 193 42.68 27.46 -34.91
CA ASP B 193 43.20 26.10 -35.09
C ASP B 193 42.22 25.05 -34.57
N GLY B 194 40.95 25.20 -34.95
CA GLY B 194 39.92 24.24 -34.62
C GLY B 194 39.10 24.58 -33.39
N ARG B 195 39.56 25.51 -32.55
CA ARG B 195 38.87 25.88 -31.33
C ARG B 195 38.42 27.33 -31.44
N VAL B 196 37.10 27.55 -31.40
CA VAL B 196 36.51 28.88 -31.51
C VAL B 196 36.19 29.39 -30.12
N TYR B 197 36.69 30.58 -29.80
CA TYR B 197 36.46 31.21 -28.50
C TYR B 197 35.22 32.09 -28.57
N CYS B 198 34.52 32.18 -27.45
CA CYS B 198 33.23 32.86 -27.39
C CYS B 198 33.20 33.83 -26.22
N SER B 199 32.27 34.79 -26.30
CA SER B 199 32.05 35.75 -25.23
C SER B 199 30.66 35.70 -24.63
N SER B 200 29.75 34.89 -25.17
CA SER B 200 28.38 34.82 -24.66
C SER B 200 27.78 33.47 -25.02
N ILE B 201 27.31 32.75 -24.01
CA ILE B 201 26.56 31.51 -24.19
C ILE B 201 25.36 31.55 -23.27
N THR B 202 24.37 30.69 -23.56
CA THR B 202 23.14 30.67 -22.79
C THR B 202 22.56 29.26 -22.77
N LYS B 203 21.77 29.00 -21.72
CA LYS B 203 21.02 27.77 -21.57
C LYS B 203 20.01 27.97 -20.45
N ASN B 204 18.90 27.24 -20.53
CA ASN B 204 17.83 27.30 -19.53
C ASN B 204 17.28 28.70 -19.36
N GLY B 205 17.36 29.52 -20.41
CA GLY B 205 16.91 30.90 -20.34
C GLY B 205 17.82 31.84 -19.59
N VAL B 206 19.02 31.39 -19.23
CA VAL B 206 20.00 32.21 -18.53
C VAL B 206 21.14 32.50 -19.50
N VAL B 207 21.42 33.78 -19.72
CA VAL B 207 22.53 34.17 -20.59
C VAL B 207 23.78 34.34 -19.73
N TYR B 208 24.88 33.76 -20.19
CA TYR B 208 26.15 33.81 -19.50
C TYR B 208 27.13 34.63 -20.34
N ARG B 209 27.84 35.55 -19.68
CA ARG B 209 28.84 36.37 -20.34
C ARG B 209 30.15 36.27 -19.58
N LEU B 210 31.23 36.67 -20.24
CA LEU B 210 32.54 36.67 -19.61
C LEU B 210 32.59 37.72 -18.50
N GLY B 211 33.28 37.37 -17.41
CA GLY B 211 33.27 38.18 -16.21
C GLY B 211 32.17 37.85 -15.24
N ASP B 212 31.25 36.96 -15.61
CA ASP B 212 30.20 36.50 -14.72
C ASP B 212 30.69 35.29 -13.91
N SER B 213 30.02 35.04 -12.80
CA SER B 213 30.30 33.91 -11.94
C SER B 213 29.14 32.93 -11.99
N VAL B 214 29.45 31.63 -11.90
CA VAL B 214 28.46 30.59 -12.10
C VAL B 214 28.56 29.52 -11.02
N TYR B 215 27.42 28.93 -10.71
CA TYR B 215 27.34 27.80 -9.79
C TYR B 215 27.73 26.51 -10.48
N LEU B 216 28.33 25.60 -9.70
CA LEU B 216 28.76 24.30 -10.21
C LEU B 216 28.70 23.30 -9.08
N PRO B 217 28.56 22.01 -9.39
CA PRO B 217 28.53 20.99 -8.33
C PRO B 217 29.84 20.96 -7.56
N PRO B 218 29.83 20.42 -6.33
CA PRO B 218 31.09 20.31 -5.57
C PRO B 218 32.10 19.38 -6.20
N GLU B 219 31.67 18.45 -7.06
CA GLU B 219 32.58 17.57 -7.76
C GLU B 219 33.22 18.21 -8.99
N ALA B 220 33.16 19.55 -9.10
CA ALA B 220 33.64 20.21 -10.30
C ALA B 220 35.16 20.36 -10.32
N PHE B 221 35.74 20.93 -9.26
CA PHE B 221 37.18 21.12 -9.23
C PHE B 221 37.71 21.06 -7.81
N THR B 222 39.03 21.07 -7.70
CA THR B 222 39.76 20.88 -6.46
C THR B 222 40.10 22.23 -5.85
N PHE B 223 40.89 22.21 -4.77
CA PHE B 223 41.62 23.38 -4.29
C PHE B 223 43.06 22.97 -4.03
N ASN B 224 43.98 23.91 -4.26
CA ASN B 224 45.39 23.60 -4.02
C ASN B 224 45.68 23.40 -2.54
N ILE B 225 44.92 24.07 -1.67
CA ILE B 225 44.84 23.70 -0.27
C ILE B 225 44.22 22.31 -0.20
N LYS B 226 45.04 21.29 0.00
CA LYS B 226 44.53 19.92 0.06
C LYS B 226 44.01 19.62 1.44
N VAL B 227 42.76 19.17 1.51
CA VAL B 227 42.09 18.98 2.79
C VAL B 227 42.75 17.87 3.59
N ALA B 228 42.80 18.04 4.90
CA ALA B 228 43.34 17.04 5.81
C ALA B 228 42.20 16.13 6.27
N SER B 229 42.33 14.84 5.99
CA SER B 229 41.37 13.83 6.46
C SER B 229 42.11 12.61 6.99
N PRO B 230 42.87 12.77 8.08
CA PRO B 230 43.52 11.61 8.70
C PRO B 230 42.52 10.84 9.55
N VAL B 231 42.69 9.52 9.55
CA VAL B 231 41.82 8.65 10.33
C VAL B 231 42.06 8.89 11.82
N LYS B 232 41.27 9.80 12.40
CA LYS B 232 41.37 10.07 13.82
C LYS B 232 40.98 8.83 14.63
N ARG B 233 41.22 8.89 15.93
CA ARG B 233 41.15 7.72 16.81
C ARG B 233 39.77 7.07 16.79
N PRO B 234 39.65 5.81 16.33
CA PRO B 234 38.38 5.09 16.47
C PRO B 234 38.50 3.93 17.44
N LYS B 235 37.36 3.36 17.85
CA LYS B 235 37.31 2.22 18.76
C LYS B 235 38.21 2.46 19.98
N LYS B 236 37.81 3.46 20.76
CA LYS B 236 38.69 4.01 21.79
C LYS B 236 38.82 3.09 23.00
N ASP B 237 37.70 2.65 23.56
CA ASP B 237 37.73 1.96 24.84
C ASP B 237 36.55 0.99 24.91
N PRO B 238 36.61 0.01 25.82
CA PRO B 238 35.42 -0.81 26.09
C PRO B 238 34.58 -0.23 27.21
N VAL B 239 33.26 -0.14 26.99
CA VAL B 239 32.35 0.47 27.94
C VAL B 239 31.84 -0.60 28.90
N ASN B 240 31.89 -0.30 30.20
CA ASN B 240 31.47 -1.25 31.23
C ASN B 240 29.96 -1.43 31.17
N GLU B 241 29.52 -2.63 30.78
CA GLU B 241 28.11 -2.92 30.63
C GLU B 241 27.39 -3.13 31.96
N THR B 242 28.09 -3.05 33.08
CA THR B 242 27.42 -3.01 34.37
C THR B 242 27.12 -1.58 34.79
N LEU B 243 28.07 -0.67 34.57
CA LEU B 243 27.81 0.74 34.84
C LEU B 243 26.85 1.34 33.83
N TYR B 244 27.01 0.98 32.55
CA TYR B 244 26.16 1.44 31.46
C TYR B 244 25.47 0.23 30.83
N PRO B 245 24.46 -0.33 31.51
CA PRO B 245 23.83 -1.55 31.02
C PRO B 245 22.89 -1.35 29.83
N GLU B 246 22.74 -0.13 29.33
CA GLU B 246 21.92 0.14 28.16
C GLU B 246 22.73 0.76 27.03
N HIS B 247 24.05 0.61 27.05
CA HIS B 247 24.89 1.14 25.98
C HIS B 247 24.86 0.25 24.75
N TYR B 248 24.59 -1.05 24.92
CA TYR B 248 24.60 -1.98 23.81
C TYR B 248 23.55 -1.63 22.75
N ARG B 249 22.58 -0.79 23.08
CA ARG B 249 21.52 -0.41 22.17
C ARG B 249 21.96 0.65 21.15
N LYS B 250 23.24 1.03 21.13
CA LYS B 250 23.75 2.04 20.22
C LYS B 250 24.60 1.44 19.11
N TYR B 251 24.31 0.19 18.73
CA TYR B 251 25.04 -0.46 17.64
C TYR B 251 24.72 0.12 16.27
N SER B 252 23.78 1.05 16.18
CA SER B 252 23.30 1.54 14.90
C SER B 252 24.29 2.47 14.19
N ASP B 253 25.22 3.08 14.93
CA ASP B 253 26.21 4.00 14.35
C ASP B 253 25.55 5.18 13.65
N TYR B 254 24.35 5.56 14.09
CA TYR B 254 23.61 6.67 13.52
C TYR B 254 23.38 7.73 14.59
N ILE B 255 23.72 8.97 14.27
CA ILE B 255 23.43 10.11 15.14
C ILE B 255 22.51 11.05 14.39
N LYS B 256 21.35 11.31 14.96
CA LYS B 256 20.32 12.11 14.30
C LYS B 256 20.56 13.59 14.54
N GLY B 257 20.18 14.40 13.56
CA GLY B 257 20.54 15.80 13.58
C GLY B 257 21.97 16.08 13.18
N SER B 258 22.60 15.17 12.45
CA SER B 258 24.03 15.23 12.17
C SER B 258 24.26 15.67 10.74
N ASN B 259 25.24 16.56 10.55
CA ASN B 259 25.56 17.13 9.24
C ASN B 259 26.87 16.56 8.68
N LEU B 260 27.26 15.35 9.07
CA LEU B 260 28.48 14.78 8.52
C LEU B 260 28.26 14.20 7.13
N ASP B 261 27.05 13.72 6.83
CA ASP B 261 26.68 13.34 5.49
C ASP B 261 26.07 14.48 4.71
N ALA B 262 26.18 15.71 5.22
CA ALA B 262 25.64 16.88 4.54
C ALA B 262 26.58 17.29 3.40
N PRO B 263 26.06 17.52 2.20
CA PRO B 263 26.93 17.85 1.08
C PRO B 263 27.53 19.24 1.19
N GLU B 264 28.58 19.47 0.40
CA GLU B 264 29.20 20.78 0.31
C GLU B 264 28.36 21.68 -0.59
N PRO B 265 28.29 22.99 -0.30
CA PRO B 265 27.54 23.90 -1.16
C PRO B 265 28.12 23.99 -2.56
N TYR B 266 27.47 24.76 -3.43
CA TYR B 266 27.92 24.88 -4.81
C TYR B 266 29.35 25.41 -4.89
N ARG B 267 30.04 25.04 -5.97
CA ARG B 267 31.33 25.65 -6.29
C ARG B 267 31.10 26.87 -7.17
N ILE B 268 31.83 27.95 -6.86
CA ILE B 268 31.66 29.22 -7.54
C ILE B 268 32.98 29.57 -8.23
N GLY B 269 32.89 29.99 -9.49
CA GLY B 269 34.05 30.40 -10.24
C GLY B 269 33.72 31.54 -11.17
N ARG B 270 34.75 32.27 -11.57
CA ARG B 270 34.61 33.46 -12.40
C ARG B 270 35.05 33.13 -13.83
N ILE B 271 34.12 33.24 -14.77
CA ILE B 271 34.40 32.88 -16.15
C ILE B 271 35.39 33.89 -16.74
N LYS B 272 36.56 33.41 -17.15
CA LYS B 272 37.54 34.25 -17.82
C LYS B 272 37.61 34.00 -19.31
N GLU B 273 37.47 32.75 -19.76
CA GLU B 273 37.43 32.45 -21.18
C GLU B 273 36.45 31.31 -21.43
N ILE B 274 35.83 31.36 -22.61
CA ILE B 274 34.86 30.35 -23.05
C ILE B 274 35.29 29.88 -24.43
N HIS B 275 35.52 28.57 -24.56
CA HIS B 275 35.88 27.98 -25.85
C HIS B 275 35.14 26.67 -26.01
N CYS B 276 35.13 26.17 -27.24
CA CYS B 276 34.48 24.91 -27.58
C CYS B 276 35.06 24.41 -28.90
N GLY B 277 34.48 23.33 -29.43
CA GLY B 277 34.89 22.74 -30.68
C GLY B 277 33.94 23.04 -31.81
N LYS B 278 34.04 22.23 -32.86
CA LYS B 278 33.23 22.40 -34.05
C LYS B 278 32.87 21.04 -34.63
N LYS B 279 31.64 20.91 -35.12
CA LYS B 279 31.17 19.67 -35.73
C LYS B 279 30.46 20.00 -37.03
N LYS B 280 30.95 19.44 -38.13
CA LYS B 280 30.35 19.60 -39.46
C LYS B 280 30.35 21.07 -39.90
N GLY B 281 31.45 21.76 -39.64
CA GLY B 281 31.64 23.11 -40.14
C GLY B 281 31.10 24.22 -39.26
N LYS B 282 30.17 23.93 -38.37
CA LYS B 282 29.61 24.92 -37.46
C LYS B 282 30.05 24.64 -36.03
N VAL B 283 29.69 25.57 -35.14
CA VAL B 283 30.06 25.44 -33.73
C VAL B 283 29.41 24.20 -33.14
N ASN B 284 30.14 23.53 -32.24
CA ASN B 284 29.59 22.41 -31.48
C ASN B 284 29.10 22.96 -30.14
N GLU B 285 27.92 23.59 -30.18
CA GLU B 285 27.31 24.15 -28.98
C GLU B 285 26.96 23.09 -27.94
N ALA B 286 26.94 21.81 -28.31
CA ALA B 286 26.64 20.75 -27.35
C ALA B 286 27.77 20.52 -26.36
N ASP B 287 29.01 20.91 -26.70
CA ASP B 287 30.18 20.71 -25.83
C ASP B 287 30.93 22.04 -25.73
N ILE B 288 30.50 22.89 -24.81
CA ILE B 288 31.13 24.18 -24.56
C ILE B 288 31.96 24.06 -23.27
N LYS B 289 33.20 24.53 -23.33
CA LYS B 289 34.09 24.48 -22.18
C LYS B 289 34.20 25.85 -21.53
N LEU B 290 34.42 25.84 -20.21
CA LEU B 290 34.52 27.06 -19.42
C LEU B 290 35.78 26.99 -18.56
N ARG B 291 36.58 28.05 -18.61
CA ARG B 291 37.74 28.20 -17.73
C ARG B 291 37.43 29.30 -16.73
N LEU B 292 37.64 29.00 -15.45
CA LEU B 292 37.21 29.87 -14.36
C LEU B 292 38.40 30.23 -13.46
N TYR B 293 38.14 31.18 -12.57
CA TYR B 293 38.99 31.43 -11.41
C TYR B 293 38.30 30.84 -10.19
N LYS B 294 38.97 29.90 -9.52
CA LYS B 294 38.39 29.27 -8.36
C LYS B 294 38.12 30.30 -7.26
N PHE B 295 36.90 30.29 -6.73
CA PHE B 295 36.55 31.11 -5.58
C PHE B 295 36.64 30.28 -4.31
N TYR B 296 37.16 30.90 -3.25
CA TYR B 296 37.39 30.22 -1.98
C TYR B 296 36.31 30.63 -0.99
N ARG B 297 35.44 29.69 -0.64
CA ARG B 297 34.58 29.89 0.51
C ARG B 297 35.46 29.93 1.77
N PRO B 298 35.03 30.65 2.81
CA PRO B 298 35.85 30.72 4.03
C PRO B 298 36.15 29.34 4.61
N GLU B 299 35.25 28.38 4.44
CA GLU B 299 35.46 27.02 4.90
C GLU B 299 36.39 26.23 3.99
N ASN B 300 36.77 26.77 2.84
CA ASN B 300 37.75 26.14 1.96
C ASN B 300 39.17 26.59 2.24
N THR B 301 39.36 27.65 3.01
CA THR B 301 40.69 28.14 3.33
C THR B 301 41.32 27.29 4.42
N HIS B 302 42.53 27.69 4.85
CA HIS B 302 43.18 27.00 5.95
C HIS B 302 42.39 27.13 7.24
N ARG B 303 41.59 28.19 7.38
CA ARG B 303 40.74 28.33 8.55
C ARG B 303 39.70 27.21 8.60
N SER B 304 39.15 26.84 7.45
CA SER B 304 38.14 25.78 7.32
C SER B 304 36.92 26.14 8.18
N TYR B 305 36.25 25.13 8.73
CA TYR B 305 35.01 25.36 9.46
C TYR B 305 35.26 26.17 10.74
N ASN B 306 36.37 25.90 11.44
CA ASN B 306 36.64 26.57 12.70
C ASN B 306 36.71 28.09 12.52
N GLY B 307 37.24 28.54 11.38
CA GLY B 307 37.38 29.96 11.13
C GLY B 307 36.16 30.58 10.50
N SER B 308 35.31 29.76 9.89
CA SER B 308 34.15 30.25 9.16
C SER B 308 32.87 30.23 9.99
N TYR B 309 32.98 30.46 11.30
CA TYR B 309 31.80 30.46 12.15
C TYR B 309 31.08 31.81 12.11
N HIS B 310 31.82 32.90 12.27
CA HIS B 310 31.23 34.23 12.36
C HIS B 310 31.03 34.89 11.00
N THR B 311 31.71 34.42 9.96
CA THR B 311 31.65 35.09 8.67
C THR B 311 30.28 34.93 8.03
N ASP B 312 29.95 35.88 7.15
CA ASP B 312 28.70 35.81 6.40
C ASP B 312 28.65 34.54 5.55
N ILE B 313 27.43 34.16 5.17
CA ILE B 313 27.25 33.00 4.30
C ILE B 313 27.43 33.34 2.82
N ASN B 314 27.62 34.62 2.49
CA ASN B 314 27.79 35.04 1.11
C ASN B 314 29.14 35.70 0.86
N MET B 315 30.07 35.62 1.81
CA MET B 315 31.41 36.18 1.63
C MET B 315 32.32 35.11 1.05
N LEU B 316 33.05 35.48 0.00
CA LEU B 316 33.99 34.59 -0.66
C LEU B 316 35.40 35.18 -0.60
N TYR B 317 36.35 34.41 -1.09
CA TYR B 317 37.74 34.84 -1.17
C TYR B 317 38.24 34.62 -2.59
N TRP B 318 38.68 35.69 -3.23
CA TRP B 318 39.20 35.58 -4.59
C TRP B 318 40.49 34.78 -4.61
N SER B 319 40.68 34.04 -5.70
CA SER B 319 41.93 33.33 -5.94
C SER B 319 42.23 33.36 -7.42
N ASP B 320 43.52 33.32 -7.75
CA ASP B 320 43.96 33.22 -9.13
C ASP B 320 44.12 31.77 -9.57
N GLU B 321 43.68 30.81 -8.75
CA GLU B 321 43.68 29.41 -9.17
C GLU B 321 42.71 29.22 -10.33
N GLU B 322 43.11 28.41 -11.30
CA GLU B 322 42.32 28.19 -12.50
C GLU B 322 41.88 26.74 -12.60
N ALA B 323 40.78 26.54 -13.33
CA ALA B 323 40.24 25.21 -13.59
C ALA B 323 39.27 25.32 -14.75
N VAL B 324 39.21 24.26 -15.55
CA VAL B 324 38.35 24.20 -16.72
C VAL B 324 37.28 23.14 -16.49
N VAL B 325 36.02 23.53 -16.69
CA VAL B 325 34.88 22.66 -16.44
C VAL B 325 33.93 22.74 -17.63
N ASN B 326 32.97 21.82 -17.66
CA ASN B 326 32.01 21.77 -18.76
C ASN B 326 30.85 22.73 -18.50
N PHE B 327 30.30 23.26 -19.60
CA PHE B 327 29.12 24.10 -19.53
C PHE B 327 27.85 23.31 -19.25
N SER B 328 27.86 22.00 -19.51
CA SER B 328 26.73 21.15 -19.14
C SER B 328 26.61 21.00 -17.64
N ASP B 329 27.69 21.24 -16.89
CA ASP B 329 27.65 21.16 -15.44
C ASP B 329 27.17 22.44 -14.76
N VAL B 330 26.94 23.50 -15.53
CA VAL B 330 26.57 24.78 -14.94
C VAL B 330 25.18 24.67 -14.34
N GLN B 331 25.07 25.03 -13.06
CA GLN B 331 23.79 24.97 -12.35
C GLN B 331 23.05 26.30 -12.32
N GLY B 332 23.78 27.42 -12.33
CA GLY B 332 23.14 28.72 -12.33
C GLY B 332 24.18 29.81 -12.29
N ARG B 333 23.71 31.03 -12.54
CA ARG B 333 24.55 32.21 -12.52
C ARG B 333 24.37 32.95 -11.19
N CYS B 334 25.50 33.36 -10.61
CA CYS B 334 25.50 34.20 -9.42
C CYS B 334 26.33 35.45 -9.70
N THR B 335 26.08 36.49 -8.91
CA THR B 335 26.75 37.78 -9.09
C THR B 335 27.74 37.97 -7.95
N VAL B 336 29.02 38.11 -8.29
CA VAL B 336 30.08 38.31 -7.31
C VAL B 336 30.72 39.66 -7.61
N GLU B 337 30.70 40.55 -6.62
CA GLU B 337 31.26 41.88 -6.74
C GLU B 337 32.40 42.07 -5.74
N TYR B 338 33.38 42.88 -6.13
CA TYR B 338 34.40 43.30 -5.18
C TYR B 338 33.77 44.25 -4.16
N GLY B 339 34.24 44.16 -2.91
CA GLY B 339 33.56 44.87 -1.83
C GLY B 339 33.64 46.38 -1.97
N GLU B 340 34.84 46.90 -2.27
CA GLU B 340 35.02 48.34 -2.35
C GLU B 340 34.47 48.94 -3.64
N ASP B 341 34.19 48.12 -4.66
CA ASP B 341 33.61 48.61 -5.90
C ASP B 341 32.12 48.84 -5.80
N LEU B 342 31.51 48.59 -4.64
CA LEU B 342 30.06 48.68 -4.51
C LEU B 342 29.62 50.13 -4.27
N LEU B 343 28.45 50.46 -4.82
CA LEU B 343 27.84 51.76 -4.63
C LEU B 343 27.00 51.84 -3.36
N GLU B 344 26.66 50.70 -2.77
CA GLU B 344 25.87 50.61 -1.56
C GLU B 344 26.66 49.87 -0.49
N SER B 345 26.02 49.64 0.66
CA SER B 345 26.61 48.76 1.64
C SER B 345 26.58 47.32 1.12
N ILE B 346 27.21 46.41 1.85
CA ILE B 346 27.12 45.00 1.49
C ILE B 346 25.91 44.33 2.14
N GLN B 347 25.30 44.95 3.14
CA GLN B 347 24.03 44.46 3.65
C GLN B 347 22.89 44.88 2.74
N ASP B 348 22.91 46.13 2.27
CA ASP B 348 21.90 46.56 1.29
C ASP B 348 22.07 45.82 -0.03
N TYR B 349 23.28 45.36 -0.33
CA TYR B 349 23.52 44.63 -1.57
C TYR B 349 23.10 43.17 -1.46
N SER B 350 23.52 42.49 -0.40
CA SER B 350 23.19 41.08 -0.25
C SER B 350 21.70 40.88 0.07
N GLN B 351 21.09 41.81 0.79
CA GLN B 351 19.66 41.74 1.06
C GLN B 351 18.82 42.31 -0.08
N GLY B 352 19.43 42.68 -1.19
CA GLY B 352 18.73 43.24 -2.32
C GLY B 352 18.50 42.29 -3.47
N GLY B 353 18.94 41.05 -3.37
CA GLY B 353 18.75 40.09 -4.43
C GLY B 353 19.28 38.71 -4.08
N PRO B 354 18.92 37.71 -4.88
CA PRO B 354 19.40 36.35 -4.65
C PRO B 354 20.74 36.10 -5.33
N ASP B 355 21.38 35.01 -4.91
CA ASP B 355 22.63 34.54 -5.51
C ASP B 355 23.73 35.61 -5.45
N ARG B 356 23.65 36.50 -4.48
CA ARG B 356 24.56 37.63 -4.39
C ARG B 356 25.66 37.31 -3.38
N PHE B 357 26.90 37.30 -3.87
CA PHE B 357 28.08 37.09 -3.05
C PHE B 357 28.98 38.31 -3.11
N TYR B 358 29.99 38.34 -2.25
CA TYR B 358 30.92 39.45 -2.22
C TYR B 358 32.26 38.97 -1.68
N PHE B 359 33.30 39.74 -1.99
CA PHE B 359 34.63 39.47 -1.47
C PHE B 359 35.36 40.79 -1.28
N LEU B 360 36.17 40.84 -0.23
CA LEU B 360 36.99 42.00 0.08
C LEU B 360 38.48 41.72 -0.01
N GLU B 361 38.91 40.49 0.20
CA GLU B 361 40.30 40.09 0.16
C GLU B 361 40.47 38.95 -0.87
N ALA B 362 41.67 38.38 -0.91
CA ALA B 362 41.98 37.28 -1.81
C ALA B 362 42.85 36.28 -1.08
N TYR B 363 42.83 35.03 -1.55
CA TYR B 363 43.48 33.93 -0.86
C TYR B 363 44.56 33.32 -1.75
N ASN B 364 45.76 33.19 -1.20
CA ASN B 364 46.87 32.50 -1.85
C ASN B 364 47.09 31.17 -1.15
N SER B 365 47.02 30.08 -1.92
CA SER B 365 47.10 28.75 -1.32
C SER B 365 48.52 28.36 -0.92
N LYS B 366 49.53 28.88 -1.63
CA LYS B 366 50.91 28.63 -1.23
C LYS B 366 51.29 29.48 -0.01
N THR B 367 50.83 30.73 0.02
CA THR B 367 51.16 31.62 1.12
C THR B 367 50.24 31.41 2.32
N LYS B 368 48.99 31.02 2.07
CA LYS B 368 48.05 30.65 3.12
C LYS B 368 47.73 31.81 4.05
N ASN B 369 47.71 33.02 3.49
CA ASN B 369 47.05 34.15 4.14
C ASN B 369 46.59 35.10 3.04
N PHE B 370 45.94 36.19 3.44
CA PHE B 370 44.99 36.89 2.58
C PHE B 370 45.57 38.20 2.08
N GLU B 371 45.53 38.39 0.76
CA GLU B 371 46.03 39.58 0.10
C GLU B 371 44.87 40.52 -0.21
N ASP B 372 45.20 41.63 -0.88
CA ASP B 372 44.17 42.43 -1.52
C ASP B 372 44.10 42.07 -2.98
N PRO B 373 42.92 41.85 -3.54
CA PRO B 373 42.81 41.17 -4.84
C PRO B 373 43.40 42.01 -5.96
N PRO B 374 43.82 41.36 -7.05
CA PRO B 374 44.36 42.11 -8.19
C PRO B 374 43.29 42.94 -8.87
N ASN B 375 43.75 43.77 -9.80
CA ASN B 375 42.86 44.73 -10.47
C ASN B 375 41.92 44.05 -11.46
N HIS B 376 42.27 42.87 -11.97
CA HIS B 376 41.41 42.18 -12.93
C HIS B 376 40.25 41.45 -12.28
N ALA B 377 40.21 41.36 -10.95
CA ALA B 377 39.03 40.85 -10.28
C ALA B 377 37.99 41.93 -10.05
N ARG B 378 38.37 43.20 -10.14
CA ARG B 378 37.44 44.30 -9.94
C ARG B 378 36.42 44.35 -11.06
N SER B 379 35.30 45.04 -10.78
CA SER B 379 34.26 45.24 -11.77
C SER B 379 34.71 46.31 -12.77
N PRO B 380 33.98 46.46 -13.88
CA PRO B 380 34.23 47.61 -14.78
C PRO B 380 34.40 48.91 -14.02
N GLY B 381 35.56 49.55 -14.18
CA GLY B 381 35.90 50.70 -13.37
C GLY B 381 37.11 50.40 -12.51
N ASN B 382 38.04 49.64 -13.08
CA ASN B 382 39.25 49.22 -12.39
C ASN B 382 40.42 50.12 -12.79
N ILE B 408 9.50 51.05 -8.95
CA ILE B 408 8.11 50.58 -8.92
C ILE B 408 7.77 50.02 -7.55
N LYS B 409 6.81 50.64 -6.86
CA LYS B 409 6.38 50.21 -5.54
C LYS B 409 5.22 49.23 -5.67
N LEU B 410 5.45 48.01 -5.23
CA LEU B 410 4.46 46.95 -5.42
C LEU B 410 3.36 47.05 -4.36
N PRO B 411 2.08 46.90 -4.73
CA PRO B 411 1.02 46.92 -3.72
C PRO B 411 0.92 45.58 -3.00
N LYS B 412 0.94 45.62 -1.67
CA LYS B 412 0.78 44.42 -0.86
C LYS B 412 -0.63 43.86 -1.01
N LEU B 413 -0.76 42.57 -0.73
CA LEU B 413 -2.04 41.87 -0.84
C LEU B 413 -2.81 41.91 0.47
N ARG B 414 -4.11 42.08 0.38
CA ARG B 414 -4.98 42.00 1.56
C ARG B 414 -5.18 40.52 1.89
N THR B 415 -4.58 40.08 2.99
CA THR B 415 -4.46 38.65 3.29
C THR B 415 -5.19 38.29 4.56
N LEU B 416 -5.94 37.18 4.49
CA LEU B 416 -6.59 36.58 5.65
C LEU B 416 -5.85 35.31 6.03
N ASP B 417 -5.52 35.17 7.31
CA ASP B 417 -4.69 34.08 7.80
C ASP B 417 -5.50 33.27 8.83
N VAL B 418 -6.23 32.26 8.34
CA VAL B 418 -6.97 31.36 9.22
C VAL B 418 -5.99 30.39 9.87
N PHE B 419 -6.28 29.99 11.11
CA PHE B 419 -5.34 29.25 11.94
C PHE B 419 -4.01 29.99 12.01
N SER B 420 -4.08 31.23 12.49
CA SER B 420 -2.93 32.11 12.45
C SER B 420 -1.85 31.70 13.44
N GLY B 421 -2.23 31.04 14.53
CA GLY B 421 -1.25 30.77 15.58
C GLY B 421 -0.67 32.07 16.08
N CYS B 422 0.63 32.05 16.37
CA CYS B 422 1.33 33.29 16.70
C CYS B 422 1.61 34.16 15.48
N GLY B 423 1.48 33.61 14.27
CA GLY B 423 1.65 34.35 13.05
C GLY B 423 2.92 34.10 12.26
N GLY B 424 3.56 32.94 12.44
CA GLY B 424 4.79 32.66 11.71
C GLY B 424 4.60 32.64 10.21
N LEU B 425 3.40 32.27 9.75
CA LEU B 425 3.16 32.18 8.31
C LEU B 425 3.10 33.57 7.68
N SER B 426 2.28 34.46 8.23
CA SER B 426 2.15 35.80 7.68
C SER B 426 3.33 36.70 8.03
N GLU B 427 4.11 36.36 9.06
CA GLU B 427 5.36 37.07 9.29
C GLU B 427 6.34 36.83 8.14
N GLY B 428 6.36 35.60 7.62
CA GLY B 428 7.18 35.33 6.45
C GLY B 428 6.68 36.03 5.21
N PHE B 429 5.35 36.10 5.04
CA PHE B 429 4.79 36.82 3.91
C PHE B 429 5.13 38.29 3.98
N HIS B 430 5.11 38.88 5.18
CA HIS B 430 5.50 40.27 5.32
C HIS B 430 7.00 40.46 5.11
N GLN B 431 7.81 39.45 5.45
CA GLN B 431 9.23 39.51 5.14
C GLN B 431 9.47 39.54 3.64
N ALA B 432 8.58 38.93 2.87
CA ALA B 432 8.60 39.06 1.42
C ALA B 432 7.94 40.33 0.94
N GLY B 433 7.23 41.04 1.82
CA GLY B 433 6.64 42.32 1.45
C GLY B 433 5.54 42.24 0.42
N ILE B 434 4.75 41.17 0.42
CA ILE B 434 3.73 40.97 -0.60
C ILE B 434 2.32 41.07 -0.05
N SER B 435 2.15 41.22 1.26
CA SER B 435 0.80 41.21 1.81
C SER B 435 0.81 41.80 3.20
N GLU B 436 -0.14 42.70 3.46
CA GLU B 436 -0.50 43.12 4.81
C GLU B 436 -1.66 42.23 5.27
N THR B 437 -1.40 41.38 6.26
CA THR B 437 -2.42 40.46 6.77
C THR B 437 -3.41 41.24 7.64
N LEU B 438 -4.60 41.48 7.11
CA LEU B 438 -5.58 42.34 7.78
C LEU B 438 -6.53 41.57 8.68
N TRP B 439 -6.84 40.32 8.35
CA TRP B 439 -7.70 39.49 9.18
C TRP B 439 -6.96 38.22 9.57
N ALA B 440 -7.42 37.62 10.68
CA ALA B 440 -6.83 36.38 11.17
C ALA B 440 -7.83 35.70 12.09
N ILE B 441 -7.80 34.37 12.10
CA ILE B 441 -8.66 33.56 12.93
C ILE B 441 -7.80 32.61 13.75
N GLU B 442 -8.03 32.56 15.05
CA GLU B 442 -7.21 31.75 15.95
C GLU B 442 -8.01 31.51 17.23
N MET B 443 -8.50 30.28 17.39
CA MET B 443 -9.38 29.97 18.51
C MET B 443 -8.65 29.92 19.85
N TRP B 444 -7.35 29.62 19.84
CA TRP B 444 -6.58 29.53 21.08
C TRP B 444 -6.16 30.95 21.48
N ASP B 445 -6.43 31.32 22.72
CA ASP B 445 -6.20 32.72 23.12
C ASP B 445 -4.71 33.09 23.09
N PRO B 446 -3.79 32.36 23.75
CA PRO B 446 -2.39 32.82 23.77
C PRO B 446 -1.78 32.96 22.38
N ALA B 447 -2.27 32.22 21.39
CA ALA B 447 -1.79 32.40 20.03
C ALA B 447 -2.40 33.64 19.39
N ALA B 448 -3.68 33.88 19.65
CA ALA B 448 -4.32 35.09 19.12
C ALA B 448 -3.76 36.34 19.79
N GLN B 449 -3.47 36.27 21.09
CA GLN B 449 -2.85 37.40 21.78
C GLN B 449 -1.45 37.66 21.24
N ALA B 450 -0.62 36.60 21.16
CA ALA B 450 0.71 36.73 20.59
C ALA B 450 0.67 37.18 19.13
N PHE B 451 -0.42 36.91 18.42
CA PHE B 451 -0.56 37.41 17.05
C PHE B 451 -0.74 38.92 17.04
N ARG B 452 -1.58 39.45 17.93
CA ARG B 452 -1.80 40.90 17.98
C ARG B 452 -0.53 41.62 18.42
N LEU B 453 0.23 41.02 19.33
CA LEU B 453 1.45 41.65 19.82
C LEU B 453 2.46 41.87 18.68
N ASN B 454 2.37 41.08 17.62
CA ASN B 454 3.26 41.23 16.48
C ASN B 454 2.57 41.86 15.26
N ASN B 455 1.24 41.91 15.24
CA ASN B 455 0.48 42.51 14.15
C ASN B 455 -0.51 43.51 14.72
N PRO B 456 -0.23 44.81 14.61
CA PRO B 456 -1.07 45.81 15.28
C PRO B 456 -2.24 46.24 14.42
N GLY B 457 -2.17 45.94 13.13
CA GLY B 457 -3.19 46.36 12.19
C GLY B 457 -3.98 45.19 11.63
N THR B 458 -4.14 44.13 12.42
CA THR B 458 -4.86 42.94 12.02
C THR B 458 -6.09 42.75 12.90
N THR B 459 -7.24 42.48 12.28
CA THR B 459 -8.48 42.21 13.00
C THR B 459 -8.49 40.74 13.36
N VAL B 460 -8.01 40.42 14.56
CA VAL B 460 -7.83 39.04 15.00
C VAL B 460 -9.12 38.56 15.66
N PHE B 461 -9.80 37.64 14.99
CA PHE B 461 -10.97 36.98 15.55
C PHE B 461 -10.52 35.70 16.25
N THR B 462 -10.90 35.56 17.52
CA THR B 462 -10.63 34.32 18.24
C THR B 462 -11.86 33.41 18.29
N GLU B 463 -12.82 33.62 17.39
CA GLU B 463 -13.96 32.74 17.31
C GLU B 463 -13.58 31.42 16.62
N ASP B 464 -14.53 30.51 16.60
CA ASP B 464 -14.38 29.30 15.80
C ASP B 464 -14.56 29.65 14.33
N CYS B 465 -13.74 29.02 13.47
CA CYS B 465 -13.73 29.37 12.06
C CYS B 465 -15.08 29.06 11.40
N ASN B 466 -15.71 27.95 11.79
CA ASN B 466 -17.00 27.61 11.22
C ASN B 466 -18.07 28.63 11.62
N VAL B 467 -18.00 29.14 12.84
CA VAL B 467 -18.99 30.10 13.30
C VAL B 467 -18.83 31.43 12.56
N LEU B 468 -17.58 31.87 12.34
CA LEU B 468 -17.35 33.20 11.78
C LEU B 468 -17.88 33.30 10.36
N LEU B 469 -17.56 32.32 9.52
CA LEU B 469 -18.07 32.34 8.15
C LEU B 469 -19.59 32.25 8.13
N LYS B 470 -20.19 31.52 9.08
CA LYS B 470 -21.64 31.44 9.16
C LYS B 470 -22.27 32.81 9.37
N LEU B 471 -21.56 33.72 10.04
CA LEU B 471 -22.07 35.07 10.22
C LEU B 471 -21.93 35.89 8.94
N VAL B 472 -20.87 35.65 8.17
CA VAL B 472 -20.74 36.30 6.87
C VAL B 472 -21.82 35.80 5.93
N MET B 473 -22.19 34.52 6.06
CA MET B 473 -23.26 33.96 5.24
C MET B 473 -24.61 34.60 5.53
N ALA B 474 -24.81 35.07 6.77
CA ALA B 474 -26.07 35.67 7.18
C ALA B 474 -26.11 37.17 6.95
N GLY B 475 -25.08 37.75 6.36
CA GLY B 475 -25.05 39.18 6.10
C GLY B 475 -24.64 40.04 7.27
N GLU B 476 -24.03 39.46 8.31
CA GLU B 476 -23.62 40.23 9.46
C GLU B 476 -22.38 41.07 9.14
N VAL B 477 -22.41 42.34 9.56
CA VAL B 477 -21.30 43.24 9.31
C VAL B 477 -20.19 43.02 10.33
N THR B 478 -20.54 43.00 11.62
CA THR B 478 -19.59 42.82 12.70
C THR B 478 -19.92 41.56 13.48
N ASN B 479 -19.09 41.26 14.47
CA ASN B 479 -19.32 40.15 15.37
C ASN B 479 -19.95 40.68 16.66
N SER B 480 -19.79 39.93 17.76
CA SER B 480 -20.33 40.39 19.03
C SER B 480 -19.55 41.59 19.57
N LEU B 481 -18.27 41.69 19.24
CA LEU B 481 -17.38 42.70 19.79
C LEU B 481 -17.33 43.98 18.96
N GLY B 482 -17.95 43.99 17.79
CA GLY B 482 -17.88 45.14 16.90
C GLY B 482 -16.78 45.08 15.87
N GLN B 483 -16.14 43.92 15.69
CA GLN B 483 -15.08 43.77 14.70
C GLN B 483 -15.68 43.52 13.32
N ARG B 484 -15.26 44.32 12.34
CA ARG B 484 -15.81 44.22 11.00
C ARG B 484 -15.42 42.89 10.36
N LEU B 485 -16.39 42.24 9.73
CA LEU B 485 -16.14 40.97 9.06
C LEU B 485 -15.68 41.20 7.62
N PRO B 486 -14.68 40.48 7.16
CA PRO B 486 -14.29 40.56 5.75
C PRO B 486 -15.32 39.88 4.88
N GLN B 487 -15.55 40.43 3.70
CA GLN B 487 -16.48 39.86 2.74
C GLN B 487 -15.83 39.92 1.36
N LYS B 488 -16.56 39.42 0.36
CA LYS B 488 -15.95 39.17 -0.95
C LYS B 488 -15.38 40.44 -1.56
N GLY B 489 -14.14 40.33 -2.06
CA GLY B 489 -13.45 41.46 -2.64
C GLY B 489 -12.33 41.98 -1.74
N ASP B 490 -12.58 41.95 -0.43
CA ASP B 490 -11.56 42.40 0.51
C ASP B 490 -10.40 41.42 0.60
N VAL B 491 -10.69 40.13 0.55
CA VAL B 491 -9.66 39.10 0.67
C VAL B 491 -9.00 38.90 -0.69
N GLU B 492 -7.70 39.20 -0.76
CA GLU B 492 -6.92 38.96 -1.96
C GLU B 492 -6.06 37.71 -1.87
N MET B 493 -5.71 37.26 -0.67
CA MET B 493 -4.97 36.03 -0.47
C MET B 493 -5.46 35.35 0.82
N LEU B 494 -5.67 34.04 0.73
CA LEU B 494 -6.10 33.23 1.86
C LEU B 494 -5.02 32.20 2.15
N CYS B 495 -4.54 32.18 3.39
CA CYS B 495 -3.49 31.25 3.81
C CYS B 495 -3.83 30.69 5.17
N GLY B 496 -3.24 29.54 5.48
CA GLY B 496 -3.47 28.93 6.78
C GLY B 496 -2.82 27.58 7.00
N GLY B 497 -2.55 27.27 8.27
CA GLY B 497 -2.04 25.98 8.65
C GLY B 497 -2.99 25.25 9.57
N PRO B 498 -3.88 24.44 9.00
CA PRO B 498 -4.88 23.71 9.78
C PRO B 498 -4.25 22.78 10.80
N PRO B 499 -5.04 22.23 11.72
CA PRO B 499 -4.47 21.40 12.79
C PRO B 499 -3.75 20.19 12.25
N CYS B 500 -2.56 19.97 12.76
CA CYS B 500 -1.73 18.84 12.35
C CYS B 500 -1.99 17.60 13.18
N GLN B 501 -2.73 17.76 14.27
CA GLN B 501 -2.85 16.70 15.25
C GLN B 501 -3.55 15.47 14.69
N GLY B 502 -4.41 15.65 13.69
CA GLY B 502 -5.07 14.52 13.07
C GLY B 502 -4.21 13.76 12.10
N PHE B 503 -3.31 14.45 11.39
CA PHE B 503 -2.48 13.83 10.38
C PHE B 503 -1.05 13.57 10.84
N SER B 504 -0.63 14.20 11.95
CA SER B 504 0.74 14.01 12.44
C SER B 504 1.05 12.54 12.68
N GLY B 505 2.28 12.16 12.40
CA GLY B 505 2.73 10.78 12.46
C GLY B 505 3.20 10.30 13.82
N MET B 506 3.01 11.08 14.87
CA MET B 506 3.36 10.64 16.22
C MET B 506 2.14 10.22 17.03
N ASN B 507 0.98 10.82 16.76
CA ASN B 507 -0.21 10.49 17.51
C ASN B 507 -0.73 9.11 17.10
N ARG B 508 -1.16 8.33 18.11
CA ARG B 508 -1.63 6.97 17.90
C ARG B 508 -3.10 6.91 17.50
N PHE B 509 -3.97 7.57 18.27
CA PHE B 509 -5.40 7.51 18.04
C PHE B 509 -5.80 8.32 16.82
N ASN B 510 -5.48 7.83 15.63
CA ASN B 510 -5.85 8.51 14.39
C ASN B 510 -7.35 8.40 14.13
N TYR B 514 -15.19 9.82 4.28
CA TYR B 514 -15.47 11.08 3.59
C TYR B 514 -16.26 12.03 4.47
N SER B 515 -17.13 11.47 5.30
CA SER B 515 -17.91 12.29 6.23
C SER B 515 -17.00 13.05 7.18
N LYS B 516 -16.00 12.36 7.73
CA LYS B 516 -15.00 13.03 8.57
C LYS B 516 -14.31 14.15 7.80
N PHE B 517 -14.12 13.98 6.49
CA PHE B 517 -13.59 15.06 5.67
C PHE B 517 -14.61 16.19 5.52
N LYS B 518 -15.89 15.84 5.39
CA LYS B 518 -16.93 16.85 5.25
C LYS B 518 -17.10 17.66 6.53
N ASN B 519 -16.75 17.09 7.69
CA ASN B 519 -16.84 17.80 8.95
C ASN B 519 -15.60 18.64 9.23
N SER B 520 -14.44 18.20 8.77
CA SER B 520 -13.17 18.68 9.28
C SER B 520 -12.93 20.15 8.92
N LEU B 521 -11.83 20.68 9.46
CA LEU B 521 -11.46 22.07 9.24
C LEU B 521 -10.75 22.29 7.91
N VAL B 522 -10.24 21.22 7.29
CA VAL B 522 -9.58 21.37 6.00
C VAL B 522 -10.60 21.71 4.92
N VAL B 523 -11.85 21.26 5.06
CA VAL B 523 -12.90 21.71 4.16
C VAL B 523 -13.52 23.01 4.64
N SER B 524 -13.49 23.28 5.95
CA SER B 524 -13.87 24.59 6.45
C SER B 524 -12.99 25.67 5.84
N PHE B 525 -11.69 25.40 5.77
CA PHE B 525 -10.74 26.33 5.16
C PHE B 525 -10.95 26.44 3.65
N LEU B 526 -11.62 25.46 3.03
CA LEU B 526 -11.91 25.52 1.61
C LEU B 526 -13.17 26.31 1.28
N SER B 527 -14.11 26.39 2.22
CA SER B 527 -15.31 27.19 1.99
C SER B 527 -15.00 28.68 2.04
N TYR B 528 -14.05 29.08 2.91
CA TYR B 528 -13.51 30.43 2.84
C TYR B 528 -12.92 30.70 1.46
N CYS B 529 -12.17 29.72 0.93
CA CYS B 529 -11.67 29.83 -0.43
C CYS B 529 -12.81 29.85 -1.43
N ASP B 530 -13.96 29.26 -1.08
CA ASP B 530 -15.09 29.22 -1.99
C ASP B 530 -15.89 30.52 -1.97
N TYR B 531 -15.98 31.19 -0.82
CA TYR B 531 -16.75 32.42 -0.74
C TYR B 531 -15.94 33.62 -1.22
N TYR B 532 -14.88 33.96 -0.48
CA TYR B 532 -14.13 35.17 -0.80
C TYR B 532 -13.45 35.08 -2.17
N ARG B 533 -13.11 33.87 -2.60
CA ARG B 533 -12.46 33.62 -3.88
C ARG B 533 -11.23 34.50 -4.03
N PRO B 534 -10.18 34.28 -3.24
CA PRO B 534 -9.00 35.15 -3.32
C PRO B 534 -8.23 34.92 -4.61
N ARG B 535 -7.22 35.76 -4.82
CA ARG B 535 -6.35 35.59 -5.98
C ARG B 535 -5.33 34.49 -5.75
N PHE B 536 -4.98 34.21 -4.50
CA PHE B 536 -4.00 33.18 -4.19
C PHE B 536 -4.46 32.42 -2.95
N PHE B 537 -3.97 31.19 -2.83
CA PHE B 537 -4.42 30.27 -1.80
C PHE B 537 -3.24 29.40 -1.36
N LEU B 538 -3.00 29.35 -0.05
CA LEU B 538 -1.94 28.52 0.51
C LEU B 538 -2.52 27.68 1.63
N LEU B 539 -2.24 26.39 1.61
CA LEU B 539 -2.58 25.48 2.70
C LEU B 539 -1.32 24.75 3.13
N GLU B 540 -1.01 24.82 4.42
CA GLU B 540 0.17 24.19 4.99
C GLU B 540 -0.26 23.08 5.93
N ASN B 541 0.50 21.99 5.93
CA ASN B 541 0.30 20.91 6.89
C ASN B 541 1.57 20.06 6.92
N VAL B 542 1.54 19.02 7.75
CA VAL B 542 2.71 18.16 7.91
C VAL B 542 2.83 17.22 6.72
N ARG B 543 4.06 16.71 6.51
CA ARG B 543 4.39 15.96 5.30
C ARG B 543 3.38 14.85 5.01
N ASN B 544 3.02 14.07 6.02
CA ASN B 544 2.12 12.93 5.78
C ASN B 544 0.67 13.34 5.63
N PHE B 545 0.39 14.64 5.47
CA PHE B 545 -0.95 15.07 5.08
C PHE B 545 -1.35 14.47 3.75
N VAL B 546 -0.39 14.28 2.85
CA VAL B 546 -0.62 13.71 1.53
C VAL B 546 -0.41 12.20 1.52
N SER B 547 -0.17 11.60 2.69
CA SER B 547 -0.16 10.14 2.84
C SER B 547 -1.24 9.68 3.80
N TYR B 548 -2.06 10.58 4.33
CA TYR B 548 -3.10 10.21 5.27
C TYR B 548 -4.25 9.54 4.52
N ARG B 549 -4.72 8.42 5.08
CA ARG B 549 -5.82 7.64 4.48
C ARG B 549 -5.49 7.27 3.04
N ARG B 550 -4.24 6.90 2.79
CA ARG B 550 -3.76 6.54 1.46
C ARG B 550 -4.03 7.67 0.47
N SER B 551 -3.62 8.88 0.86
CA SER B 551 -3.57 10.05 -0.02
C SER B 551 -4.96 10.53 -0.46
N MET B 552 -5.99 10.25 0.34
CA MET B 552 -7.34 10.67 -0.03
C MET B 552 -7.67 12.08 0.43
N VAL B 553 -7.11 12.53 1.56
CA VAL B 553 -7.30 13.92 1.96
C VAL B 553 -6.72 14.85 0.92
N LEU B 554 -5.56 14.51 0.37
CA LEU B 554 -4.94 15.34 -0.66
C LEU B 554 -5.78 15.37 -1.93
N LYS B 555 -6.19 14.19 -2.40
CA LYS B 555 -6.93 14.11 -3.66
C LYS B 555 -8.28 14.81 -3.59
N LEU B 556 -8.84 14.98 -2.39
CA LEU B 556 -10.08 15.72 -2.23
C LEU B 556 -9.86 17.20 -1.98
N THR B 557 -8.73 17.57 -1.36
CA THR B 557 -8.40 18.98 -1.22
C THR B 557 -8.08 19.59 -2.58
N LEU B 558 -7.42 18.83 -3.45
CA LEU B 558 -7.10 19.32 -4.78
C LEU B 558 -8.32 19.35 -5.69
N ARG B 559 -9.19 18.34 -5.57
CA ARG B 559 -10.33 18.23 -6.48
C ARG B 559 -11.29 19.40 -6.31
N CYS B 560 -11.48 19.87 -5.08
CA CYS B 560 -12.40 20.98 -4.84
C CYS B 560 -11.91 22.26 -5.50
N LEU B 561 -10.60 22.51 -5.46
CA LEU B 561 -10.05 23.69 -6.10
C LEU B 561 -10.16 23.62 -7.62
N VAL B 562 -10.11 22.43 -8.19
CA VAL B 562 -10.32 22.29 -9.63
C VAL B 562 -11.79 22.53 -9.97
N ARG B 563 -12.70 22.19 -9.05
CA ARG B 563 -14.12 22.42 -9.31
C ARG B 563 -14.50 23.89 -9.19
N MET B 564 -13.82 24.64 -8.32
CA MET B 564 -14.04 26.08 -8.22
C MET B 564 -13.27 26.86 -9.28
N GLY B 565 -12.60 26.18 -10.20
CA GLY B 565 -11.87 26.84 -11.26
C GLY B 565 -10.45 27.24 -10.91
N TYR B 566 -9.95 26.84 -9.74
CA TYR B 566 -8.64 27.28 -9.29
C TYR B 566 -7.53 26.44 -9.89
N GLN B 567 -6.50 27.10 -10.40
CA GLN B 567 -5.23 26.43 -10.62
C GLN B 567 -4.69 25.94 -9.29
N CYS B 568 -3.98 24.81 -9.29
CA CYS B 568 -3.54 24.24 -8.03
C CYS B 568 -2.40 23.26 -8.27
N THR B 569 -1.65 23.02 -7.20
CA THR B 569 -0.52 22.09 -7.18
C THR B 569 -0.17 21.82 -5.72
N PHE B 570 0.81 20.94 -5.50
CA PHE B 570 1.21 20.58 -4.16
C PHE B 570 2.64 20.09 -4.17
N GLY B 571 3.22 19.96 -2.99
CA GLY B 571 4.58 19.48 -2.85
C GLY B 571 5.00 19.48 -1.40
N VAL B 572 6.13 18.84 -1.14
CA VAL B 572 6.73 18.77 0.19
C VAL B 572 7.98 19.64 0.20
N LEU B 573 8.16 20.40 1.27
CA LEU B 573 9.30 21.31 1.42
C LEU B 573 10.00 21.04 2.74
N GLN B 574 11.32 21.14 2.73
CA GLN B 574 12.13 21.00 3.93
C GLN B 574 12.59 22.38 4.37
N ALA B 575 12.13 22.82 5.54
CA ALA B 575 12.48 24.15 6.04
C ALA B 575 13.98 24.32 6.20
N GLY B 576 14.69 23.24 6.55
CA GLY B 576 16.13 23.30 6.67
C GLY B 576 16.84 23.71 5.39
N GLN B 577 16.17 23.57 4.24
CA GLN B 577 16.71 24.01 2.97
C GLN B 577 16.46 25.49 2.70
N TYR B 578 16.01 26.25 3.70
CA TYR B 578 15.71 27.67 3.49
C TYR B 578 16.25 28.57 4.59
N GLY B 579 17.12 28.05 5.46
CA GLY B 579 17.85 28.93 6.36
C GLY B 579 17.72 28.66 7.84
N VAL B 580 17.09 27.55 8.24
CA VAL B 580 16.95 27.21 9.64
C VAL B 580 17.67 25.90 9.92
N ALA B 581 18.04 25.71 11.18
CA ALA B 581 18.72 24.50 11.62
C ALA B 581 17.71 23.52 12.22
N GLN B 582 16.74 23.13 11.40
CA GLN B 582 15.68 22.22 11.83
C GLN B 582 15.15 21.48 10.61
N THR B 583 15.05 20.16 10.71
CA THR B 583 14.39 19.37 9.68
C THR B 583 12.89 19.39 9.96
N ARG B 584 12.13 20.02 9.07
CA ARG B 584 10.69 20.23 9.27
C ARG B 584 10.01 20.10 7.91
N ARG B 585 9.75 18.87 7.49
CA ARG B 585 9.07 18.64 6.23
C ARG B 585 7.59 18.98 6.35
N ARG B 586 7.11 19.83 5.46
CA ARG B 586 5.72 20.27 5.47
C ARG B 586 5.15 20.18 4.06
N ALA B 587 3.93 19.67 3.95
CA ALA B 587 3.23 19.64 2.68
C ALA B 587 2.57 20.97 2.42
N ILE B 588 2.81 21.54 1.24
CA ILE B 588 2.29 22.85 0.88
C ILE B 588 1.39 22.70 -0.32
N ILE B 589 0.21 23.31 -0.25
CA ILE B 589 -0.79 23.28 -1.32
C ILE B 589 -0.98 24.70 -1.83
N LEU B 590 -0.64 24.92 -3.09
CA LEU B 590 -0.75 26.22 -3.73
C LEU B 590 -1.98 26.27 -4.63
N ALA B 591 -2.50 27.48 -4.82
CA ALA B 591 -3.62 27.68 -5.73
C ALA B 591 -3.64 29.13 -6.20
N ALA B 592 -4.22 29.34 -7.38
CA ALA B 592 -4.26 30.67 -7.97
C ALA B 592 -5.55 30.84 -8.77
N ALA B 593 -6.08 32.06 -8.72
CA ALA B 593 -7.27 32.38 -9.52
C ALA B 593 -6.96 32.23 -11.00
N PRO B 594 -7.98 32.00 -11.83
CA PRO B 594 -7.73 31.81 -13.27
C PRO B 594 -7.01 32.98 -13.92
N GLY B 595 -7.28 34.21 -13.48
CA GLY B 595 -6.66 35.37 -14.09
C GLY B 595 -5.21 35.58 -13.70
N GLU B 596 -4.76 34.92 -12.63
CA GLU B 596 -3.40 35.07 -12.16
C GLU B 596 -2.53 33.93 -12.71
N LYS B 597 -1.29 33.88 -12.25
CA LYS B 597 -0.32 32.88 -12.64
C LYS B 597 0.06 32.04 -11.42
N LEU B 598 -0.07 30.73 -11.55
CA LEU B 598 0.19 29.82 -10.44
C LEU B 598 1.66 29.86 -10.06
N PRO B 599 2.01 30.18 -8.81
CA PRO B 599 3.42 30.23 -8.42
C PRO B 599 4.05 28.85 -8.39
N LEU B 600 5.37 28.84 -8.45
CA LEU B 600 6.18 27.63 -8.34
C LEU B 600 6.85 27.56 -6.97
N PHE B 601 7.33 26.37 -6.63
CA PHE B 601 7.87 26.16 -5.28
C PHE B 601 9.28 26.73 -5.18
N PRO B 602 9.65 27.28 -4.02
CA PRO B 602 10.96 27.92 -3.90
C PRO B 602 12.10 26.91 -4.02
N GLU B 603 13.17 27.33 -4.68
CA GLU B 603 14.33 26.46 -4.83
C GLU B 603 15.25 26.58 -3.63
N PRO B 604 15.78 25.45 -3.15
CA PRO B 604 16.51 25.44 -1.87
C PRO B 604 17.69 26.40 -1.89
N LEU B 605 17.88 27.10 -0.76
CA LEU B 605 18.97 28.05 -0.60
C LEU B 605 20.13 27.51 0.21
N HIS B 606 19.89 26.55 1.10
CA HIS B 606 20.94 25.97 1.91
C HIS B 606 20.96 24.47 1.71
N VAL B 607 22.16 23.90 1.54
CA VAL B 607 22.27 22.45 1.53
C VAL B 607 21.83 21.92 2.90
N PHE B 608 21.43 20.65 2.91
CA PHE B 608 20.91 20.06 4.12
C PHE B 608 21.23 18.57 4.11
N ALA B 609 20.96 17.92 5.23
CA ALA B 609 21.13 16.48 5.32
C ALA B 609 20.24 15.79 4.28
N PRO B 610 20.82 15.00 3.37
CA PRO B 610 19.98 14.40 2.31
C PRO B 610 18.95 13.42 2.83
N ARG B 611 19.15 12.85 4.02
CA ARG B 611 18.21 11.88 4.56
C ARG B 611 16.88 12.50 4.92
N ALA B 612 16.83 13.81 5.15
CA ALA B 612 15.62 14.50 5.56
C ALA B 612 15.02 15.36 4.46
N CYS B 613 15.57 15.33 3.24
CA CYS B 613 15.10 16.13 2.12
C CYS B 613 14.49 15.27 1.02
N GLN B 614 13.86 14.16 1.39
CA GLN B 614 13.19 13.30 0.43
C GLN B 614 11.80 13.86 0.19
N LEU B 615 11.71 14.79 -0.76
CA LEU B 615 10.53 15.60 -0.99
C LEU B 615 9.52 14.93 -1.91
N SER B 616 9.84 13.77 -2.47
CA SER B 616 8.92 13.12 -3.40
C SER B 616 7.79 12.45 -2.66
N VAL B 617 6.62 12.45 -3.28
CA VAL B 617 5.42 11.80 -2.74
C VAL B 617 4.82 10.94 -3.84
N VAL B 618 4.19 9.84 -3.44
CA VAL B 618 3.59 8.91 -4.37
C VAL B 618 2.14 8.65 -3.95
N VAL B 619 1.21 8.79 -4.89
CA VAL B 619 -0.20 8.50 -4.67
C VAL B 619 -0.65 7.62 -5.82
N ASP B 620 -1.14 6.41 -5.49
CA ASP B 620 -1.51 5.40 -6.48
C ASP B 620 -0.32 5.07 -7.38
N ASP B 621 0.84 4.88 -6.75
CA ASP B 621 2.10 4.47 -7.38
C ASP B 621 2.49 5.37 -8.57
N LYS B 622 2.02 6.61 -8.60
CA LYS B 622 2.53 7.61 -9.53
C LYS B 622 3.33 8.61 -8.71
N LYS B 623 4.64 8.63 -8.91
CA LYS B 623 5.52 9.48 -8.11
C LYS B 623 5.44 10.91 -8.62
N PHE B 624 5.09 11.83 -7.73
CA PHE B 624 5.02 13.25 -8.04
C PHE B 624 6.08 14.01 -7.27
N VAL B 625 6.62 15.07 -7.88
CA VAL B 625 7.68 15.87 -7.30
C VAL B 625 7.38 17.34 -7.56
N SER B 626 7.98 18.19 -6.73
CA SER B 626 7.88 19.62 -6.94
C SER B 626 8.78 20.04 -8.11
N ASN B 627 8.60 21.29 -8.55
CA ASN B 627 9.40 21.83 -9.64
C ASN B 627 10.83 22.14 -9.22
N ILE B 628 11.21 21.83 -7.97
CA ILE B 628 12.56 22.08 -7.50
C ILE B 628 13.56 21.35 -8.37
N THR B 629 14.65 22.05 -8.73
CA THR B 629 15.72 21.46 -9.53
C THR B 629 17.03 21.27 -8.76
N ARG B 630 17.22 21.96 -7.64
CA ARG B 630 18.43 21.83 -6.83
C ARG B 630 18.26 20.63 -5.91
N LEU B 631 19.05 19.58 -6.16
CA LEU B 631 18.97 18.34 -5.39
C LEU B 631 20.25 18.06 -4.63
N SER B 632 21.39 17.97 -5.32
CA SER B 632 22.63 17.58 -4.66
C SER B 632 23.13 18.69 -3.73
N SER B 633 23.21 19.92 -4.24
CA SER B 633 23.84 21.01 -3.51
C SER B 633 23.01 22.28 -3.70
N GLY B 634 23.52 23.38 -3.18
CA GLY B 634 22.84 24.66 -3.23
C GLY B 634 23.79 25.82 -3.03
N PRO B 635 23.25 27.04 -3.02
CA PRO B 635 24.14 28.21 -2.95
C PRO B 635 24.80 28.41 -1.60
N PHE B 636 24.11 28.16 -0.50
CA PHE B 636 24.59 28.50 0.83
C PHE B 636 24.76 27.24 1.68
N ARG B 637 25.70 27.30 2.61
CA ARG B 637 25.93 26.18 3.50
C ARG B 637 24.74 25.97 4.44
N THR B 638 24.79 24.86 5.16
CA THR B 638 23.68 24.51 6.05
C THR B 638 23.77 25.30 7.35
N ILE B 639 22.62 25.77 7.81
CA ILE B 639 22.53 26.45 9.10
C ILE B 639 22.64 25.40 10.19
N THR B 640 23.53 25.62 11.15
CA THR B 640 23.83 24.64 12.18
C THR B 640 23.45 25.19 13.55
N VAL B 641 23.45 24.28 14.53
CA VAL B 641 23.05 24.65 15.88
C VAL B 641 23.93 25.77 16.43
N ARG B 642 25.24 25.69 16.19
CA ARG B 642 26.14 26.74 16.66
C ARG B 642 25.77 28.09 16.07
N ASP B 643 25.38 28.12 14.80
CA ASP B 643 24.91 29.36 14.19
C ASP B 643 23.63 29.88 14.82
N THR B 644 22.97 29.11 15.68
CA THR B 644 21.65 29.45 16.20
C THR B 644 21.61 29.82 17.68
N MET B 645 22.46 29.22 18.53
CA MET B 645 22.42 29.51 19.96
C MET B 645 23.81 29.75 20.55
N SER B 646 24.83 30.02 19.74
CA SER B 646 26.16 30.23 20.29
C SER B 646 26.26 31.54 21.08
N ASP B 647 25.35 32.49 20.84
CA ASP B 647 25.39 33.78 21.51
C ASP B 647 24.56 33.82 22.78
N LEU B 648 23.75 32.79 23.05
CA LEU B 648 22.84 33.01 24.15
C LEU B 648 23.47 32.59 25.47
N PRO B 649 23.22 33.35 26.54
CA PRO B 649 23.95 33.15 27.79
C PRO B 649 23.61 31.83 28.47
N GLU B 650 24.51 31.42 29.35
CA GLU B 650 24.34 30.17 30.09
C GLU B 650 23.27 30.34 31.16
N ILE B 651 22.27 29.45 31.14
CA ILE B 651 21.17 29.48 32.09
C ILE B 651 21.01 28.11 32.71
N GLN B 652 20.61 28.09 33.98
CA GLN B 652 20.34 26.83 34.66
C GLN B 652 18.94 26.33 34.30
N ASN B 653 18.66 25.10 34.70
CA ASN B 653 17.35 24.51 34.43
C ASN B 653 16.28 25.17 35.27
N GLY B 654 15.11 25.41 34.67
CA GLY B 654 14.02 26.05 35.37
C GLY B 654 14.09 27.56 35.41
N ALA B 655 14.70 28.18 34.40
CA ALA B 655 14.77 29.64 34.34
C ALA B 655 13.40 30.24 34.08
N SER B 656 13.07 31.30 34.82
CA SER B 656 11.88 32.09 34.59
C SER B 656 12.18 33.52 34.22
N ASN B 657 13.45 33.93 34.27
CA ASN B 657 13.85 35.30 33.92
C ASN B 657 13.52 35.59 32.47
N SER B 658 12.43 36.31 32.26
CA SER B 658 11.94 36.56 30.91
C SER B 658 12.72 37.65 30.18
N GLU B 659 13.46 38.50 30.91
CA GLU B 659 14.17 39.61 30.29
C GLU B 659 15.56 39.70 30.90
N ILE B 660 16.53 39.12 30.18
CA ILE B 660 17.92 39.08 30.60
C ILE B 660 18.75 39.75 29.52
N PRO B 661 19.92 40.26 29.86
CA PRO B 661 20.79 40.87 28.86
C PRO B 661 21.56 39.83 28.07
N TYR B 662 21.95 40.24 26.85
CA TYR B 662 22.87 39.44 26.06
C TYR B 662 24.26 39.46 26.68
N ASN B 663 24.92 38.31 26.69
CA ASN B 663 26.31 38.24 27.13
C ASN B 663 27.29 38.57 26.02
N GLY B 664 26.98 39.57 25.20
CA GLY B 664 27.85 39.96 24.11
C GLY B 664 27.11 40.31 22.83
N GLU B 665 27.79 40.15 21.70
CA GLU B 665 27.29 40.50 20.39
C GLU B 665 26.85 39.26 19.62
N PRO B 666 26.18 39.42 18.48
CA PRO B 666 25.87 38.25 17.65
C PRO B 666 27.12 37.54 17.19
N LEU B 667 27.07 36.21 17.17
CA LEU B 667 28.23 35.37 16.89
C LEU B 667 28.14 34.63 15.56
N SER B 668 27.23 35.01 14.66
CA SER B 668 27.10 34.33 13.38
C SER B 668 26.31 35.21 12.43
N TRP B 669 26.33 34.82 11.15
CA TRP B 669 25.46 35.47 10.16
C TRP B 669 24.00 35.25 10.52
N PHE B 670 23.66 34.05 11.00
CA PHE B 670 22.27 33.73 11.32
C PHE B 670 21.75 34.60 12.45
N GLN B 671 22.55 34.76 13.51
CA GLN B 671 22.14 35.60 14.63
C GLN B 671 22.08 37.07 14.24
N ARG B 672 23.02 37.53 13.42
CA ARG B 672 23.02 38.92 12.98
C ARG B 672 21.79 39.26 12.15
N GLN B 673 21.13 38.27 11.55
CA GLN B 673 19.91 38.54 10.80
C GLN B 673 18.71 38.69 11.72
N LEU B 674 18.66 37.91 12.80
CA LEU B 674 17.54 37.93 13.73
C LEU B 674 17.71 38.92 14.87
N ARG B 675 18.91 39.46 15.07
CA ARG B 675 19.15 40.45 16.10
C ARG B 675 19.25 41.87 15.55
N GLY B 676 19.27 42.05 14.24
CA GLY B 676 19.28 43.37 13.63
C GLY B 676 20.57 44.15 13.85
N SER B 677 20.74 45.22 13.08
CA SER B 677 21.91 46.08 13.23
C SER B 677 21.75 47.10 14.35
N HIS B 678 20.54 47.29 14.86
CA HIS B 678 20.29 48.29 15.89
C HIS B 678 20.64 47.73 17.27
N TYR B 679 21.13 48.61 18.13
CA TYR B 679 21.53 48.23 19.48
C TYR B 679 20.34 47.72 20.28
N GLN B 680 20.34 46.43 20.60
CA GLN B 680 19.29 45.81 21.41
C GLN B 680 19.95 44.95 22.47
N PRO B 681 19.85 45.31 23.75
CA PRO B 681 20.61 44.60 24.78
C PRO B 681 19.82 43.52 25.53
N ILE B 682 18.50 43.51 25.36
CA ILE B 682 17.61 42.67 26.17
C ILE B 682 17.17 41.47 25.34
N LEU B 683 17.33 40.27 25.91
CA LEU B 683 16.95 39.02 25.26
C LEU B 683 15.66 38.50 25.87
N ARG B 684 14.67 38.20 25.02
CA ARG B 684 13.36 37.74 25.48
C ARG B 684 13.27 36.22 25.45
N ASP B 685 12.42 35.70 26.33
CA ASP B 685 11.91 34.33 26.24
C ASP B 685 13.03 33.29 26.17
N HIS B 686 14.11 33.56 26.90
CA HIS B 686 15.20 32.59 27.01
C HIS B 686 15.08 31.82 28.33
N ILE B 687 13.95 31.14 28.46
CA ILE B 687 13.60 30.40 29.68
C ILE B 687 13.36 28.94 29.32
N CYS B 688 13.69 28.06 30.26
CA CYS B 688 13.55 26.62 30.06
C CYS B 688 12.63 26.04 31.13
N LYS B 689 12.14 24.84 30.87
CA LYS B 689 11.14 24.22 31.74
C LYS B 689 11.79 23.74 33.04
N ASP B 690 11.13 24.02 34.16
CA ASP B 690 11.57 23.54 35.46
C ASP B 690 11.34 22.03 35.54
N MET B 691 12.42 21.26 35.49
CA MET B 691 12.32 19.82 35.45
C MET B 691 12.40 19.21 36.85
N SER B 692 11.85 18.01 36.98
CA SER B 692 11.86 17.29 38.24
C SER B 692 13.30 17.00 38.67
N PRO B 693 13.57 16.92 39.97
CA PRO B 693 14.93 16.59 40.42
C PRO B 693 15.46 15.29 39.85
N LEU B 694 14.59 14.30 39.64
CA LEU B 694 15.03 13.07 38.98
C LEU B 694 15.38 13.33 37.52
N VAL B 695 14.51 14.05 36.80
CA VAL B 695 14.82 14.45 35.44
C VAL B 695 16.06 15.35 35.43
N ALA B 696 16.18 16.23 36.43
CA ALA B 696 17.35 17.09 36.52
C ALA B 696 18.63 16.27 36.64
N ALA B 697 18.59 15.18 37.40
CA ALA B 697 19.76 14.32 37.55
C ALA B 697 20.06 13.56 36.26
N ARG B 698 19.02 13.22 35.48
CA ARG B 698 19.24 12.51 34.23
C ARG B 698 19.99 13.38 33.23
N MET B 699 19.58 14.64 33.08
CA MET B 699 20.21 15.51 32.09
C MET B 699 21.68 15.75 32.39
N ARG B 700 22.02 15.91 33.67
CA ARG B 700 23.41 16.13 34.04
C ARG B 700 24.28 14.94 33.68
N HIS B 701 23.73 13.73 33.70
CA HIS B 701 24.48 12.51 33.42
C HIS B 701 24.44 12.11 31.96
N ILE B 702 23.97 12.99 31.08
CA ILE B 702 23.98 12.73 29.63
C ILE B 702 25.30 13.27 29.08
N PRO B 703 26.14 12.42 28.49
CA PRO B 703 27.40 12.92 27.92
C PRO B 703 27.16 13.96 26.84
N LEU B 704 28.11 14.89 26.71
CA LEU B 704 27.99 16.01 25.80
C LEU B 704 28.43 15.67 24.38
N PHE B 705 29.07 14.53 24.18
CA PHE B 705 29.60 14.18 22.87
C PHE B 705 28.46 13.82 21.91
N PRO B 706 28.63 14.11 20.61
CA PRO B 706 27.52 14.02 19.67
C PRO B 706 26.83 12.66 19.67
N GLY B 707 25.50 12.70 19.57
CA GLY B 707 24.69 11.51 19.47
C GLY B 707 24.31 10.86 20.78
N SER B 708 24.65 11.47 21.91
CA SER B 708 24.34 10.88 23.20
C SER B 708 22.87 11.02 23.52
N ASP B 709 22.32 10.05 24.24
CA ASP B 709 20.95 10.09 24.71
C ASP B 709 20.84 9.20 25.94
N TRP B 710 19.62 8.72 26.22
CA TRP B 710 19.37 7.97 27.45
C TRP B 710 20.20 6.70 27.52
N ARG B 711 20.54 6.11 26.39
CA ARG B 711 21.27 4.84 26.35
C ARG B 711 22.67 4.95 26.95
N ASP B 712 23.14 6.16 27.25
CA ASP B 712 24.45 6.37 27.86
C ASP B 712 24.36 6.65 29.36
N LEU B 713 23.18 6.66 29.94
CA LEU B 713 23.02 6.95 31.35
C LEU B 713 23.61 5.82 32.20
N PRO B 714 24.30 6.13 33.29
CA PRO B 714 24.78 5.08 34.19
C PRO B 714 23.68 4.58 35.10
N ASN B 715 23.85 3.33 35.56
CA ASN B 715 22.88 2.67 36.42
C ASN B 715 23.43 2.70 37.85
N ILE B 716 23.21 3.83 38.52
CA ILE B 716 23.75 4.07 39.85
C ILE B 716 22.70 4.80 40.68
N GLN B 717 23.07 5.14 41.91
CA GLN B 717 22.22 5.91 42.80
C GLN B 717 22.70 7.35 42.88
N VAL B 718 21.74 8.27 43.02
CA VAL B 718 22.04 9.69 43.17
C VAL B 718 21.28 10.21 44.37
N ARG B 719 21.94 11.04 45.18
CA ARG B 719 21.29 11.73 46.29
C ARG B 719 20.75 13.06 45.78
N LEU B 720 19.46 13.30 46.01
CA LEU B 720 18.79 14.48 45.49
C LEU B 720 18.44 15.44 46.63
N GLY B 721 17.45 16.28 46.42
CA GLY B 721 17.08 17.25 47.43
C GLY B 721 16.59 16.58 48.70
N ASP B 722 16.97 17.17 49.83
CA ASP B 722 16.66 16.64 51.17
C ASP B 722 17.26 15.24 51.25
N GLY B 723 16.47 14.19 51.49
CA GLY B 723 16.99 12.85 51.54
C GLY B 723 16.46 11.98 50.41
N VAL B 724 16.06 12.61 49.31
CA VAL B 724 15.53 11.88 48.17
C VAL B 724 16.65 11.12 47.47
N ILE B 725 16.39 9.86 47.14
CA ILE B 725 17.38 8.98 46.54
C ILE B 725 16.84 8.45 45.22
N ALA B 726 17.69 8.48 44.19
CA ALA B 726 17.37 7.88 42.90
C ALA B 726 17.83 6.42 42.91
N HIS B 727 16.88 5.50 42.81
CA HIS B 727 17.19 4.09 42.97
C HIS B 727 17.77 3.50 41.68
N LYS B 728 18.52 2.42 41.84
CA LYS B 728 19.09 1.73 40.69
C LYS B 728 18.00 0.97 39.93
N LEU B 729 18.33 0.60 38.69
CA LEU B 729 17.46 -0.21 37.87
C LEU B 729 17.87 -1.67 38.00
N GLN B 730 16.89 -2.54 38.22
CA GLN B 730 17.13 -3.96 38.43
C GLN B 730 16.74 -4.74 37.19
N TYR B 731 17.63 -5.61 36.73
CA TYR B 731 17.41 -6.45 35.55
C TYR B 731 17.15 -7.87 36.04
N THR B 732 15.87 -8.20 36.23
CA THR B 732 15.46 -9.48 36.80
C THR B 732 14.70 -10.35 35.80
N PHE B 733 14.84 -10.08 34.51
CA PHE B 733 14.14 -10.84 33.48
C PHE B 733 15.09 -11.07 32.30
N HIS B 734 14.90 -12.20 31.63
CA HIS B 734 15.62 -12.44 30.39
C HIS B 734 15.00 -11.62 29.27
N ASP B 735 15.84 -11.17 28.35
CA ASP B 735 15.39 -10.54 27.11
C ASP B 735 15.76 -11.50 25.98
N VAL B 736 14.77 -12.28 25.53
CA VAL B 736 15.03 -13.36 24.59
C VAL B 736 15.54 -12.85 23.25
N LYS B 737 15.29 -11.59 22.93
CA LYS B 737 15.75 -11.02 21.67
C LYS B 737 17.10 -10.33 21.79
N ASN B 738 17.44 -9.80 22.97
CA ASN B 738 18.68 -9.08 23.18
C ASN B 738 19.75 -9.91 23.90
N GLY B 739 19.38 -11.05 24.46
CA GLY B 739 20.35 -11.95 25.07
C GLY B 739 21.01 -11.37 26.31
N TYR B 740 22.07 -12.07 26.73
CA TYR B 740 22.81 -11.67 27.92
C TYR B 740 23.83 -10.58 27.57
N SER B 741 24.40 -9.99 28.61
CA SER B 741 25.38 -8.93 28.45
C SER B 741 26.78 -9.52 28.39
N SER B 742 27.80 -8.65 28.38
CA SER B 742 29.17 -9.14 28.44
C SER B 742 29.50 -9.65 29.84
N THR B 743 28.88 -9.07 30.87
CA THR B 743 29.08 -9.49 32.25
C THR B 743 28.20 -10.64 32.66
N GLY B 744 27.40 -11.19 31.74
CA GLY B 744 26.48 -12.24 32.06
C GLY B 744 25.17 -11.78 32.67
N ALA B 745 24.99 -10.47 32.87
CA ALA B 745 23.75 -9.96 33.44
C ALA B 745 22.63 -10.02 32.41
N LEU B 746 21.40 -9.88 32.89
CA LEU B 746 20.23 -9.91 32.05
C LEU B 746 19.92 -8.52 31.51
N ARG B 747 19.09 -8.48 30.47
CA ARG B 747 18.75 -7.23 29.78
C ARG B 747 17.24 -7.04 29.71
N GLY B 748 16.50 -7.60 30.66
CA GLY B 748 15.06 -7.44 30.71
C GLY B 748 14.63 -6.89 32.06
N VAL B 749 13.57 -6.09 32.05
CA VAL B 749 13.02 -5.50 33.26
C VAL B 749 11.56 -5.89 33.49
N CYS B 750 10.96 -6.65 32.58
CA CYS B 750 9.58 -7.09 32.76
C CYS B 750 9.43 -8.46 32.12
N SER B 751 8.32 -9.13 32.44
CA SER B 751 8.06 -10.46 31.93
C SER B 751 7.84 -10.49 30.42
N CYS B 752 7.52 -9.34 29.81
CA CYS B 752 7.33 -9.32 28.36
C CYS B 752 8.63 -9.60 27.61
N ALA B 753 9.76 -9.24 28.21
CA ALA B 753 11.05 -9.48 27.56
C ALA B 753 11.33 -10.96 27.38
N GLU B 754 10.61 -11.84 28.08
CA GLU B 754 10.70 -13.28 27.89
C GLU B 754 9.55 -13.82 27.05
N GLY B 755 8.75 -12.95 26.42
CA GLY B 755 7.62 -13.37 25.62
C GLY B 755 6.33 -13.56 26.40
N LYS B 756 6.31 -13.29 27.70
CA LYS B 756 5.12 -13.44 28.50
C LYS B 756 4.21 -12.22 28.35
N ALA B 757 3.06 -12.28 29.02
CA ALA B 757 2.23 -11.10 29.18
C ALA B 757 2.86 -10.16 30.20
N CYS B 758 2.73 -8.86 29.96
CA CYS B 758 3.36 -7.87 30.83
C CYS B 758 2.86 -8.01 32.26
N ASP B 759 3.78 -8.21 33.19
CA ASP B 759 3.43 -8.36 34.59
C ASP B 759 3.46 -7.01 35.28
N PRO B 760 2.32 -6.51 35.78
CA PRO B 760 2.37 -5.35 36.69
C PRO B 760 3.12 -5.72 37.97
N GLU B 761 3.31 -4.75 38.87
CA GLU B 761 4.08 -4.96 40.10
C GLU B 761 5.55 -5.21 39.77
N SER B 762 5.88 -5.28 38.48
CA SER B 762 7.25 -5.31 38.01
C SER B 762 7.80 -3.93 37.68
N ARG B 763 6.93 -2.92 37.65
CA ARG B 763 7.34 -1.58 37.27
C ARG B 763 8.18 -0.95 38.37
N GLN B 764 9.30 -0.34 37.99
CA GLN B 764 10.20 0.32 38.92
C GLN B 764 10.04 1.83 38.79
N PHE B 765 10.07 2.52 39.93
CA PHE B 765 9.81 3.95 39.99
C PHE B 765 11.05 4.71 40.45
N SER B 766 11.14 5.97 40.01
CA SER B 766 12.15 6.91 40.49
C SER B 766 13.56 6.38 40.29
N THR B 767 13.80 5.70 39.18
CA THR B 767 15.11 5.19 38.84
C THR B 767 15.76 6.05 37.76
N LEU B 768 17.09 6.15 37.81
CA LEU B 768 17.80 7.08 36.93
C LEU B 768 17.65 6.69 35.47
N ILE B 769 17.88 5.43 35.14
CA ILE B 769 17.59 4.92 33.81
C ILE B 769 16.08 4.68 33.73
N PRO B 770 15.33 5.50 32.99
CA PRO B 770 13.86 5.37 32.99
C PRO B 770 13.39 3.96 32.71
N TRP B 771 12.60 3.41 33.63
CA TRP B 771 12.16 2.02 33.52
C TRP B 771 11.41 1.76 32.22
N CYS B 772 10.66 2.75 31.74
CA CYS B 772 9.82 2.54 30.55
C CYS B 772 10.61 2.46 29.26
N LEU B 773 11.90 2.80 29.28
CA LEU B 773 12.64 2.88 28.02
C LEU B 773 13.17 1.52 27.58
N PRO B 774 13.86 0.74 28.43
CA PRO B 774 14.17 -0.64 28.05
C PRO B 774 12.96 -1.56 28.05
N HIS B 775 11.84 -1.12 28.62
CA HIS B 775 10.65 -1.96 28.69
C HIS B 775 10.07 -2.20 27.31
N THR B 776 9.90 -1.14 26.51
CA THR B 776 9.33 -1.23 25.17
C THR B 776 10.31 -0.77 24.11
N GLY B 777 11.61 -0.94 24.38
CA GLY B 777 12.62 -0.36 23.50
C GLY B 777 12.73 -1.09 22.17
N ASN B 778 12.73 -2.42 22.20
CA ASN B 778 13.04 -3.19 21.01
C ASN B 778 12.07 -2.94 19.87
N ARG B 779 10.80 -2.72 20.17
CA ARG B 779 9.82 -2.38 19.14
C ARG B 779 9.61 -0.88 19.01
N HIS B 780 10.57 -0.08 19.47
CA HIS B 780 10.50 1.37 19.32
C HIS B 780 11.86 1.95 18.98
N ASN B 781 12.66 1.20 18.20
CA ASN B 781 13.98 1.64 17.74
C ASN B 781 14.89 2.00 18.92
N HIS B 782 14.72 1.30 20.04
CA HIS B 782 15.47 1.52 21.27
C HIS B 782 15.29 2.95 21.82
N TRP B 783 14.23 3.62 21.41
CA TRP B 783 13.93 4.99 21.84
C TRP B 783 15.12 5.91 21.58
N ALA B 784 15.55 5.95 20.33
CA ALA B 784 16.68 6.77 19.94
C ALA B 784 16.31 8.25 20.02
N GLY B 785 17.13 9.03 20.72
CA GLY B 785 16.96 10.46 20.84
C GLY B 785 16.44 10.92 22.19
N LEU B 786 15.82 10.02 22.96
CA LEU B 786 15.23 10.43 24.23
C LEU B 786 16.33 10.81 25.23
N TYR B 787 16.14 11.95 25.89
CA TYR B 787 17.16 12.57 26.73
C TYR B 787 18.43 12.84 25.94
N GLY B 788 18.28 13.07 24.63
CA GLY B 788 19.41 13.27 23.76
C GLY B 788 19.81 14.74 23.66
N ARG B 789 21.08 14.95 23.37
CA ARG B 789 21.63 16.29 23.21
C ARG B 789 21.78 16.62 21.73
N LEU B 790 21.49 17.86 21.38
CA LEU B 790 21.82 18.36 20.06
C LEU B 790 23.32 18.56 19.94
N GLU B 791 23.79 18.60 18.69
CA GLU B 791 25.20 18.83 18.40
C GLU B 791 25.40 20.25 17.90
N TRP B 792 26.48 20.89 18.34
CA TRP B 792 26.79 22.22 17.84
C TRP B 792 26.92 22.21 16.32
N ASP B 793 27.66 21.24 15.79
CA ASP B 793 27.78 21.06 14.33
C ASP B 793 26.53 20.46 13.71
N GLY B 794 25.48 20.20 14.49
CA GLY B 794 24.30 19.56 13.97
C GLY B 794 23.10 20.49 13.83
N PHE B 795 21.90 19.91 13.89
CA PHE B 795 20.67 20.67 13.74
C PHE B 795 19.59 20.06 14.60
N PHE B 796 18.52 20.81 14.80
CA PHE B 796 17.39 20.35 15.58
C PHE B 796 16.62 19.27 14.83
N SER B 797 15.92 18.43 15.59
CA SER B 797 14.84 17.63 15.03
C SER B 797 13.65 18.57 14.83
N THR B 798 12.48 18.00 14.56
CA THR B 798 11.28 18.82 14.45
C THR B 798 10.91 19.35 15.83
N THR B 799 11.19 20.63 16.06
CA THR B 799 10.83 21.25 17.34
C THR B 799 9.32 21.26 17.51
N VAL B 800 8.83 20.59 18.54
CA VAL B 800 7.40 20.42 18.74
C VAL B 800 6.88 21.43 19.76
N THR B 801 5.68 21.16 20.28
CA THR B 801 4.96 22.10 21.12
C THR B 801 5.30 21.98 22.60
N ASN B 802 5.98 20.93 23.01
CA ASN B 802 6.31 20.71 24.43
C ASN B 802 7.57 19.87 24.50
N PRO B 803 8.73 20.50 24.71
CA PRO B 803 9.98 19.73 24.75
C PRO B 803 10.15 18.94 26.05
N GLU B 804 9.93 17.64 25.97
CA GLU B 804 10.14 16.74 27.11
C GLU B 804 11.04 15.61 26.67
N PRO B 805 12.16 15.36 27.34
CA PRO B 805 13.14 14.41 26.82
C PRO B 805 12.66 12.96 26.78
N MET B 806 11.59 12.62 27.50
CA MET B 806 11.04 11.27 27.44
C MET B 806 9.84 11.18 26.51
N GLY B 807 9.69 12.15 25.59
CA GLY B 807 8.70 12.06 24.54
C GLY B 807 9.25 11.34 23.32
N LYS B 808 8.42 11.28 22.27
CA LYS B 808 8.83 10.56 21.07
C LYS B 808 10.03 11.22 20.41
N GLN B 809 10.02 12.55 20.30
CA GLN B 809 11.19 13.32 19.85
C GLN B 809 11.72 14.05 21.08
N GLY B 810 12.67 13.42 21.77
CA GLY B 810 13.13 13.92 23.04
C GLY B 810 14.60 14.29 23.08
N ARG B 811 15.17 14.62 21.92
CA ARG B 811 16.52 15.20 21.87
C ARG B 811 16.38 16.72 21.92
N VAL B 812 16.00 17.19 23.12
CA VAL B 812 15.74 18.59 23.39
C VAL B 812 16.70 19.13 24.46
N LEU B 813 17.80 18.43 24.69
CA LEU B 813 18.79 18.84 25.66
C LEU B 813 19.83 19.73 25.00
N HIS B 814 20.34 20.69 25.77
CA HIS B 814 21.35 21.60 25.26
C HIS B 814 22.62 20.82 24.90
N PRO B 815 23.36 21.25 23.88
CA PRO B 815 24.63 20.59 23.56
C PRO B 815 25.63 20.59 24.70
N GLU B 816 25.50 21.50 25.67
CA GLU B 816 26.48 21.58 26.74
C GLU B 816 25.82 21.74 28.11
N GLN B 817 24.76 22.54 28.19
CA GLN B 817 24.12 22.79 29.47
C GLN B 817 23.16 21.66 29.83
N HIS B 818 23.01 21.43 31.14
CA HIS B 818 22.17 20.34 31.64
C HIS B 818 20.73 20.85 31.79
N ARG B 819 20.09 21.05 30.63
CA ARG B 819 18.76 21.65 30.59
C ARG B 819 18.13 21.39 29.23
N VAL B 820 16.82 21.54 29.19
CA VAL B 820 16.08 21.50 27.93
C VAL B 820 16.20 22.85 27.24
N VAL B 821 16.12 22.84 25.90
CA VAL B 821 16.20 24.08 25.12
C VAL B 821 15.17 25.09 25.63
N SER B 822 15.50 26.37 25.46
CA SER B 822 14.66 27.46 25.93
C SER B 822 13.63 27.83 24.86
N VAL B 823 12.69 28.69 25.25
CA VAL B 823 11.66 29.15 24.33
C VAL B 823 12.30 29.89 23.16
N ARG B 824 13.28 30.76 23.45
CA ARG B 824 13.95 31.50 22.38
C ARG B 824 14.73 30.55 21.46
N GLU B 825 15.41 29.56 22.04
CA GLU B 825 16.15 28.61 21.22
C GLU B 825 15.24 27.83 20.30
N CYS B 826 14.01 27.51 20.75
CA CYS B 826 13.03 26.92 19.86
C CYS B 826 12.55 27.93 18.82
N ALA B 827 12.48 29.21 19.18
CA ALA B 827 12.15 30.24 18.20
C ALA B 827 13.30 30.49 17.25
N ARG B 828 14.54 30.31 17.71
CA ARG B 828 15.69 30.42 16.82
C ARG B 828 15.69 29.29 15.79
N SER B 829 15.38 28.07 16.22
CA SER B 829 15.31 26.94 15.31
C SER B 829 14.13 27.06 14.34
N GLN B 830 13.14 27.89 14.67
CA GLN B 830 12.02 28.16 13.78
C GLN B 830 12.26 29.36 12.87
N GLY B 831 13.38 30.05 13.02
CA GLY B 831 13.66 31.20 12.19
C GLY B 831 12.92 32.46 12.58
N PHE B 832 12.45 32.56 13.82
CA PHE B 832 11.82 33.79 14.28
C PHE B 832 12.88 34.84 14.60
N PRO B 833 12.62 36.11 14.30
CA PRO B 833 13.48 37.17 14.83
C PRO B 833 13.40 37.20 16.33
N ASP B 834 14.49 37.64 16.97
CA ASP B 834 14.41 37.93 18.40
C ASP B 834 13.48 39.09 18.69
N SER B 835 13.09 39.85 17.66
CA SER B 835 12.11 40.92 17.82
C SER B 835 10.71 40.40 18.06
N TYR B 836 10.46 39.12 17.80
CA TYR B 836 9.10 38.58 17.82
C TYR B 836 8.63 38.35 19.24
N ARG B 837 7.40 38.76 19.53
CA ARG B 837 6.81 38.62 20.85
C ARG B 837 5.90 37.40 20.90
N PHE B 838 5.85 36.76 22.06
CA PHE B 838 4.91 35.68 22.34
C PHE B 838 4.06 36.08 23.55
N PHE B 839 3.18 35.17 23.98
CA PHE B 839 2.33 35.47 25.12
C PHE B 839 1.95 34.19 25.84
N GLY B 840 1.63 34.33 27.12
CA GLY B 840 1.23 33.22 27.95
C GLY B 840 2.32 32.73 28.88
N ASN B 841 2.10 31.55 29.44
CA ASN B 841 3.10 30.90 30.26
C ASN B 841 4.18 30.29 29.37
N ILE B 842 5.11 29.56 29.99
CA ILE B 842 6.20 28.98 29.22
C ILE B 842 5.70 27.88 28.31
N LEU B 843 4.68 27.12 28.74
CA LEU B 843 4.12 26.09 27.89
C LEU B 843 3.35 26.70 26.72
N ASP B 844 2.54 27.73 26.99
CA ASP B 844 1.83 28.41 25.91
C ASP B 844 2.78 29.02 24.90
N ARG B 845 3.93 29.51 25.37
CA ARG B 845 4.93 30.05 24.44
C ARG B 845 5.56 28.94 23.61
N HIS B 846 5.90 27.82 24.25
CA HIS B 846 6.50 26.70 23.53
C HIS B 846 5.58 26.21 22.42
N ARG B 847 4.28 26.11 22.70
CA ARG B 847 3.33 25.67 21.68
C ARG B 847 3.25 26.66 20.53
N GLN B 848 3.33 27.96 20.83
CA GLN B 848 3.23 28.97 19.78
C GLN B 848 4.36 28.82 18.76
N VAL B 849 5.58 28.57 19.24
CA VAL B 849 6.69 28.41 18.32
C VAL B 849 6.66 27.03 17.66
N GLY B 850 6.03 26.05 18.29
CA GLY B 850 6.00 24.70 17.73
C GLY B 850 5.10 24.60 16.52
N ASN B 851 3.86 25.07 16.65
CA ASN B 851 2.89 24.97 15.57
C ASN B 851 3.11 26.00 14.47
N ALA B 852 3.97 26.98 14.69
CA ALA B 852 4.25 27.98 13.67
C ALA B 852 5.05 27.39 12.53
N VAL B 853 4.79 27.87 11.32
CA VAL B 853 5.60 27.49 10.16
C VAL B 853 6.73 28.51 10.07
N PRO B 854 7.97 28.06 9.86
CA PRO B 854 9.13 28.97 9.90
C PRO B 854 8.96 30.14 8.95
N PRO B 855 9.13 31.36 9.45
CA PRO B 855 9.08 32.55 8.58
C PRO B 855 10.06 32.45 7.42
N PRO B 856 11.26 31.85 7.59
CA PRO B 856 12.12 31.63 6.41
C PRO B 856 11.44 30.85 5.29
N LEU B 857 10.75 29.75 5.62
CA LEU B 857 10.05 28.99 4.58
C LEU B 857 8.88 29.79 4.01
N ALA B 858 8.14 30.48 4.88
CA ALA B 858 7.05 31.33 4.40
C ALA B 858 7.57 32.46 3.53
N LYS B 859 8.74 33.02 3.90
CA LYS B 859 9.37 34.02 3.04
C LYS B 859 9.76 33.43 1.69
N ALA B 860 10.24 32.18 1.70
CA ALA B 860 10.62 31.54 0.45
C ALA B 860 9.42 31.37 -0.47
N ILE B 861 8.29 30.92 0.07
CA ILE B 861 7.08 30.79 -0.74
C ILE B 861 6.57 32.16 -1.17
N GLY B 862 6.57 33.12 -0.24
CA GLY B 862 6.01 34.43 -0.55
C GLY B 862 6.72 35.14 -1.68
N LEU B 863 8.04 34.99 -1.76
CA LEU B 863 8.79 35.58 -2.85
C LEU B 863 8.39 34.98 -4.20
N GLU B 864 8.06 33.69 -4.23
CA GLU B 864 7.59 33.08 -5.47
C GLU B 864 6.22 33.62 -5.86
N ILE B 865 5.37 33.90 -4.87
CA ILE B 865 4.09 34.55 -5.17
C ILE B 865 4.31 35.97 -5.66
N LYS B 866 5.38 36.62 -5.19
CA LYS B 866 5.68 37.98 -5.66
C LYS B 866 5.96 37.99 -7.15
N LEU B 867 6.73 37.01 -7.64
CA LEU B 867 7.13 36.97 -9.04
C LEU B 867 5.95 36.77 -10.00
N CYS B 868 4.78 36.38 -9.48
CA CYS B 868 3.59 36.27 -10.31
C CYS B 868 2.82 37.59 -10.39
N LEU B 869 2.92 38.43 -9.36
CA LEU B 869 2.27 39.73 -9.39
C LEU B 869 2.92 40.67 -10.39
N LEU B 870 4.16 40.42 -10.77
CA LEU B 870 4.82 41.15 -11.85
C LEU B 870 4.69 40.34 -13.13
N SER B 871 4.40 41.05 -14.23
CA SER B 871 4.13 40.42 -15.53
C SER B 871 3.00 39.40 -15.43
N1 5CM C 6 19.08 -17.15 0.87
C2 5CM C 6 18.17 -17.81 -0.06
N3 5CM C 6 17.79 -19.17 0.15
C4 5CM C 6 18.29 -19.91 1.23
C5 5CM C 6 19.18 -19.25 2.14
C5A 5CM C 6 19.71 -20.02 3.30
C6 5CM C 6 19.59 -17.86 1.96
O2 5CM C 6 17.72 -17.23 -1.00
N4 5CM C 6 17.90 -21.23 1.41
C1' 5CM C 6 19.38 -15.90 0.66
C2' 5CM C 6 19.40 -15.08 1.95
C3' 5CM C 6 20.34 -14.20 1.78
C4' 5CM C 6 21.46 -14.90 0.85
O4' 5CM C 6 20.82 -15.73 0.08
O3' 5CM C 6 19.81 -13.04 1.11
C5' 5CM C 6 22.36 -15.68 1.75
O5' 5CM C 6 23.58 -15.04 1.97
P 5CM C 6 24.71 -16.02 2.49
OP1 5CM C 6 26.03 -15.33 2.61
OP2 5CM C 6 24.31 -16.70 3.77
N1 5CM D 6 4.59 5.07 24.80
C2 5CM D 6 3.98 6.25 24.25
N3 5CM D 6 4.66 7.52 24.29
C4 5CM D 6 5.92 7.63 24.87
C5 5CM D 6 6.53 6.44 25.41
C5A 5CM D 6 7.88 6.56 26.01
C6 5CM D 6 5.86 5.15 25.37
O2 5CM D 6 2.88 6.23 23.74
N4 5CM D 6 6.55 8.87 24.89
C1' 5CM D 6 3.95 3.94 24.72
C2' 5CM D 6 4.73 2.89 23.93
C3' 5CM D 6 4.23 1.75 24.33
C4' 5CM D 6 3.52 2.01 25.76
O4' 5CM D 6 3.81 3.21 26.10
O3' 5CM D 6 3.23 1.35 23.39
C5' 5CM D 6 4.06 1.03 26.79
O5' 5CM D 6 3.93 1.64 28.03
P 5CM D 6 4.97 1.31 29.17
OP1 5CM D 6 4.73 -0.08 29.68
OP2 5CM D 6 6.39 1.50 28.73
P C49 E 6 3.80 -20.83 -3.06
O1P C49 E 6 2.33 -20.71 -2.70
O2P C49 E 6 4.25 -19.72 -3.97
O5' C49 E 6 4.13 -22.24 -3.72
C5' C49 E 6 5.12 -22.30 -4.72
C4' C49 E 6 4.95 -23.61 -5.46
O4' C49 E 6 3.45 -23.69 -6.08
C3' C49 E 6 5.74 -23.73 -6.48
O3' C49 E 6 7.02 -24.31 -5.97
C2' C49 E 6 4.99 -24.78 -7.36
C1' C49 E 6 3.51 -24.67 -6.93
N1 C49 E 6 2.62 -24.40 -8.04
C2 C49 E 6 1.16 -24.64 -7.88
O2 C49 E 6 0.74 -25.06 -6.82
N3 C49 E 6 0.21 -24.38 -9.00
C4 C49 E 6 0.71 -23.89 -10.24
N4 C49 E 6 -0.12 -23.65 -11.22
C5 C49 E 6 2.20 -23.63 -10.42
C6 C49 E 6 3.13 -23.92 -9.26
CM5 C49 E 6 2.76 -24.38 -11.78
F C49 E 6 2.34 -22.37 -10.82
P C49 F 6 5.43 16.23 12.78
O1P C49 F 6 4.14 15.47 12.61
O2P C49 F 6 6.09 16.54 11.46
O5' C49 F 6 5.21 17.55 13.63
C5' C49 F 6 4.27 17.55 14.68
C4' C49 F 6 4.13 18.98 15.14
O4' C49 F 6 3.79 19.90 13.86
C3' C49 F 6 3.14 19.18 15.95
O3' C49 F 6 3.62 18.87 17.32
C2' C49 F 6 2.88 20.70 15.77
C1' C49 F 6 3.45 21.05 14.38
N1 C49 F 6 2.50 21.75 13.53
C2 C49 F 6 3.02 22.52 12.35
O2 C49 F 6 4.21 22.52 12.13
N3 C49 F 6 2.10 23.28 11.45
C4 C49 F 6 0.70 23.28 11.71
N4 C49 F 6 -0.10 23.94 10.92
C5 C49 F 6 0.16 22.51 12.90
C6 C49 F 6 1.11 21.75 13.80
CM5 C49 F 6 -0.81 23.46 13.81
F C49 F 6 -0.77 21.67 12.42
N SAH G . -2.09 -27.18 -12.51
CA SAH G . -1.74 -28.43 -13.17
CB SAH G . -0.32 -28.34 -13.71
CG SAH G . 0.35 -26.98 -13.52
SD SAH G . 2.16 -27.08 -13.68
C SAH G . -1.88 -29.64 -12.26
O SAH G . -1.17 -30.64 -12.41
OXT SAH G . -2.67 -29.65 -11.31
C5' SAH G . 2.17 -25.98 -15.10
C4' SAH G . 3.07 -26.59 -16.16
O4' SAH G . 3.06 -25.85 -17.36
C3' SAH G . 4.52 -26.64 -15.68
O3' SAH G . 4.86 -27.96 -15.31
C2' SAH G . 5.33 -26.19 -16.86
O2' SAH G . 6.31 -27.15 -17.19
C1' SAH G . 4.32 -26.06 -17.99
N9 SAH G . 4.64 -24.95 -18.90
C8 SAH G . 5.51 -23.92 -18.68
N7 SAH G . 5.52 -23.13 -19.77
C5 SAH G . 4.67 -23.64 -20.69
C6 SAH G . 4.30 -23.24 -21.97
N6 SAH G . 4.82 -22.13 -22.50
N1 SAH G . 3.39 -23.99 -22.68
C2 SAH G . 2.85 -25.12 -22.13
N3 SAH G . 3.22 -25.52 -20.87
C4 SAH G . 4.12 -24.79 -20.16
ZN ZN H . 28.29 -12.10 7.61
ZN ZN I . -35.25 -0.82 -4.85
N SAH J . 0.67 28.27 10.60
CA SAH J . 0.52 29.31 11.61
CB SAH J . -0.23 28.79 12.82
CG SAH J . -0.53 27.29 12.83
SD SAH J . -1.02 26.78 14.50
C SAH J . 1.86 29.87 12.07
O SAH J . 2.88 29.78 11.39
OXT SAH J . 1.96 30.46 13.15
C5' SAH J . -2.73 26.47 14.00
C4' SAH J . -3.66 27.00 15.08
O4' SAH J . -5.03 26.92 14.74
C3' SAH J . -3.52 26.23 16.38
O3' SAH J . -2.64 26.90 17.26
C2' SAH J . -4.92 26.20 16.95
O2' SAH J . -4.95 26.85 18.20
C1' SAH J . -5.76 26.97 15.95
N9 SAH J . -7.11 26.40 15.81
C8 SAH J . -7.49 25.12 16.14
N7 SAH J . -8.82 25.01 15.88
C5 SAH J . -9.28 26.18 15.41
C6 SAH J . -10.54 26.60 14.99
N6 SAH J . -11.57 25.76 15.02
N1 SAH J . -10.71 27.89 14.53
C2 SAH J . -9.64 28.76 14.49
N3 SAH J . -8.39 28.34 14.90
C4 SAH J . -8.22 27.07 15.36
ZN ZN K . 6.47 -5.78 30.40
ZN ZN L . 1.87 18.13 -31.25
#